data_8CHO
# 
_entry.id   8CHO 
# 
_audit_conform.dict_name       mmcif_pdbx.dic 
_audit_conform.dict_version    5.386 
_audit_conform.dict_location   http://mmcif.pdb.org/dictionaries/ascii/mmcif_pdbx.dic 
# 
loop_
_database_2.database_id 
_database_2.database_code 
_database_2.pdbx_database_accession 
_database_2.pdbx_DOI 
PDB   8CHO         pdb_00008cho 10.2210/pdb8cho/pdb 
WWPDB D_1000179966 ?            ?                   
# 
loop_
_pdbx_audit_revision_history.ordinal 
_pdbx_audit_revision_history.data_content_type 
_pdbx_audit_revision_history.major_revision 
_pdbx_audit_revision_history.minor_revision 
_pdbx_audit_revision_history.revision_date 
1 'Structure model' 1 0 1999-02-02 
2 'Structure model' 1 1 2008-03-25 
3 'Structure model' 1 2 2011-07-13 
4 'Structure model' 1 3 2024-02-14 
# 
_pdbx_audit_revision_details.ordinal             1 
_pdbx_audit_revision_details.revision_ordinal    1 
_pdbx_audit_revision_details.data_content_type   'Structure model' 
_pdbx_audit_revision_details.provider            repository 
_pdbx_audit_revision_details.type                'Initial release' 
_pdbx_audit_revision_details.description         ? 
_pdbx_audit_revision_details.details             ? 
# 
loop_
_pdbx_audit_revision_group.ordinal 
_pdbx_audit_revision_group.revision_ordinal 
_pdbx_audit_revision_group.data_content_type 
_pdbx_audit_revision_group.group 
1 2 'Structure model' 'Version format compliance' 
2 3 'Structure model' 'Version format compliance' 
3 4 'Structure model' 'Data collection'           
4 4 'Structure model' 'Database references'       
5 4 'Structure model' 'Derived calculations'      
6 4 'Structure model' Other                       
# 
loop_
_pdbx_audit_revision_category.ordinal 
_pdbx_audit_revision_category.revision_ordinal 
_pdbx_audit_revision_category.data_content_type 
_pdbx_audit_revision_category.category 
1 4 'Structure model' chem_comp_atom       
2 4 'Structure model' chem_comp_bond       
3 4 'Structure model' database_2           
4 4 'Structure model' pdbx_database_status 
5 4 'Structure model' struct_ref_seq_dif   
6 4 'Structure model' struct_site          
# 
loop_
_pdbx_audit_revision_item.ordinal 
_pdbx_audit_revision_item.revision_ordinal 
_pdbx_audit_revision_item.data_content_type 
_pdbx_audit_revision_item.item 
1 4 'Structure model' '_database_2.pdbx_DOI'                
2 4 'Structure model' '_database_2.pdbx_database_accession' 
3 4 'Structure model' '_pdbx_database_status.process_site'  
4 4 'Structure model' '_struct_ref_seq_dif.details'         
5 4 'Structure model' '_struct_site.pdbx_auth_asym_id'      
6 4 'Structure model' '_struct_site.pdbx_auth_comp_id'      
7 4 'Structure model' '_struct_site.pdbx_auth_seq_id'       
# 
_pdbx_database_status.status_code                     REL 
_pdbx_database_status.entry_id                        8CHO 
_pdbx_database_status.recvd_initial_deposition_date   1998-01-06 
_pdbx_database_status.deposit_site                    ? 
_pdbx_database_status.process_site                    BNL 
_pdbx_database_status.status_code_sf                  REL 
_pdbx_database_status.status_code_mr                  ? 
_pdbx_database_status.SG_entry                        ? 
_pdbx_database_status.pdb_format_compatible           Y 
_pdbx_database_status.status_code_cs                  ? 
_pdbx_database_status.status_code_nmr_data            ? 
_pdbx_database_status.methods_development_category    ? 
# 
loop_
_audit_author.name 
_audit_author.pdbx_ordinal 
'Cho, H.-S.' 1 
'Oh, B.-H.'  2 
# 
loop_
_citation.id 
_citation.title 
_citation.journal_abbrev 
_citation.journal_volume 
_citation.page_first 
_citation.page_last 
_citation.year 
_citation.journal_id_ASTM 
_citation.country 
_citation.journal_id_ISSN 
_citation.journal_id_CSD 
_citation.book_publisher 
_citation.pdbx_database_id_PubMed 
_citation.pdbx_database_id_DOI 
primary 'Crystal structure and enzyme mechanism of Delta 5-3-ketosteroid isomerase from Pseudomonas testosteroni.' Biochemistry 37 
8325 8330 1998 BICHAW US 0006-2960 0033 ? 9622484 10.1021/bi9801614 
1       
'Erratum. High-Resolution Crystal Structures of Delta5-3-Ketosteroid Isomerase with and without a Reaction Intermediate Analogue' 
Biochemistry 37 6614 ?    1998 BICHAW US 0006-2960 0033 ? ?       ?                 
# 
loop_
_citation_author.citation_id 
_citation_author.name 
_citation_author.ordinal 
_citation_author.identifier_ORCID 
primary 'Cho, H.S.'  1  ? 
primary 'Choi, G.'   2  ? 
primary 'Choi, K.Y.' 3  ? 
primary 'Oh, B.H.'   4  ? 
1       'Kim, S.W.'  5  ? 
1       'Cha, S.S.'  6  ? 
1       'Cho, H.S.'  7  ? 
1       'Kim, J.S.'  8  ? 
1       'Ha, N.C.'   9  ? 
1       'Cho, M.J.'  10 ? 
1       'Joo, S.'    11 ? 
1       'Kim, K.K.'  12 ? 
1       'Choi, K.Y.' 13 ? 
1       'Oh, B.H.'   14 ? 
# 
loop_
_entity.id 
_entity.type 
_entity.src_method 
_entity.pdbx_description 
_entity.formula_weight 
_entity.pdbx_number_of_molecules 
_entity.pdbx_ec 
_entity.pdbx_mutation 
_entity.pdbx_fragment 
_entity.details 
1 polymer     nat 'STEROID DELTA-ISOMERASE'             13424.155 1  5.3.3.1 ? ? ? 
2 non-polymer syn 'O-ACETALDEHYDYL-HEXAETHYLENE GLYCOL' 324.367   1  ?       ? ? ? 
3 water       nat water                                 18.015    24 ?       ? ? ? 
# 
_entity_poly.entity_id                      1 
_entity_poly.type                           'polypeptide(L)' 
_entity_poly.nstd_linkage                   no 
_entity_poly.nstd_monomer                   no 
_entity_poly.pdbx_seq_one_letter_code       
;MNTPEHMTAVVQRYVAALNAGDLDGIVALFADDATVEDPVGSEPRSGTAAIREFYANSLKLPLAVELTQEVRAVANEAAF
AFIVSFEYQGRKTVVAPIDHFRFNGAGKVVSMRALFGEKNIHAGA
;
_entity_poly.pdbx_seq_one_letter_code_can   
;MNTPEHMTAVVQRYVAALNAGDLDGIVALFADDATVEDPVGSEPRSGTAAIREFYANSLKLPLAVELTQEVRAVANEAAF
AFIVSFEYQGRKTVVAPIDHFRFNGAGKVVSMRALFGEKNIHAGA
;
_entity_poly.pdbx_strand_id                 A 
_entity_poly.pdbx_target_identifier         ? 
# 
loop_
_pdbx_entity_nonpoly.entity_id 
_pdbx_entity_nonpoly.name 
_pdbx_entity_nonpoly.comp_id 
2 'O-ACETALDEHYDYL-HEXAETHYLENE GLYCOL' P4C 
3 water                                 HOH 
# 
loop_
_entity_poly_seq.entity_id 
_entity_poly_seq.num 
_entity_poly_seq.mon_id 
_entity_poly_seq.hetero 
1 1   MET n 
1 2   ASN n 
1 3   THR n 
1 4   PRO n 
1 5   GLU n 
1 6   HIS n 
1 7   MET n 
1 8   THR n 
1 9   ALA n 
1 10  VAL n 
1 11  VAL n 
1 12  GLN n 
1 13  ARG n 
1 14  TYR n 
1 15  VAL n 
1 16  ALA n 
1 17  ALA n 
1 18  LEU n 
1 19  ASN n 
1 20  ALA n 
1 21  GLY n 
1 22  ASP n 
1 23  LEU n 
1 24  ASP n 
1 25  GLY n 
1 26  ILE n 
1 27  VAL n 
1 28  ALA n 
1 29  LEU n 
1 30  PHE n 
1 31  ALA n 
1 32  ASP n 
1 33  ASP n 
1 34  ALA n 
1 35  THR n 
1 36  VAL n 
1 37  GLU n 
1 38  ASP n 
1 39  PRO n 
1 40  VAL n 
1 41  GLY n 
1 42  SER n 
1 43  GLU n 
1 44  PRO n 
1 45  ARG n 
1 46  SER n 
1 47  GLY n 
1 48  THR n 
1 49  ALA n 
1 50  ALA n 
1 51  ILE n 
1 52  ARG n 
1 53  GLU n 
1 54  PHE n 
1 55  TYR n 
1 56  ALA n 
1 57  ASN n 
1 58  SER n 
1 59  LEU n 
1 60  LYS n 
1 61  LEU n 
1 62  PRO n 
1 63  LEU n 
1 64  ALA n 
1 65  VAL n 
1 66  GLU n 
1 67  LEU n 
1 68  THR n 
1 69  GLN n 
1 70  GLU n 
1 71  VAL n 
1 72  ARG n 
1 73  ALA n 
1 74  VAL n 
1 75  ALA n 
1 76  ASN n 
1 77  GLU n 
1 78  ALA n 
1 79  ALA n 
1 80  PHE n 
1 81  ALA n 
1 82  PHE n 
1 83  ILE n 
1 84  VAL n 
1 85  SER n 
1 86  PHE n 
1 87  GLU n 
1 88  TYR n 
1 89  GLN n 
1 90  GLY n 
1 91  ARG n 
1 92  LYS n 
1 93  THR n 
1 94  VAL n 
1 95  VAL n 
1 96  ALA n 
1 97  PRO n 
1 98  ILE n 
1 99  ASP n 
1 100 HIS n 
1 101 PHE n 
1 102 ARG n 
1 103 PHE n 
1 104 ASN n 
1 105 GLY n 
1 106 ALA n 
1 107 GLY n 
1 108 LYS n 
1 109 VAL n 
1 110 VAL n 
1 111 SER n 
1 112 MET n 
1 113 ARG n 
1 114 ALA n 
1 115 LEU n 
1 116 PHE n 
1 117 GLY n 
1 118 GLU n 
1 119 LYS n 
1 120 ASN n 
1 121 ILE n 
1 122 HIS n 
1 123 ALA n 
1 124 GLY n 
1 125 ALA n 
# 
_entity_src_nat.entity_id                  1 
_entity_src_nat.pdbx_src_id                1 
_entity_src_nat.pdbx_alt_source_flag       sample 
_entity_src_nat.pdbx_beg_seq_num           ? 
_entity_src_nat.pdbx_end_seq_num           ? 
_entity_src_nat.common_name                ? 
_entity_src_nat.pdbx_organism_scientific   'Comamonas testosteroni' 
_entity_src_nat.pdbx_ncbi_taxonomy_id      285 
_entity_src_nat.genus                      Comamonas 
_entity_src_nat.species                    ? 
_entity_src_nat.strain                     ? 
_entity_src_nat.tissue                     ? 
_entity_src_nat.tissue_fraction            ? 
_entity_src_nat.pdbx_secretion             ? 
_entity_src_nat.pdbx_fragment              ? 
_entity_src_nat.pdbx_variant               ? 
_entity_src_nat.pdbx_cell_line             ? 
_entity_src_nat.pdbx_atcc                  ? 
_entity_src_nat.pdbx_cellular_location     ? 
_entity_src_nat.pdbx_organ                 ? 
_entity_src_nat.pdbx_organelle             ? 
_entity_src_nat.pdbx_cell                  ? 
_entity_src_nat.pdbx_plasmid_name          ? 
_entity_src_nat.pdbx_plasmid_details       ? 
_entity_src_nat.details                    ? 
# 
loop_
_chem_comp.id 
_chem_comp.type 
_chem_comp.mon_nstd_flag 
_chem_comp.name 
_chem_comp.pdbx_synonyms 
_chem_comp.formula 
_chem_comp.formula_weight 
ALA 'L-peptide linking' y ALANINE                               ?                  'C3 H7 N O2'     89.093  
ARG 'L-peptide linking' y ARGININE                              ?                  'C6 H15 N4 O2 1' 175.209 
ASN 'L-peptide linking' y ASPARAGINE                            ?                  'C4 H8 N2 O3'    132.118 
ASP 'L-peptide linking' y 'ASPARTIC ACID'                       ?                  'C4 H7 N O4'     133.103 
GLN 'L-peptide linking' y GLUTAMINE                             ?                  'C5 H10 N2 O3'   146.144 
GLU 'L-peptide linking' y 'GLUTAMIC ACID'                       ?                  'C5 H9 N O4'     147.129 
GLY 'peptide linking'   y GLYCINE                               ?                  'C2 H5 N O2'     75.067  
HIS 'L-peptide linking' y HISTIDINE                             ?                  'C6 H10 N3 O2 1' 156.162 
HOH non-polymer         . WATER                                 ?                  'H2 O'           18.015  
ILE 'L-peptide linking' y ISOLEUCINE                            ?                  'C6 H13 N O2'    131.173 
LEU 'L-peptide linking' y LEUCINE                               ?                  'C6 H13 N O2'    131.173 
LYS 'L-peptide linking' y LYSINE                                ?                  'C6 H15 N2 O2 1' 147.195 
MET 'L-peptide linking' y METHIONINE                            ?                  'C5 H11 N O2 S'  149.211 
P4C non-polymer         . 'O-ACETALDEHYDYL-HEXAETHYLENE GLYCOL' 'POLYETHYLENE 400' 'C14 H28 O8'     324.367 
PHE 'L-peptide linking' y PHENYLALANINE                         ?                  'C9 H11 N O2'    165.189 
PRO 'L-peptide linking' y PROLINE                               ?                  'C5 H9 N O2'     115.130 
SER 'L-peptide linking' y SERINE                                ?                  'C3 H7 N O3'     105.093 
THR 'L-peptide linking' y THREONINE                             ?                  'C4 H9 N O3'     119.119 
TYR 'L-peptide linking' y TYROSINE                              ?                  'C9 H11 N O3'    181.189 
VAL 'L-peptide linking' y VALINE                                ?                  'C5 H11 N O2'    117.146 
# 
loop_
_pdbx_poly_seq_scheme.asym_id 
_pdbx_poly_seq_scheme.entity_id 
_pdbx_poly_seq_scheme.seq_id 
_pdbx_poly_seq_scheme.mon_id 
_pdbx_poly_seq_scheme.ndb_seq_num 
_pdbx_poly_seq_scheme.pdb_seq_num 
_pdbx_poly_seq_scheme.auth_seq_num 
_pdbx_poly_seq_scheme.pdb_mon_id 
_pdbx_poly_seq_scheme.auth_mon_id 
_pdbx_poly_seq_scheme.pdb_strand_id 
_pdbx_poly_seq_scheme.pdb_ins_code 
_pdbx_poly_seq_scheme.hetero 
A 1 1   MET 1   1   1   MET MET A . n 
A 1 2   ASN 2   2   2   ASN ASN A . n 
A 1 3   THR 3   3   3   THR THR A . n 
A 1 4   PRO 4   4   4   PRO PRO A . n 
A 1 5   GLU 5   5   5   GLU GLU A . n 
A 1 6   HIS 6   6   6   HIS HIS A . n 
A 1 7   MET 7   7   7   MET MET A . n 
A 1 8   THR 8   8   8   THR THR A . n 
A 1 9   ALA 9   9   9   ALA ALA A . n 
A 1 10  VAL 10  10  10  VAL VAL A . n 
A 1 11  VAL 11  11  11  VAL VAL A . n 
A 1 12  GLN 12  12  12  GLN GLN A . n 
A 1 13  ARG 13  13  13  ARG ARG A . n 
A 1 14  TYR 14  14  14  TYR TYR A . n 
A 1 15  VAL 15  15  15  VAL VAL A . n 
A 1 16  ALA 16  16  16  ALA ALA A . n 
A 1 17  ALA 17  17  17  ALA ALA A . n 
A 1 18  LEU 18  18  18  LEU LEU A . n 
A 1 19  ASN 19  19  19  ASN ASN A . n 
A 1 20  ALA 20  20  20  ALA ALA A . n 
A 1 21  GLY 21  21  21  GLY GLY A . n 
A 1 22  ASP 22  22  22  ASP ASP A . n 
A 1 23  LEU 23  23  23  LEU LEU A . n 
A 1 24  ASP 24  24  24  ASP ASP A . n 
A 1 25  GLY 25  25  25  GLY GLY A . n 
A 1 26  ILE 26  26  26  ILE ILE A . n 
A 1 27  VAL 27  27  27  VAL VAL A . n 
A 1 28  ALA 28  28  28  ALA ALA A . n 
A 1 29  LEU 29  29  29  LEU LEU A . n 
A 1 30  PHE 30  30  30  PHE PHE A . n 
A 1 31  ALA 31  31  31  ALA ALA A . n 
A 1 32  ASP 32  32  32  ASP ASP A . n 
A 1 33  ASP 33  33  33  ASP ASP A . n 
A 1 34  ALA 34  34  34  ALA ALA A . n 
A 1 35  THR 35  35  35  THR THR A . n 
A 1 36  VAL 36  36  36  VAL VAL A . n 
A 1 37  GLU 37  37  37  GLU GLU A . n 
A 1 38  ASP 38  38  38  ASP ASP A . n 
A 1 39  PRO 39  39  39  PRO PRO A . n 
A 1 40  VAL 40  40  40  VAL VAL A . n 
A 1 41  GLY 41  41  41  GLY GLY A . n 
A 1 42  SER 42  42  42  SER SER A . n 
A 1 43  GLU 43  43  43  GLU GLU A . n 
A 1 44  PRO 44  44  44  PRO PRO A . n 
A 1 45  ARG 45  45  45  ARG ARG A . n 
A 1 46  SER 46  46  46  SER SER A . n 
A 1 47  GLY 47  47  47  GLY GLY A . n 
A 1 48  THR 48  48  48  THR THR A . n 
A 1 49  ALA 49  49  49  ALA ALA A . n 
A 1 50  ALA 50  50  50  ALA ALA A . n 
A 1 51  ILE 51  51  51  ILE ILE A . n 
A 1 52  ARG 52  52  52  ARG ARG A . n 
A 1 53  GLU 53  53  53  GLU GLU A . n 
A 1 54  PHE 54  54  54  PHE PHE A . n 
A 1 55  TYR 55  55  55  TYR TYR A . n 
A 1 56  ALA 56  56  56  ALA ALA A . n 
A 1 57  ASN 57  57  57  ASN ASN A . n 
A 1 58  SER 58  58  58  SER SER A . n 
A 1 59  LEU 59  59  59  LEU LEU A . n 
A 1 60  LYS 60  60  60  LYS LYS A . n 
A 1 61  LEU 61  61  61  LEU LEU A . n 
A 1 62  PRO 62  62  62  PRO PRO A . n 
A 1 63  LEU 63  63  63  LEU LEU A . n 
A 1 64  ALA 64  64  64  ALA ALA A . n 
A 1 65  VAL 65  65  65  VAL VAL A . n 
A 1 66  GLU 66  66  66  GLU GLU A . n 
A 1 67  LEU 67  67  67  LEU LEU A . n 
A 1 68  THR 68  68  68  THR THR A . n 
A 1 69  GLN 69  69  69  GLN GLN A . n 
A 1 70  GLU 70  70  70  GLU GLU A . n 
A 1 71  VAL 71  71  71  VAL VAL A . n 
A 1 72  ARG 72  72  72  ARG ARG A . n 
A 1 73  ALA 73  73  73  ALA ALA A . n 
A 1 74  VAL 74  74  74  VAL VAL A . n 
A 1 75  ALA 75  75  75  ALA ALA A . n 
A 1 76  ASN 76  76  76  ASN ASN A . n 
A 1 77  GLU 77  77  77  GLU GLU A . n 
A 1 78  ALA 78  78  78  ALA ALA A . n 
A 1 79  ALA 79  79  79  ALA ALA A . n 
A 1 80  PHE 80  80  80  PHE PHE A . n 
A 1 81  ALA 81  81  81  ALA ALA A . n 
A 1 82  PHE 82  82  82  PHE PHE A . n 
A 1 83  ILE 83  83  83  ILE ILE A . n 
A 1 84  VAL 84  84  84  VAL VAL A . n 
A 1 85  SER 85  85  85  SER SER A . n 
A 1 86  PHE 86  86  86  PHE PHE A . n 
A 1 87  GLU 87  87  87  GLU GLU A . n 
A 1 88  TYR 88  88  88  TYR TYR A . n 
A 1 89  GLN 89  89  89  GLN GLN A . n 
A 1 90  GLY 90  90  90  GLY GLY A . n 
A 1 91  ARG 91  91  91  ARG ARG A . n 
A 1 92  LYS 92  92  92  LYS LYS A . n 
A 1 93  THR 93  93  93  THR THR A . n 
A 1 94  VAL 94  94  94  VAL VAL A . n 
A 1 95  VAL 95  95  95  VAL VAL A . n 
A 1 96  ALA 96  96  96  ALA ALA A . n 
A 1 97  PRO 97  97  97  PRO PRO A . n 
A 1 98  ILE 98  98  98  ILE ILE A . n 
A 1 99  ASP 99  99  99  ASP ASP A . n 
A 1 100 HIS 100 100 100 HIS HIS A . n 
A 1 101 PHE 101 101 101 PHE PHE A . n 
A 1 102 ARG 102 102 102 ARG ARG A . n 
A 1 103 PHE 103 103 103 PHE PHE A . n 
A 1 104 ASN 104 104 104 ASN ASN A . n 
A 1 105 GLY 105 105 105 GLY GLY A . n 
A 1 106 ALA 106 106 106 ALA ALA A . n 
A 1 107 GLY 107 107 107 GLY GLY A . n 
A 1 108 LYS 108 108 108 LYS LYS A . n 
A 1 109 VAL 109 109 109 VAL VAL A . n 
A 1 110 VAL 110 110 110 VAL VAL A . n 
A 1 111 SER 111 111 111 SER SER A . n 
A 1 112 MET 112 112 112 MET MET A . n 
A 1 113 ARG 113 113 113 ARG ARG A . n 
A 1 114 ALA 114 114 114 ALA ALA A . n 
A 1 115 LEU 115 115 115 LEU LEU A . n 
A 1 116 PHE 116 116 116 PHE PHE A . n 
A 1 117 GLY 117 117 117 GLY GLY A . n 
A 1 118 GLU 118 118 118 GLU GLU A . n 
A 1 119 LYS 119 119 119 LYS LYS A . n 
A 1 120 ASN 120 120 120 ASN ASN A . n 
A 1 121 ILE 121 121 121 ILE ILE A . n 
A 1 122 HIS 122 122 122 HIS HIS A . n 
A 1 123 ALA 123 123 123 ALA ALA A . n 
A 1 124 GLY 124 124 124 GLY GLY A . n 
A 1 125 ALA 125 125 125 ALA ALA A . n 
# 
loop_
_pdbx_nonpoly_scheme.asym_id 
_pdbx_nonpoly_scheme.entity_id 
_pdbx_nonpoly_scheme.mon_id 
_pdbx_nonpoly_scheme.ndb_seq_num 
_pdbx_nonpoly_scheme.pdb_seq_num 
_pdbx_nonpoly_scheme.auth_seq_num 
_pdbx_nonpoly_scheme.pdb_mon_id 
_pdbx_nonpoly_scheme.auth_mon_id 
_pdbx_nonpoly_scheme.pdb_strand_id 
_pdbx_nonpoly_scheme.pdb_ins_code 
B 2 P4C 1  301 301 P4C P4C A . 
C 3 HOH 1  201 201 HOH HOH A . 
C 3 HOH 2  202 202 HOH HOH A . 
C 3 HOH 3  203 203 HOH HOH A . 
C 3 HOH 4  204 204 HOH HOH A . 
C 3 HOH 5  205 205 HOH HOH A . 
C 3 HOH 6  206 206 HOH HOH A . 
C 3 HOH 7  207 207 HOH HOH A . 
C 3 HOH 8  208 208 HOH HOH A . 
C 3 HOH 9  209 209 HOH HOH A . 
C 3 HOH 10 210 210 HOH HOH A . 
C 3 HOH 11 211 211 HOH HOH A . 
C 3 HOH 12 212 212 HOH HOH A . 
C 3 HOH 13 213 213 HOH HOH A . 
C 3 HOH 14 214 214 HOH HOH A . 
C 3 HOH 15 215 215 HOH HOH A . 
C 3 HOH 16 216 216 HOH HOH A . 
C 3 HOH 17 217 217 HOH HOH A . 
C 3 HOH 18 218 218 HOH HOH A . 
C 3 HOH 19 219 219 HOH HOH A . 
C 3 HOH 20 220 220 HOH HOH A . 
C 3 HOH 21 221 221 HOH HOH A . 
C 3 HOH 22 222 222 HOH HOH A . 
C 3 HOH 23 223 223 HOH HOH A . 
C 3 HOH 24 224 224 HOH HOH A . 
# 
loop_
_software.name 
_software.classification 
_software.version 
_software.citation_id 
_software.pdbx_ordinal 
X-PLOR 'model building' 3.0 ? 1 
X-PLOR refinement       3.2 ? 2 
X-PLOR phasing          3.0 ? 3 
# 
_cell.entry_id           8CHO 
_cell.length_a           61.680 
_cell.length_b           61.680 
_cell.length_c           143.600 
_cell.angle_alpha        90.00 
_cell.angle_beta         90.00 
_cell.angle_gamma        120.00 
_cell.Z_PDB              12 
_cell.pdbx_unique_axis   ? 
# 
_symmetry.entry_id                         8CHO 
_symmetry.space_group_name_H-M             'P 65 2 2' 
_symmetry.pdbx_full_space_group_name_H-M   ? 
_symmetry.cell_setting                     ? 
_symmetry.Int_Tables_number                179 
# 
_exptl.entry_id          8CHO 
_exptl.method            'X-RAY DIFFRACTION' 
_exptl.crystals_number   ? 
# 
_exptl_crystal.id                    1 
_exptl_crystal.density_meas          ? 
_exptl_crystal.density_Matthews      2.95 
_exptl_crystal.density_percent_sol   58.0 
_exptl_crystal.description           ? 
# 
_diffrn.id                     1 
_diffrn.ambient_temp           ? 
_diffrn.ambient_temp_details   ? 
_diffrn.crystal_id             1 
# 
_diffrn_radiation.diffrn_id                        1 
_diffrn_radiation.wavelength_id                    1 
_diffrn_radiation.pdbx_monochromatic_or_laue_m_l   M 
_diffrn_radiation.monochromator                    ? 
_diffrn_radiation.pdbx_diffrn_protocol             ? 
_diffrn_radiation.pdbx_scattering_type             x-ray 
# 
_diffrn_radiation_wavelength.id           1 
_diffrn_radiation_wavelength.wavelength   . 
_diffrn_radiation_wavelength.wt           1.0 
# 
_diffrn_source.diffrn_id                   1 
_diffrn_source.source                      ? 
_diffrn_source.type                        ? 
_diffrn_source.pdbx_synchrotron_site       ? 
_diffrn_source.pdbx_synchrotron_beamline   ? 
_diffrn_source.pdbx_wavelength             ? 
_diffrn_source.pdbx_wavelength_list        ? 
# 
_refine.entry_id                                 8CHO 
_refine.ls_number_reflns_obs                     7337 
_refine.ls_number_reflns_all                     ? 
_refine.pdbx_ls_sigma_I                          ? 
_refine.pdbx_ls_sigma_F                          1 
_refine.pdbx_data_cutoff_high_absF               1000000 
_refine.pdbx_data_cutoff_low_absF                0.001 
_refine.pdbx_data_cutoff_high_rms_absF           ? 
_refine.ls_d_res_low                             10 
_refine.ls_d_res_high                            2.3 
_refine.ls_percent_reflns_obs                    95 
_refine.ls_R_factor_obs                          0.2050000 
_refine.ls_R_factor_all                          ? 
_refine.ls_R_factor_R_work                       0.2050000 
_refine.ls_R_factor_R_free                       0.2710000 
_refine.ls_R_factor_R_free_error                 ? 
_refine.ls_R_factor_R_free_error_details         ? 
_refine.ls_percent_reflns_R_free                 5 
_refine.ls_number_reflns_R_free                  366 
_refine.ls_number_parameters                     ? 
_refine.ls_number_restraints                     ? 
_refine.occupancy_min                            ? 
_refine.occupancy_max                            ? 
_refine.B_iso_mean                               ? 
_refine.aniso_B[1][1]                            ? 
_refine.aniso_B[2][2]                            ? 
_refine.aniso_B[3][3]                            ? 
_refine.aniso_B[1][2]                            ? 
_refine.aniso_B[1][3]                            ? 
_refine.aniso_B[2][3]                            ? 
_refine.solvent_model_details                    ? 
_refine.solvent_model_param_ksol                 ? 
_refine.solvent_model_param_bsol                 ? 
_refine.pdbx_ls_cross_valid_method               THROUGHOUT 
_refine.details                                  ? 
_refine.pdbx_starting_model                      ? 
_refine.pdbx_method_to_determine_struct          ? 
_refine.pdbx_isotropic_thermal_model             ? 
_refine.pdbx_stereochemistry_target_values       ? 
_refine.pdbx_stereochem_target_val_spec_case     ? 
_refine.pdbx_R_Free_selection_details            RANDOM 
_refine.pdbx_overall_ESU_R                       ? 
_refine.pdbx_overall_ESU_R_Free                  ? 
_refine.overall_SU_ML                            ? 
_refine.overall_SU_B                             ? 
_refine.pdbx_refine_id                           'X-RAY DIFFRACTION' 
_refine.pdbx_diffrn_id                           1 
_refine.pdbx_TLS_residual_ADP_flag               ? 
_refine.correlation_coeff_Fo_to_Fc               ? 
_refine.correlation_coeff_Fo_to_Fc_free          ? 
_refine.pdbx_solvent_vdw_probe_radii             ? 
_refine.pdbx_solvent_ion_probe_radii             ? 
_refine.pdbx_solvent_shrinkage_radii             ? 
_refine.pdbx_overall_phase_error                 ? 
_refine.overall_SU_R_Cruickshank_DPI             ? 
_refine.pdbx_overall_SU_R_free_Cruickshank_DPI   ? 
_refine.pdbx_overall_SU_R_Blow_DPI               ? 
_refine.pdbx_overall_SU_R_free_Blow_DPI          ? 
# 
_refine_hist.pdbx_refine_id                   'X-RAY DIFFRACTION' 
_refine_hist.cycle_id                         LAST 
_refine_hist.pdbx_number_atoms_protein        1151 
_refine_hist.pdbx_number_atoms_nucleic_acid   0 
_refine_hist.pdbx_number_atoms_ligand         22 
_refine_hist.number_atoms_solvent             24 
_refine_hist.number_atoms_total               1197 
_refine_hist.d_res_high                       2.3 
_refine_hist.d_res_low                        10 
# 
_struct.entry_id                  8CHO 
_struct.title                     'CRYSTAL STRUCTURE OF DELTA5-3-KETOSTEROID ISOMERASE FROM PSEUDOMONAS TESTOSTERONI' 
_struct.pdbx_model_details        ? 
_struct.pdbx_CASP_flag            ? 
_struct.pdbx_model_type_details   ? 
# 
_struct_keywords.entry_id        8CHO 
_struct_keywords.pdbx_keywords   ISOMERASE 
_struct_keywords.text            'ISOMERASE, STEROID ISOMERATION' 
# 
loop_
_struct_asym.id 
_struct_asym.pdbx_blank_PDB_chainid_flag 
_struct_asym.pdbx_modified 
_struct_asym.entity_id 
_struct_asym.details 
A N N 1 ? 
B N N 2 ? 
C N N 3 ? 
# 
_struct_ref.id                         1 
_struct_ref.db_name                    UNP 
_struct_ref.db_code                    SDIS_COMTE 
_struct_ref.entity_id                  1 
_struct_ref.pdbx_db_accession          P00947 
_struct_ref.pdbx_align_begin           1 
_struct_ref.pdbx_seq_one_letter_code   
;MNTPEHMTAVVQRYVAALNAGDLDGIVALFADDATVEDPVGSEPRSGTAAIREFYANSLKLPLAVELTQEVRAVANEAAF
AFTVSFEYQGRKTVVAPIDHFRFNGAGKVVSMRALFGEKNIHAGA
;
_struct_ref.pdbx_db_isoform            ? 
# 
_struct_ref_seq.align_id                      1 
_struct_ref_seq.ref_id                        1 
_struct_ref_seq.pdbx_PDB_id_code              8CHO 
_struct_ref_seq.pdbx_strand_id                A 
_struct_ref_seq.seq_align_beg                 1 
_struct_ref_seq.pdbx_seq_align_beg_ins_code   ? 
_struct_ref_seq.seq_align_end                 125 
_struct_ref_seq.pdbx_seq_align_end_ins_code   ? 
_struct_ref_seq.pdbx_db_accession             P00947 
_struct_ref_seq.db_align_beg                  1 
_struct_ref_seq.pdbx_db_align_beg_ins_code    ? 
_struct_ref_seq.db_align_end                  125 
_struct_ref_seq.pdbx_db_align_end_ins_code    ? 
_struct_ref_seq.pdbx_auth_seq_align_beg       1 
_struct_ref_seq.pdbx_auth_seq_align_end       125 
# 
_struct_ref_seq_dif.align_id                     1 
_struct_ref_seq_dif.pdbx_pdb_id_code             8CHO 
_struct_ref_seq_dif.mon_id                       ILE 
_struct_ref_seq_dif.pdbx_pdb_strand_id           A 
_struct_ref_seq_dif.seq_num                      83 
_struct_ref_seq_dif.pdbx_pdb_ins_code            ? 
_struct_ref_seq_dif.pdbx_seq_db_name             UNP 
_struct_ref_seq_dif.pdbx_seq_db_accession_code   P00947 
_struct_ref_seq_dif.db_mon_id                    THR 
_struct_ref_seq_dif.pdbx_seq_db_seq_num          83 
_struct_ref_seq_dif.details                      conflict 
_struct_ref_seq_dif.pdbx_auth_seq_num            83 
_struct_ref_seq_dif.pdbx_ordinal                 1 
# 
_pdbx_struct_assembly.id                   1 
_pdbx_struct_assembly.details              author_defined_assembly 
_pdbx_struct_assembly.method_details       ? 
_pdbx_struct_assembly.oligomeric_details   dimeric 
_pdbx_struct_assembly.oligomeric_count     2 
# 
_pdbx_struct_assembly_gen.assembly_id       1 
_pdbx_struct_assembly_gen.oper_expression   1,2 
_pdbx_struct_assembly_gen.asym_id_list      A,B,C 
# 
loop_
_pdbx_struct_oper_list.id 
_pdbx_struct_oper_list.type 
_pdbx_struct_oper_list.name 
_pdbx_struct_oper_list.symmetry_operation 
_pdbx_struct_oper_list.matrix[1][1] 
_pdbx_struct_oper_list.matrix[1][2] 
_pdbx_struct_oper_list.matrix[1][3] 
_pdbx_struct_oper_list.vector[1] 
_pdbx_struct_oper_list.matrix[2][1] 
_pdbx_struct_oper_list.matrix[2][2] 
_pdbx_struct_oper_list.matrix[2][3] 
_pdbx_struct_oper_list.vector[2] 
_pdbx_struct_oper_list.matrix[3][1] 
_pdbx_struct_oper_list.matrix[3][2] 
_pdbx_struct_oper_list.matrix[3][3] 
_pdbx_struct_oper_list.vector[3] 
1 'identity operation'         1_555 x,y,z              1.0000000000  0.0000000000 0.0000000000 0.0000000000   0.0000000000 1.0000000000  0.0000000000 0.0000000000  0.0000000000 0.0000000000 1.0000000000 0.0000000000  
2 'crystal symmetry operation' 9_765 -x+2,-x+y+1,-z+1/3 -0.5948500558 0.1310277824 0.7930858285 -21.2548766275 0.1310277824 -0.9576248744 0.2564884405 -2.5789414025 0.7930858285 0.2564884405 0.5524749303 11.2841822800 
# 
_struct_biol.id   1 
# 
loop_
_struct_conf.conf_type_id 
_struct_conf.id 
_struct_conf.pdbx_PDB_helix_id 
_struct_conf.beg_label_comp_id 
_struct_conf.beg_label_asym_id 
_struct_conf.beg_label_seq_id 
_struct_conf.pdbx_beg_PDB_ins_code 
_struct_conf.end_label_comp_id 
_struct_conf.end_label_asym_id 
_struct_conf.end_label_seq_id 
_struct_conf.pdbx_end_PDB_ins_code 
_struct_conf.beg_auth_comp_id 
_struct_conf.beg_auth_asym_id 
_struct_conf.beg_auth_seq_id 
_struct_conf.end_auth_comp_id 
_struct_conf.end_auth_asym_id 
_struct_conf.end_auth_seq_id 
_struct_conf.pdbx_PDB_helix_class 
_struct_conf.details 
_struct_conf.pdbx_PDB_helix_length 
HELX_P HELX_P1 1 PRO A 4   ? ALA A 20  ? PRO A 4   ALA A 20  1 ? 17 
HELX_P HELX_P2 2 LEU A 23  ? LEU A 29  ? LEU A 23  LEU A 29  1 ? 7  
HELX_P HELX_P3 3 THR A 48  ? LYS A 60  ? THR A 48  LYS A 60  1 ? 13 
HELX_P HELX_P4 4 GLU A 118 ? ASN A 120 ? GLU A 118 ASN A 120 5 ? 3  
# 
_struct_conf_type.id          HELX_P 
_struct_conf_type.criteria    ? 
_struct_conf_type.reference   ? 
# 
_struct_mon_prot_cis.pdbx_id                1 
_struct_mon_prot_cis.label_comp_id          ASP 
_struct_mon_prot_cis.label_seq_id           38 
_struct_mon_prot_cis.label_asym_id          A 
_struct_mon_prot_cis.label_alt_id           . 
_struct_mon_prot_cis.pdbx_PDB_ins_code      ? 
_struct_mon_prot_cis.auth_comp_id           ASP 
_struct_mon_prot_cis.auth_seq_id            38 
_struct_mon_prot_cis.auth_asym_id           A 
_struct_mon_prot_cis.pdbx_label_comp_id_2   PRO 
_struct_mon_prot_cis.pdbx_label_seq_id_2    39 
_struct_mon_prot_cis.pdbx_label_asym_id_2   A 
_struct_mon_prot_cis.pdbx_PDB_ins_code_2    ? 
_struct_mon_prot_cis.pdbx_auth_comp_id_2    PRO 
_struct_mon_prot_cis.pdbx_auth_seq_id_2     39 
_struct_mon_prot_cis.pdbx_auth_asym_id_2    A 
_struct_mon_prot_cis.pdbx_PDB_model_num     1 
_struct_mon_prot_cis.pdbx_omega_angle       0.37 
# 
loop_
_struct_sheet.id 
_struct_sheet.type 
_struct_sheet.number_strands 
_struct_sheet.details 
A ? 5 ? 
B ? 4 ? 
# 
loop_
_struct_sheet_order.sheet_id 
_struct_sheet_order.range_id_1 
_struct_sheet_order.range_id_2 
_struct_sheet_order.offset 
_struct_sheet_order.sense 
A 1 2 ? parallel      
A 2 3 ? anti-parallel 
A 3 4 ? anti-parallel 
A 4 5 ? anti-parallel 
B 1 2 ? anti-parallel 
B 2 3 ? anti-parallel 
B 3 4 ? anti-parallel 
# 
loop_
_struct_sheet_range.sheet_id 
_struct_sheet_range.id 
_struct_sheet_range.beg_label_comp_id 
_struct_sheet_range.beg_label_asym_id 
_struct_sheet_range.beg_label_seq_id 
_struct_sheet_range.pdbx_beg_PDB_ins_code 
_struct_sheet_range.end_label_comp_id 
_struct_sheet_range.end_label_asym_id 
_struct_sheet_range.end_label_seq_id 
_struct_sheet_range.pdbx_end_PDB_ins_code 
_struct_sheet_range.beg_auth_comp_id 
_struct_sheet_range.beg_auth_asym_id 
_struct_sheet_range.beg_auth_seq_id 
_struct_sheet_range.end_auth_comp_id 
_struct_sheet_range.end_auth_asym_id 
_struct_sheet_range.end_auth_seq_id 
A 1 THR A 35  ? GLU A 37  ? THR A 35  GLU A 37  
A 2 VAL A 109 ? LEU A 115 ? VAL A 109 LEU A 115 
A 3 ILE A 98  ? PHE A 103 ? ILE A 98  PHE A 103 
A 4 GLU A 77  ? ALA A 81  ? GLU A 77  ALA A 81  
A 5 ARG A 72  ? VAL A 74  ? ARG A 72  VAL A 74  
B 1 ALA A 64  ? LEU A 67  ? ALA A 64  LEU A 67  
B 2 PHE A 82  ? TYR A 88  ? PHE A 82  TYR A 88  
B 3 ARG A 91  ? VAL A 95  ? ARG A 91  VAL A 95  
B 4 ILE A 121 ? ALA A 123 ? ILE A 121 ALA A 123 
# 
loop_
_pdbx_struct_sheet_hbond.sheet_id 
_pdbx_struct_sheet_hbond.range_id_1 
_pdbx_struct_sheet_hbond.range_id_2 
_pdbx_struct_sheet_hbond.range_1_label_atom_id 
_pdbx_struct_sheet_hbond.range_1_label_comp_id 
_pdbx_struct_sheet_hbond.range_1_label_asym_id 
_pdbx_struct_sheet_hbond.range_1_label_seq_id 
_pdbx_struct_sheet_hbond.range_1_PDB_ins_code 
_pdbx_struct_sheet_hbond.range_1_auth_atom_id 
_pdbx_struct_sheet_hbond.range_1_auth_comp_id 
_pdbx_struct_sheet_hbond.range_1_auth_asym_id 
_pdbx_struct_sheet_hbond.range_1_auth_seq_id 
_pdbx_struct_sheet_hbond.range_2_label_atom_id 
_pdbx_struct_sheet_hbond.range_2_label_comp_id 
_pdbx_struct_sheet_hbond.range_2_label_asym_id 
_pdbx_struct_sheet_hbond.range_2_label_seq_id 
_pdbx_struct_sheet_hbond.range_2_PDB_ins_code 
_pdbx_struct_sheet_hbond.range_2_auth_atom_id 
_pdbx_struct_sheet_hbond.range_2_auth_comp_id 
_pdbx_struct_sheet_hbond.range_2_auth_asym_id 
_pdbx_struct_sheet_hbond.range_2_auth_seq_id 
A 1 2 O THR A 35  ? O THR A 35  N MET A 112 ? N MET A 112 
A 2 3 O VAL A 110 ? O VAL A 110 N ARG A 102 ? N ARG A 102 
A 3 4 O ASP A 99  ? O ASP A 99  N PHE A 80  ? N PHE A 80  
A 4 5 O GLU A 77  ? O GLU A 77  N VAL A 74  ? N VAL A 74  
B 1 2 O ALA A 64  ? O ALA A 64  N SER A 85  ? N SER A 85  
B 2 3 O VAL A 84  ? O VAL A 84  N VAL A 95  ? N VAL A 95  
B 3 4 O VAL A 94  ? O VAL A 94  N HIS A 122 ? N HIS A 122 
# 
_struct_site.id                   AC1 
_struct_site.pdbx_evidence_code   Software 
_struct_site.pdbx_auth_asym_id    A 
_struct_site.pdbx_auth_comp_id    P4C 
_struct_site.pdbx_auth_seq_id     301 
_struct_site.pdbx_auth_ins_code   ? 
_struct_site.pdbx_num_residues    5 
_struct_site.details              'BINDING SITE FOR RESIDUE P4C A 301' 
# 
loop_
_struct_site_gen.id 
_struct_site_gen.site_id 
_struct_site_gen.pdbx_num_res 
_struct_site_gen.label_comp_id 
_struct_site_gen.label_asym_id 
_struct_site_gen.label_seq_id 
_struct_site_gen.pdbx_auth_ins_code 
_struct_site_gen.auth_comp_id 
_struct_site_gen.auth_asym_id 
_struct_site_gen.auth_seq_id 
_struct_site_gen.label_atom_id 
_struct_site_gen.label_alt_id 
_struct_site_gen.symmetry 
_struct_site_gen.details 
1 AC1 5 MET A 1   ? MET A 1   . ? 6_654 ? 
2 AC1 5 PHE A 86  ? PHE A 86  . ? 1_555 ? 
3 AC1 5 THR A 93  ? THR A 93  . ? 1_555 ? 
4 AC1 5 GLY A 105 ? GLY A 105 . ? 6_654 ? 
5 AC1 5 ALA A 106 ? ALA A 106 . ? 6_654 ? 
# 
loop_
_pdbx_validate_close_contact.id 
_pdbx_validate_close_contact.PDB_model_num 
_pdbx_validate_close_contact.auth_atom_id_1 
_pdbx_validate_close_contact.auth_asym_id_1 
_pdbx_validate_close_contact.auth_comp_id_1 
_pdbx_validate_close_contact.auth_seq_id_1 
_pdbx_validate_close_contact.PDB_ins_code_1 
_pdbx_validate_close_contact.label_alt_id_1 
_pdbx_validate_close_contact.auth_atom_id_2 
_pdbx_validate_close_contact.auth_asym_id_2 
_pdbx_validate_close_contact.auth_comp_id_2 
_pdbx_validate_close_contact.auth_seq_id_2 
_pdbx_validate_close_contact.PDB_ins_code_2 
_pdbx_validate_close_contact.label_alt_id_2 
_pdbx_validate_close_contact.dist 
1 1 HH  A TYR 14 ? ? H1 A HOH 202 ? ? 1.01 
2 1 H   A ALA 81 ? ? H2 A HOH 201 ? ? 1.06 
3 1 H   A VAL 71 ? ? H1 A HOH 216 ? ? 1.08 
4 1 HG1 A THR 35 ? ? H1 A HOH 207 ? ? 1.16 
5 1 H   A ASP 38 ? ? H2 A HOH 205 ? ? 1.32 
# 
_pdbx_validate_symm_contact.id                1 
_pdbx_validate_symm_contact.PDB_model_num     1 
_pdbx_validate_symm_contact.auth_atom_id_1    H1 
_pdbx_validate_symm_contact.auth_asym_id_1    A 
_pdbx_validate_symm_contact.auth_comp_id_1    HOH 
_pdbx_validate_symm_contact.auth_seq_id_1     208 
_pdbx_validate_symm_contact.PDB_ins_code_1    ? 
_pdbx_validate_symm_contact.label_alt_id_1    ? 
_pdbx_validate_symm_contact.site_symmetry_1   1_555 
_pdbx_validate_symm_contact.auth_atom_id_2    H1 
_pdbx_validate_symm_contact.auth_asym_id_2    A 
_pdbx_validate_symm_contact.auth_comp_id_2    HOH 
_pdbx_validate_symm_contact.auth_seq_id_2     208 
_pdbx_validate_symm_contact.PDB_ins_code_2    ? 
_pdbx_validate_symm_contact.label_alt_id_2    ? 
_pdbx_validate_symm_contact.site_symmetry_2   10_885 
_pdbx_validate_symm_contact.dist              0.92 
# 
loop_
_pdbx_validate_torsion.id 
_pdbx_validate_torsion.PDB_model_num 
_pdbx_validate_torsion.auth_comp_id 
_pdbx_validate_torsion.auth_asym_id 
_pdbx_validate_torsion.auth_seq_id 
_pdbx_validate_torsion.PDB_ins_code 
_pdbx_validate_torsion.label_alt_id 
_pdbx_validate_torsion.phi 
_pdbx_validate_torsion.psi 
1 1 SER A 42 ? ? -67.46 -169.50 
2 1 ALA A 75 ? ? 39.87  66.17   
# 
loop_
_chem_comp_atom.comp_id 
_chem_comp_atom.atom_id 
_chem_comp_atom.type_symbol 
_chem_comp_atom.pdbx_aromatic_flag 
_chem_comp_atom.pdbx_stereo_config 
_chem_comp_atom.pdbx_ordinal 
ALA N    N N N 1   
ALA CA   C N S 2   
ALA C    C N N 3   
ALA O    O N N 4   
ALA CB   C N N 5   
ALA OXT  O N N 6   
ALA H    H N N 7   
ALA H2   H N N 8   
ALA HA   H N N 9   
ALA HB1  H N N 10  
ALA HB2  H N N 11  
ALA HB3  H N N 12  
ALA HXT  H N N 13  
ARG N    N N N 14  
ARG CA   C N S 15  
ARG C    C N N 16  
ARG O    O N N 17  
ARG CB   C N N 18  
ARG CG   C N N 19  
ARG CD   C N N 20  
ARG NE   N N N 21  
ARG CZ   C N N 22  
ARG NH1  N N N 23  
ARG NH2  N N N 24  
ARG OXT  O N N 25  
ARG H    H N N 26  
ARG H2   H N N 27  
ARG HA   H N N 28  
ARG HB2  H N N 29  
ARG HB3  H N N 30  
ARG HG2  H N N 31  
ARG HG3  H N N 32  
ARG HD2  H N N 33  
ARG HD3  H N N 34  
ARG HE   H N N 35  
ARG HH11 H N N 36  
ARG HH12 H N N 37  
ARG HH21 H N N 38  
ARG HH22 H N N 39  
ARG HXT  H N N 40  
ASN N    N N N 41  
ASN CA   C N S 42  
ASN C    C N N 43  
ASN O    O N N 44  
ASN CB   C N N 45  
ASN CG   C N N 46  
ASN OD1  O N N 47  
ASN ND2  N N N 48  
ASN OXT  O N N 49  
ASN H    H N N 50  
ASN H2   H N N 51  
ASN HA   H N N 52  
ASN HB2  H N N 53  
ASN HB3  H N N 54  
ASN HD21 H N N 55  
ASN HD22 H N N 56  
ASN HXT  H N N 57  
ASP N    N N N 58  
ASP CA   C N S 59  
ASP C    C N N 60  
ASP O    O N N 61  
ASP CB   C N N 62  
ASP CG   C N N 63  
ASP OD1  O N N 64  
ASP OD2  O N N 65  
ASP OXT  O N N 66  
ASP H    H N N 67  
ASP H2   H N N 68  
ASP HA   H N N 69  
ASP HB2  H N N 70  
ASP HB3  H N N 71  
ASP HD2  H N N 72  
ASP HXT  H N N 73  
GLN N    N N N 74  
GLN CA   C N S 75  
GLN C    C N N 76  
GLN O    O N N 77  
GLN CB   C N N 78  
GLN CG   C N N 79  
GLN CD   C N N 80  
GLN OE1  O N N 81  
GLN NE2  N N N 82  
GLN OXT  O N N 83  
GLN H    H N N 84  
GLN H2   H N N 85  
GLN HA   H N N 86  
GLN HB2  H N N 87  
GLN HB3  H N N 88  
GLN HG2  H N N 89  
GLN HG3  H N N 90  
GLN HE21 H N N 91  
GLN HE22 H N N 92  
GLN HXT  H N N 93  
GLU N    N N N 94  
GLU CA   C N S 95  
GLU C    C N N 96  
GLU O    O N N 97  
GLU CB   C N N 98  
GLU CG   C N N 99  
GLU CD   C N N 100 
GLU OE1  O N N 101 
GLU OE2  O N N 102 
GLU OXT  O N N 103 
GLU H    H N N 104 
GLU H2   H N N 105 
GLU HA   H N N 106 
GLU HB2  H N N 107 
GLU HB3  H N N 108 
GLU HG2  H N N 109 
GLU HG3  H N N 110 
GLU HE2  H N N 111 
GLU HXT  H N N 112 
GLY N    N N N 113 
GLY CA   C N N 114 
GLY C    C N N 115 
GLY O    O N N 116 
GLY OXT  O N N 117 
GLY H    H N N 118 
GLY H2   H N N 119 
GLY HA2  H N N 120 
GLY HA3  H N N 121 
GLY HXT  H N N 122 
HIS N    N N N 123 
HIS CA   C N S 124 
HIS C    C N N 125 
HIS O    O N N 126 
HIS CB   C N N 127 
HIS CG   C Y N 128 
HIS ND1  N Y N 129 
HIS CD2  C Y N 130 
HIS CE1  C Y N 131 
HIS NE2  N Y N 132 
HIS OXT  O N N 133 
HIS H    H N N 134 
HIS H2   H N N 135 
HIS HA   H N N 136 
HIS HB2  H N N 137 
HIS HB3  H N N 138 
HIS HD1  H N N 139 
HIS HD2  H N N 140 
HIS HE1  H N N 141 
HIS HE2  H N N 142 
HIS HXT  H N N 143 
HOH O    O N N 144 
HOH H1   H N N 145 
HOH H2   H N N 146 
ILE N    N N N 147 
ILE CA   C N S 148 
ILE C    C N N 149 
ILE O    O N N 150 
ILE CB   C N S 151 
ILE CG1  C N N 152 
ILE CG2  C N N 153 
ILE CD1  C N N 154 
ILE OXT  O N N 155 
ILE H    H N N 156 
ILE H2   H N N 157 
ILE HA   H N N 158 
ILE HB   H N N 159 
ILE HG12 H N N 160 
ILE HG13 H N N 161 
ILE HG21 H N N 162 
ILE HG22 H N N 163 
ILE HG23 H N N 164 
ILE HD11 H N N 165 
ILE HD12 H N N 166 
ILE HD13 H N N 167 
ILE HXT  H N N 168 
LEU N    N N N 169 
LEU CA   C N S 170 
LEU C    C N N 171 
LEU O    O N N 172 
LEU CB   C N N 173 
LEU CG   C N N 174 
LEU CD1  C N N 175 
LEU CD2  C N N 176 
LEU OXT  O N N 177 
LEU H    H N N 178 
LEU H2   H N N 179 
LEU HA   H N N 180 
LEU HB2  H N N 181 
LEU HB3  H N N 182 
LEU HG   H N N 183 
LEU HD11 H N N 184 
LEU HD12 H N N 185 
LEU HD13 H N N 186 
LEU HD21 H N N 187 
LEU HD22 H N N 188 
LEU HD23 H N N 189 
LEU HXT  H N N 190 
LYS N    N N N 191 
LYS CA   C N S 192 
LYS C    C N N 193 
LYS O    O N N 194 
LYS CB   C N N 195 
LYS CG   C N N 196 
LYS CD   C N N 197 
LYS CE   C N N 198 
LYS NZ   N N N 199 
LYS OXT  O N N 200 
LYS H    H N N 201 
LYS H2   H N N 202 
LYS HA   H N N 203 
LYS HB2  H N N 204 
LYS HB3  H N N 205 
LYS HG2  H N N 206 
LYS HG3  H N N 207 
LYS HD2  H N N 208 
LYS HD3  H N N 209 
LYS HE2  H N N 210 
LYS HE3  H N N 211 
LYS HZ1  H N N 212 
LYS HZ2  H N N 213 
LYS HZ3  H N N 214 
LYS HXT  H N N 215 
MET N    N N N 216 
MET CA   C N S 217 
MET C    C N N 218 
MET O    O N N 219 
MET CB   C N N 220 
MET CG   C N N 221 
MET SD   S N N 222 
MET CE   C N N 223 
MET OXT  O N N 224 
MET H    H N N 225 
MET H2   H N N 226 
MET HA   H N N 227 
MET HB2  H N N 228 
MET HB3  H N N 229 
MET HG2  H N N 230 
MET HG3  H N N 231 
MET HE1  H N N 232 
MET HE2  H N N 233 
MET HE3  H N N 234 
MET HXT  H N N 235 
P4C O1   O N N 236 
P4C C2   C N N 237 
P4C C3   C N N 238 
P4C O4   O N N 239 
P4C C5   C N N 240 
P4C C6   C N N 241 
P4C O7   O N N 242 
P4C C8   C N N 243 
P4C C9   C N N 244 
P4C O10  O N N 245 
P4C C11  C N N 246 
P4C C12  C N N 247 
P4C O13  O N N 248 
P4C C14  C N N 249 
P4C C15  C N N 250 
P4C O16  O N N 251 
P4C C17  C N N 252 
P4C C18  C N N 253 
P4C O19  O N N 254 
P4C C20  C N N 255 
P4C C21  C N N 256 
P4C O22  O N N 257 
P4C HO1  H N N 258 
P4C H21A H N N 259 
P4C H22  H N N 260 
P4C H31  H N N 261 
P4C H32  H N N 262 
P4C H51  H N N 263 
P4C H52  H N N 264 
P4C H61  H N N 265 
P4C H62  H N N 266 
P4C H81  H N N 267 
P4C H82  H N N 268 
P4C H91  H N N 269 
P4C H92  H N N 270 
P4C H111 H N N 271 
P4C H112 H N N 272 
P4C H121 H N N 273 
P4C H122 H N N 274 
P4C H141 H N N 275 
P4C H142 H N N 276 
P4C H151 H N N 277 
P4C H152 H N N 278 
P4C H171 H N N 279 
P4C H172 H N N 280 
P4C H181 H N N 281 
P4C H182 H N N 282 
P4C H201 H N N 283 
P4C H202 H N N 284 
P4C H21  H N N 285 
PHE N    N N N 286 
PHE CA   C N S 287 
PHE C    C N N 288 
PHE O    O N N 289 
PHE CB   C N N 290 
PHE CG   C Y N 291 
PHE CD1  C Y N 292 
PHE CD2  C Y N 293 
PHE CE1  C Y N 294 
PHE CE2  C Y N 295 
PHE CZ   C Y N 296 
PHE OXT  O N N 297 
PHE H    H N N 298 
PHE H2   H N N 299 
PHE HA   H N N 300 
PHE HB2  H N N 301 
PHE HB3  H N N 302 
PHE HD1  H N N 303 
PHE HD2  H N N 304 
PHE HE1  H N N 305 
PHE HE2  H N N 306 
PHE HZ   H N N 307 
PHE HXT  H N N 308 
PRO N    N N N 309 
PRO CA   C N S 310 
PRO C    C N N 311 
PRO O    O N N 312 
PRO CB   C N N 313 
PRO CG   C N N 314 
PRO CD   C N N 315 
PRO OXT  O N N 316 
PRO H    H N N 317 
PRO HA   H N N 318 
PRO HB2  H N N 319 
PRO HB3  H N N 320 
PRO HG2  H N N 321 
PRO HG3  H N N 322 
PRO HD2  H N N 323 
PRO HD3  H N N 324 
PRO HXT  H N N 325 
SER N    N N N 326 
SER CA   C N S 327 
SER C    C N N 328 
SER O    O N N 329 
SER CB   C N N 330 
SER OG   O N N 331 
SER OXT  O N N 332 
SER H    H N N 333 
SER H2   H N N 334 
SER HA   H N N 335 
SER HB2  H N N 336 
SER HB3  H N N 337 
SER HG   H N N 338 
SER HXT  H N N 339 
THR N    N N N 340 
THR CA   C N S 341 
THR C    C N N 342 
THR O    O N N 343 
THR CB   C N R 344 
THR OG1  O N N 345 
THR CG2  C N N 346 
THR OXT  O N N 347 
THR H    H N N 348 
THR H2   H N N 349 
THR HA   H N N 350 
THR HB   H N N 351 
THR HG1  H N N 352 
THR HG21 H N N 353 
THR HG22 H N N 354 
THR HG23 H N N 355 
THR HXT  H N N 356 
TYR N    N N N 357 
TYR CA   C N S 358 
TYR C    C N N 359 
TYR O    O N N 360 
TYR CB   C N N 361 
TYR CG   C Y N 362 
TYR CD1  C Y N 363 
TYR CD2  C Y N 364 
TYR CE1  C Y N 365 
TYR CE2  C Y N 366 
TYR CZ   C Y N 367 
TYR OH   O N N 368 
TYR OXT  O N N 369 
TYR H    H N N 370 
TYR H2   H N N 371 
TYR HA   H N N 372 
TYR HB2  H N N 373 
TYR HB3  H N N 374 
TYR HD1  H N N 375 
TYR HD2  H N N 376 
TYR HE1  H N N 377 
TYR HE2  H N N 378 
TYR HH   H N N 379 
TYR HXT  H N N 380 
VAL N    N N N 381 
VAL CA   C N S 382 
VAL C    C N N 383 
VAL O    O N N 384 
VAL CB   C N N 385 
VAL CG1  C N N 386 
VAL CG2  C N N 387 
VAL OXT  O N N 388 
VAL H    H N N 389 
VAL H2   H N N 390 
VAL HA   H N N 391 
VAL HB   H N N 392 
VAL HG11 H N N 393 
VAL HG12 H N N 394 
VAL HG13 H N N 395 
VAL HG21 H N N 396 
VAL HG22 H N N 397 
VAL HG23 H N N 398 
VAL HXT  H N N 399 
# 
loop_
_chem_comp_bond.comp_id 
_chem_comp_bond.atom_id_1 
_chem_comp_bond.atom_id_2 
_chem_comp_bond.value_order 
_chem_comp_bond.pdbx_aromatic_flag 
_chem_comp_bond.pdbx_stereo_config 
_chem_comp_bond.pdbx_ordinal 
ALA N   CA   sing N N 1   
ALA N   H    sing N N 2   
ALA N   H2   sing N N 3   
ALA CA  C    sing N N 4   
ALA CA  CB   sing N N 5   
ALA CA  HA   sing N N 6   
ALA C   O    doub N N 7   
ALA C   OXT  sing N N 8   
ALA CB  HB1  sing N N 9   
ALA CB  HB2  sing N N 10  
ALA CB  HB3  sing N N 11  
ALA OXT HXT  sing N N 12  
ARG N   CA   sing N N 13  
ARG N   H    sing N N 14  
ARG N   H2   sing N N 15  
ARG CA  C    sing N N 16  
ARG CA  CB   sing N N 17  
ARG CA  HA   sing N N 18  
ARG C   O    doub N N 19  
ARG C   OXT  sing N N 20  
ARG CB  CG   sing N N 21  
ARG CB  HB2  sing N N 22  
ARG CB  HB3  sing N N 23  
ARG CG  CD   sing N N 24  
ARG CG  HG2  sing N N 25  
ARG CG  HG3  sing N N 26  
ARG CD  NE   sing N N 27  
ARG CD  HD2  sing N N 28  
ARG CD  HD3  sing N N 29  
ARG NE  CZ   sing N N 30  
ARG NE  HE   sing N N 31  
ARG CZ  NH1  sing N N 32  
ARG CZ  NH2  doub N N 33  
ARG NH1 HH11 sing N N 34  
ARG NH1 HH12 sing N N 35  
ARG NH2 HH21 sing N N 36  
ARG NH2 HH22 sing N N 37  
ARG OXT HXT  sing N N 38  
ASN N   CA   sing N N 39  
ASN N   H    sing N N 40  
ASN N   H2   sing N N 41  
ASN CA  C    sing N N 42  
ASN CA  CB   sing N N 43  
ASN CA  HA   sing N N 44  
ASN C   O    doub N N 45  
ASN C   OXT  sing N N 46  
ASN CB  CG   sing N N 47  
ASN CB  HB2  sing N N 48  
ASN CB  HB3  sing N N 49  
ASN CG  OD1  doub N N 50  
ASN CG  ND2  sing N N 51  
ASN ND2 HD21 sing N N 52  
ASN ND2 HD22 sing N N 53  
ASN OXT HXT  sing N N 54  
ASP N   CA   sing N N 55  
ASP N   H    sing N N 56  
ASP N   H2   sing N N 57  
ASP CA  C    sing N N 58  
ASP CA  CB   sing N N 59  
ASP CA  HA   sing N N 60  
ASP C   O    doub N N 61  
ASP C   OXT  sing N N 62  
ASP CB  CG   sing N N 63  
ASP CB  HB2  sing N N 64  
ASP CB  HB3  sing N N 65  
ASP CG  OD1  doub N N 66  
ASP CG  OD2  sing N N 67  
ASP OD2 HD2  sing N N 68  
ASP OXT HXT  sing N N 69  
GLN N   CA   sing N N 70  
GLN N   H    sing N N 71  
GLN N   H2   sing N N 72  
GLN CA  C    sing N N 73  
GLN CA  CB   sing N N 74  
GLN CA  HA   sing N N 75  
GLN C   O    doub N N 76  
GLN C   OXT  sing N N 77  
GLN CB  CG   sing N N 78  
GLN CB  HB2  sing N N 79  
GLN CB  HB3  sing N N 80  
GLN CG  CD   sing N N 81  
GLN CG  HG2  sing N N 82  
GLN CG  HG3  sing N N 83  
GLN CD  OE1  doub N N 84  
GLN CD  NE2  sing N N 85  
GLN NE2 HE21 sing N N 86  
GLN NE2 HE22 sing N N 87  
GLN OXT HXT  sing N N 88  
GLU N   CA   sing N N 89  
GLU N   H    sing N N 90  
GLU N   H2   sing N N 91  
GLU CA  C    sing N N 92  
GLU CA  CB   sing N N 93  
GLU CA  HA   sing N N 94  
GLU C   O    doub N N 95  
GLU C   OXT  sing N N 96  
GLU CB  CG   sing N N 97  
GLU CB  HB2  sing N N 98  
GLU CB  HB3  sing N N 99  
GLU CG  CD   sing N N 100 
GLU CG  HG2  sing N N 101 
GLU CG  HG3  sing N N 102 
GLU CD  OE1  doub N N 103 
GLU CD  OE2  sing N N 104 
GLU OE2 HE2  sing N N 105 
GLU OXT HXT  sing N N 106 
GLY N   CA   sing N N 107 
GLY N   H    sing N N 108 
GLY N   H2   sing N N 109 
GLY CA  C    sing N N 110 
GLY CA  HA2  sing N N 111 
GLY CA  HA3  sing N N 112 
GLY C   O    doub N N 113 
GLY C   OXT  sing N N 114 
GLY OXT HXT  sing N N 115 
HIS N   CA   sing N N 116 
HIS N   H    sing N N 117 
HIS N   H2   sing N N 118 
HIS CA  C    sing N N 119 
HIS CA  CB   sing N N 120 
HIS CA  HA   sing N N 121 
HIS C   O    doub N N 122 
HIS C   OXT  sing N N 123 
HIS CB  CG   sing N N 124 
HIS CB  HB2  sing N N 125 
HIS CB  HB3  sing N N 126 
HIS CG  ND1  sing Y N 127 
HIS CG  CD2  doub Y N 128 
HIS ND1 CE1  doub Y N 129 
HIS ND1 HD1  sing N N 130 
HIS CD2 NE2  sing Y N 131 
HIS CD2 HD2  sing N N 132 
HIS CE1 NE2  sing Y N 133 
HIS CE1 HE1  sing N N 134 
HIS NE2 HE2  sing N N 135 
HIS OXT HXT  sing N N 136 
HOH O   H1   sing N N 137 
HOH O   H2   sing N N 138 
ILE N   CA   sing N N 139 
ILE N   H    sing N N 140 
ILE N   H2   sing N N 141 
ILE CA  C    sing N N 142 
ILE CA  CB   sing N N 143 
ILE CA  HA   sing N N 144 
ILE C   O    doub N N 145 
ILE C   OXT  sing N N 146 
ILE CB  CG1  sing N N 147 
ILE CB  CG2  sing N N 148 
ILE CB  HB   sing N N 149 
ILE CG1 CD1  sing N N 150 
ILE CG1 HG12 sing N N 151 
ILE CG1 HG13 sing N N 152 
ILE CG2 HG21 sing N N 153 
ILE CG2 HG22 sing N N 154 
ILE CG2 HG23 sing N N 155 
ILE CD1 HD11 sing N N 156 
ILE CD1 HD12 sing N N 157 
ILE CD1 HD13 sing N N 158 
ILE OXT HXT  sing N N 159 
LEU N   CA   sing N N 160 
LEU N   H    sing N N 161 
LEU N   H2   sing N N 162 
LEU CA  C    sing N N 163 
LEU CA  CB   sing N N 164 
LEU CA  HA   sing N N 165 
LEU C   O    doub N N 166 
LEU C   OXT  sing N N 167 
LEU CB  CG   sing N N 168 
LEU CB  HB2  sing N N 169 
LEU CB  HB3  sing N N 170 
LEU CG  CD1  sing N N 171 
LEU CG  CD2  sing N N 172 
LEU CG  HG   sing N N 173 
LEU CD1 HD11 sing N N 174 
LEU CD1 HD12 sing N N 175 
LEU CD1 HD13 sing N N 176 
LEU CD2 HD21 sing N N 177 
LEU CD2 HD22 sing N N 178 
LEU CD2 HD23 sing N N 179 
LEU OXT HXT  sing N N 180 
LYS N   CA   sing N N 181 
LYS N   H    sing N N 182 
LYS N   H2   sing N N 183 
LYS CA  C    sing N N 184 
LYS CA  CB   sing N N 185 
LYS CA  HA   sing N N 186 
LYS C   O    doub N N 187 
LYS C   OXT  sing N N 188 
LYS CB  CG   sing N N 189 
LYS CB  HB2  sing N N 190 
LYS CB  HB3  sing N N 191 
LYS CG  CD   sing N N 192 
LYS CG  HG2  sing N N 193 
LYS CG  HG3  sing N N 194 
LYS CD  CE   sing N N 195 
LYS CD  HD2  sing N N 196 
LYS CD  HD3  sing N N 197 
LYS CE  NZ   sing N N 198 
LYS CE  HE2  sing N N 199 
LYS CE  HE3  sing N N 200 
LYS NZ  HZ1  sing N N 201 
LYS NZ  HZ2  sing N N 202 
LYS NZ  HZ3  sing N N 203 
LYS OXT HXT  sing N N 204 
MET N   CA   sing N N 205 
MET N   H    sing N N 206 
MET N   H2   sing N N 207 
MET CA  C    sing N N 208 
MET CA  CB   sing N N 209 
MET CA  HA   sing N N 210 
MET C   O    doub N N 211 
MET C   OXT  sing N N 212 
MET CB  CG   sing N N 213 
MET CB  HB2  sing N N 214 
MET CB  HB3  sing N N 215 
MET CG  SD   sing N N 216 
MET CG  HG2  sing N N 217 
MET CG  HG3  sing N N 218 
MET SD  CE   sing N N 219 
MET CE  HE1  sing N N 220 
MET CE  HE2  sing N N 221 
MET CE  HE3  sing N N 222 
MET OXT HXT  sing N N 223 
P4C O1  C2   sing N N 224 
P4C O1  HO1  sing N N 225 
P4C C2  C3   sing N N 226 
P4C C2  H21A sing N N 227 
P4C C2  H22  sing N N 228 
P4C C3  O4   sing N N 229 
P4C C3  H31  sing N N 230 
P4C C3  H32  sing N N 231 
P4C O4  C5   sing N N 232 
P4C C5  C6   sing N N 233 
P4C C5  H51  sing N N 234 
P4C C5  H52  sing N N 235 
P4C C6  O7   sing N N 236 
P4C C6  H61  sing N N 237 
P4C C6  H62  sing N N 238 
P4C O7  C8   sing N N 239 
P4C C8  C9   sing N N 240 
P4C C8  H81  sing N N 241 
P4C C8  H82  sing N N 242 
P4C C9  O10  sing N N 243 
P4C C9  H91  sing N N 244 
P4C C9  H92  sing N N 245 
P4C O10 C11  sing N N 246 
P4C C11 C12  sing N N 247 
P4C C11 H111 sing N N 248 
P4C C11 H112 sing N N 249 
P4C C12 O13  sing N N 250 
P4C C12 H121 sing N N 251 
P4C C12 H122 sing N N 252 
P4C O13 C14  sing N N 253 
P4C C14 C15  sing N N 254 
P4C C14 H141 sing N N 255 
P4C C14 H142 sing N N 256 
P4C C15 O16  sing N N 257 
P4C C15 H151 sing N N 258 
P4C C15 H152 sing N N 259 
P4C O16 C17  sing N N 260 
P4C C17 C18  sing N N 261 
P4C C17 H171 sing N N 262 
P4C C17 H172 sing N N 263 
P4C C18 O19  sing N N 264 
P4C C18 H181 sing N N 265 
P4C C18 H182 sing N N 266 
P4C O19 C20  sing N N 267 
P4C C20 C21  sing N N 268 
P4C C20 H201 sing N N 269 
P4C C20 H202 sing N N 270 
P4C C21 O22  doub N N 271 
P4C C21 H21  sing N N 272 
PHE N   CA   sing N N 273 
PHE N   H    sing N N 274 
PHE N   H2   sing N N 275 
PHE CA  C    sing N N 276 
PHE CA  CB   sing N N 277 
PHE CA  HA   sing N N 278 
PHE C   O    doub N N 279 
PHE C   OXT  sing N N 280 
PHE CB  CG   sing N N 281 
PHE CB  HB2  sing N N 282 
PHE CB  HB3  sing N N 283 
PHE CG  CD1  doub Y N 284 
PHE CG  CD2  sing Y N 285 
PHE CD1 CE1  sing Y N 286 
PHE CD1 HD1  sing N N 287 
PHE CD2 CE2  doub Y N 288 
PHE CD2 HD2  sing N N 289 
PHE CE1 CZ   doub Y N 290 
PHE CE1 HE1  sing N N 291 
PHE CE2 CZ   sing Y N 292 
PHE CE2 HE2  sing N N 293 
PHE CZ  HZ   sing N N 294 
PHE OXT HXT  sing N N 295 
PRO N   CA   sing N N 296 
PRO N   CD   sing N N 297 
PRO N   H    sing N N 298 
PRO CA  C    sing N N 299 
PRO CA  CB   sing N N 300 
PRO CA  HA   sing N N 301 
PRO C   O    doub N N 302 
PRO C   OXT  sing N N 303 
PRO CB  CG   sing N N 304 
PRO CB  HB2  sing N N 305 
PRO CB  HB3  sing N N 306 
PRO CG  CD   sing N N 307 
PRO CG  HG2  sing N N 308 
PRO CG  HG3  sing N N 309 
PRO CD  HD2  sing N N 310 
PRO CD  HD3  sing N N 311 
PRO OXT HXT  sing N N 312 
SER N   CA   sing N N 313 
SER N   H    sing N N 314 
SER N   H2   sing N N 315 
SER CA  C    sing N N 316 
SER CA  CB   sing N N 317 
SER CA  HA   sing N N 318 
SER C   O    doub N N 319 
SER C   OXT  sing N N 320 
SER CB  OG   sing N N 321 
SER CB  HB2  sing N N 322 
SER CB  HB3  sing N N 323 
SER OG  HG   sing N N 324 
SER OXT HXT  sing N N 325 
THR N   CA   sing N N 326 
THR N   H    sing N N 327 
THR N   H2   sing N N 328 
THR CA  C    sing N N 329 
THR CA  CB   sing N N 330 
THR CA  HA   sing N N 331 
THR C   O    doub N N 332 
THR C   OXT  sing N N 333 
THR CB  OG1  sing N N 334 
THR CB  CG2  sing N N 335 
THR CB  HB   sing N N 336 
THR OG1 HG1  sing N N 337 
THR CG2 HG21 sing N N 338 
THR CG2 HG22 sing N N 339 
THR CG2 HG23 sing N N 340 
THR OXT HXT  sing N N 341 
TYR N   CA   sing N N 342 
TYR N   H    sing N N 343 
TYR N   H2   sing N N 344 
TYR CA  C    sing N N 345 
TYR CA  CB   sing N N 346 
TYR CA  HA   sing N N 347 
TYR C   O    doub N N 348 
TYR C   OXT  sing N N 349 
TYR CB  CG   sing N N 350 
TYR CB  HB2  sing N N 351 
TYR CB  HB3  sing N N 352 
TYR CG  CD1  doub Y N 353 
TYR CG  CD2  sing Y N 354 
TYR CD1 CE1  sing Y N 355 
TYR CD1 HD1  sing N N 356 
TYR CD2 CE2  doub Y N 357 
TYR CD2 HD2  sing N N 358 
TYR CE1 CZ   doub Y N 359 
TYR CE1 HE1  sing N N 360 
TYR CE2 CZ   sing Y N 361 
TYR CE2 HE2  sing N N 362 
TYR CZ  OH   sing N N 363 
TYR OH  HH   sing N N 364 
TYR OXT HXT  sing N N 365 
VAL N   CA   sing N N 366 
VAL N   H    sing N N 367 
VAL N   H2   sing N N 368 
VAL CA  C    sing N N 369 
VAL CA  CB   sing N N 370 
VAL CA  HA   sing N N 371 
VAL C   O    doub N N 372 
VAL C   OXT  sing N N 373 
VAL CB  CG1  sing N N 374 
VAL CB  CG2  sing N N 375 
VAL CB  HB   sing N N 376 
VAL CG1 HG11 sing N N 377 
VAL CG1 HG12 sing N N 378 
VAL CG1 HG13 sing N N 379 
VAL CG2 HG21 sing N N 380 
VAL CG2 HG22 sing N N 381 
VAL CG2 HG23 sing N N 382 
VAL OXT HXT  sing N N 383 
# 
_atom_sites.entry_id                    8CHO 
_atom_sites.fract_transf_matrix[1][1]   0.01041945 
_atom_sites.fract_transf_matrix[1][2]   -0.01530002 
_atom_sites.fract_transf_matrix[1][3]   -0.00279561 
_atom_sites.fract_transf_matrix[2][1]   0.01250701 
_atom_sites.fract_transf_matrix[2][2]   -0.00529009 
_atom_sites.fract_transf_matrix[2][3]   0.01288664 
_atom_sites.fract_transf_matrix[3][1]   -0.00486306 
_atom_sites.fract_transf_matrix[3][2]   -0.00388294 
_atom_sites.fract_transf_matrix[3][3]   0.00312582 
_atom_sites.fract_transf_vector[1]      1.106750 
_atom_sites.fract_transf_vector[2]      1.470664 
_atom_sites.fract_transf_vector[3]      0.092347 
# 
loop_
_atom_type.symbol 
C 
H 
N 
O 
S 
# 
loop_
_atom_site.group_PDB 
_atom_site.id 
_atom_site.type_symbol 
_atom_site.label_atom_id 
_atom_site.label_alt_id 
_atom_site.label_comp_id 
_atom_site.label_asym_id 
_atom_site.label_entity_id 
_atom_site.label_seq_id 
_atom_site.pdbx_PDB_ins_code 
_atom_site.Cartn_x 
_atom_site.Cartn_y 
_atom_site.Cartn_z 
_atom_site.occupancy 
_atom_site.B_iso_or_equiv 
_atom_site.pdbx_formal_charge 
_atom_site.auth_seq_id 
_atom_site.auth_comp_id 
_atom_site.auth_asym_id 
_atom_site.auth_atom_id 
_atom_site.pdbx_PDB_model_num 
ATOM   1    N N    . MET A 1 1   ? -3.074  -20.788 -3.875  1.00 36.85 ? 1   MET A N    1 
ATOM   2    C CA   . MET A 1 1   ? -4.245  -20.891 -2.945  1.00 36.77 ? 1   MET A CA   1 
ATOM   3    C C    . MET A 1 1   ? -4.158  -19.692 -1.998  1.00 34.73 ? 1   MET A C    1 
ATOM   4    O O    . MET A 1 1   ? -3.110  -19.472 -1.392  1.00 36.08 ? 1   MET A O    1 
ATOM   5    C CB   . MET A 1 1   ? -4.147  -22.206 -2.149  1.00 39.41 ? 1   MET A CB   1 
ATOM   6    C CG   . MET A 1 1   ? -5.487  -22.839 -1.791  1.00 42.39 ? 1   MET A CG   1 
ATOM   7    S SD   . MET A 1 1   ? -5.365  -24.199 -0.561  1.00 44.96 ? 1   MET A SD   1 
ATOM   8    C CE   . MET A 1 1   ? -6.576  -23.631 0.617   1.00 42.98 ? 1   MET A CE   1 
ATOM   9    H H1   . MET A 1 1   ? -2.201  -20.803 -3.309  1.00 0.00  ? 1   MET A H1   1 
ATOM   10   H H2   . MET A 1 1   ? -3.091  -21.578 -4.529  1.00 0.00  ? 1   MET A H2   1 
ATOM   11   H H3   . MET A 1 1   ? -3.138  -19.887 -4.389  1.00 0.00  ? 1   MET A H3   1 
ATOM   12   N N    . ASN A 1 2   ? -5.221  -18.891 -1.917  1.00 32.44 ? 2   ASN A N    1 
ATOM   13   C CA   . ASN A 1 2   ? -5.209  -17.712 -1.036  1.00 29.66 ? 2   ASN A CA   1 
ATOM   14   C C    . ASN A 1 2   ? -5.635  -18.010 0.370   1.00 26.90 ? 2   ASN A C    1 
ATOM   15   O O    . ASN A 1 2   ? -6.802  -17.999 0.692   1.00 31.37 ? 2   ASN A O    1 
ATOM   16   C CB   . ASN A 1 2   ? -6.075  -16.576 -1.568  1.00 29.66 ? 2   ASN A CB   1 
ATOM   17   C CG   . ASN A 1 2   ? -5.479  -15.928 -2.762  1.00 28.65 ? 2   ASN A CG   1 
ATOM   18   O OD1  . ASN A 1 2   ? -4.261  -15.873 -2.890  1.00 37.20 ? 2   ASN A OD1  1 
ATOM   19   N ND2  . ASN A 1 2   ? -6.319  -15.461 -3.669  1.00 27.66 ? 2   ASN A ND2  1 
ATOM   20   H H    . ASN A 1 2   ? -6.021  -19.083 -2.445  1.00 0.00  ? 2   ASN A H    1 
ATOM   21   H HD21 . ASN A 1 2   ? -5.939  -15.032 -4.443  1.00 0.00  ? 2   ASN A HD21 1 
ATOM   22   H HD22 . ASN A 1 2   ? -7.285  -15.548 -3.525  1.00 0.00  ? 2   ASN A HD22 1 
ATOM   23   N N    . THR A 1 3   ? -4.665  -18.252 1.214   1.00 22.26 ? 3   THR A N    1 
ATOM   24   C CA   . THR A 1 3   ? -4.953  -18.534 2.580   1.00 20.93 ? 3   THR A CA   1 
ATOM   25   C C    . THR A 1 3   ? -4.752  -17.230 3.310   1.00 21.31 ? 3   THR A C    1 
ATOM   26   O O    . THR A 1 3   ? -4.105  -16.320 2.787   1.00 18.75 ? 3   THR A O    1 
ATOM   27   C CB   . THR A 1 3   ? -3.954  -19.547 3.071   1.00 22.10 ? 3   THR A CB   1 
ATOM   28   O OG1  . THR A 1 3   ? -2.646  -19.079 2.740   1.00 25.94 ? 3   THR A OG1  1 
ATOM   29   C CG2  . THR A 1 3   ? -4.145  -20.858 2.351   1.00 25.19 ? 3   THR A CG2  1 
ATOM   30   H H    . THR A 1 3   ? -3.735  -18.241 0.913   1.00 0.00  ? 3   THR A H    1 
ATOM   31   H HG1  . THR A 1 3   ? -1.991  -19.728 3.054   1.00 0.00  ? 3   THR A HG1  1 
ATOM   32   N N    . PRO A 1 4   ? -5.366  -17.079 4.492   1.00 22.27 ? 4   PRO A N    1 
ATOM   33   C CA   . PRO A 1 4   ? -5.185  -15.838 5.246   1.00 19.96 ? 4   PRO A CA   1 
ATOM   34   C C    . PRO A 1 4   ? -3.697  -15.631 5.544   1.00 17.21 ? 4   PRO A C    1 
ATOM   35   O O    . PRO A 1 4   ? -3.213  -14.505 5.558   1.00 17.04 ? 4   PRO A O    1 
ATOM   36   C CB   . PRO A 1 4   ? -5.977  -16.113 6.519   1.00 20.24 ? 4   PRO A CB   1 
ATOM   37   C CG   . PRO A 1 4   ? -7.152  -16.877 5.994   1.00 22.38 ? 4   PRO A CG   1 
ATOM   38   C CD   . PRO A 1 4   ? -6.487  -17.865 5.045   1.00 20.57 ? 4   PRO A CD   1 
ATOM   39   N N    . GLU A 1 5   ? -2.982  -16.732 5.742   1.00 14.95 ? 5   GLU A N    1 
ATOM   40   C CA   . GLU A 1 5   ? -1.552  -16.692 6.035   1.00 17.57 ? 5   GLU A CA   1 
ATOM   41   C C    . GLU A 1 5   ? -0.747  -16.103 4.865   1.00 15.20 ? 5   GLU A C    1 
ATOM   42   O O    . GLU A 1 5   ? 0.206   -15.347 5.069   1.00 16.11 ? 5   GLU A O    1 
ATOM   43   C CB   . GLU A 1 5   ? -1.054  -18.103 6.373   1.00 22.65 ? 5   GLU A CB   1 
ATOM   44   C CG   . GLU A 1 5   ? 0.484   -18.289 6.363   1.00 42.04 ? 5   GLU A CG   1 
ATOM   45   C CD   . GLU A 1 5   ? 0.953   -19.768 6.311   1.00 50.90 ? 5   GLU A CD   1 
ATOM   46   O OE1  . GLU A 1 5   ? 0.100   -20.678 6.122   1.00 59.70 ? 5   GLU A OE1  1 
ATOM   47   O OE2  . GLU A 1 5   ? 2.179   -20.012 6.448   1.00 51.72 ? 5   GLU A OE2  1 
ATOM   48   H H    . GLU A 1 5   ? -3.425  -17.594 5.685   1.00 0.00  ? 5   GLU A H    1 
ATOM   49   N N    . HIS A 1 6   ? -1.142  -16.425 3.639   1.00 13.98 ? 6   HIS A N    1 
ATOM   50   C CA   . HIS A 1 6   ? -0.437  -15.922 2.476   1.00 11.47 ? 6   HIS A CA   1 
ATOM   51   C C    . HIS A 1 6   ? -0.727  -14.456 2.300   1.00 11.96 ? 6   HIS A C    1 
ATOM   52   O O    . HIS A 1 6   ? 0.187   -13.670 2.078   1.00 16.14 ? 6   HIS A O    1 
ATOM   53   C CB   . HIS A 1 6   ? -0.879  -16.664 1.239   1.00 10.39 ? 6   HIS A CB   1 
ATOM   54   C CG   . HIS A 1 6   ? -0.543  -15.967 -0.047  1.00 15.36 ? 6   HIS A CG   1 
ATOM   55   N ND1  . HIS A 1 6   ? 0.749   -15.776 -0.480  1.00 16.84 ? 6   HIS A ND1  1 
ATOM   56   C CD2  . HIS A 1 6   ? -1.344  -15.444 -1.007  1.00 15.05 ? 6   HIS A CD2  1 
ATOM   57   C CE1  . HIS A 1 6   ? 0.734   -15.163 -1.647  1.00 16.41 ? 6   HIS A CE1  1 
ATOM   58   N NE2  . HIS A 1 6   ? -0.525  -14.949 -1.994  1.00 18.90 ? 6   HIS A NE2  1 
ATOM   59   H H    . HIS A 1 6   ? -1.920  -17.009 3.531   1.00 0.00  ? 6   HIS A H    1 
ATOM   60   H HD1  . HIS A 1 6   ? 1.544   -16.053 0.002   1.00 0.00  ? 6   HIS A HD1  1 
ATOM   61   H HE2  . HIS A 1 6   ? -0.824  -14.510 -2.811  1.00 0.00  ? 6   HIS A HE2  1 
ATOM   62   N N    . MET A 1 7   ? -2.000  -14.092 2.400   1.00 11.99 ? 7   MET A N    1 
ATOM   63   C CA   . MET A 1 7   ? -2.425  -12.713 2.241   1.00 12.42 ? 7   MET A CA   1 
ATOM   64   C C    . MET A 1 7   ? -1.816  -11.817 3.312   1.00 13.99 ? 7   MET A C    1 
ATOM   65   O O    . MET A 1 7   ? -1.524  -10.667 3.064   1.00 17.81 ? 7   MET A O    1 
ATOM   66   C CB   . MET A 1 7   ? -3.956  -12.636 2.268   1.00 13.41 ? 7   MET A CB   1 
ATOM   67   C CG   . MET A 1 7   ? -4.629  -13.436 1.168   1.00 11.56 ? 7   MET A CG   1 
ATOM   68   S SD   . MET A 1 7   ? -6.356  -13.040 0.935   1.00 14.87 ? 7   MET A SD   1 
ATOM   69   C CE   . MET A 1 7   ? -7.047  -13.928 2.310   1.00 11.80 ? 7   MET A CE   1 
ATOM   70   H H    . MET A 1 7   ? -2.673  -14.776 2.582   1.00 0.00  ? 7   MET A H    1 
ATOM   71   N N    . THR A 1 8   ? -1.666  -12.340 4.518   1.00 15.74 ? 8   THR A N    1 
ATOM   72   C CA   . THR A 1 8   ? -1.070  -11.599 5.619   1.00 13.26 ? 8   THR A CA   1 
ATOM   73   C C    . THR A 1 8   ? 0.438   -11.454 5.335   1.00 14.94 ? 8   THR A C    1 
ATOM   74   O O    . THR A 1 8   ? 1.023   -10.408 5.605   1.00 15.11 ? 8   THR A O    1 
ATOM   75   C CB   . THR A 1 8   ? -1.326  -12.318 6.988   1.00 10.17 ? 8   THR A CB   1 
ATOM   76   O OG1  . THR A 1 8   ? -2.729  -12.416 7.211   1.00 13.43 ? 8   THR A OG1  1 
ATOM   77   C CG2  . THR A 1 8   ? -0.739  -11.546 8.146   1.00 9.36  ? 8   THR A CG2  1 
ATOM   78   H H    . THR A 1 8   ? -1.958  -13.264 4.677   1.00 0.00  ? 8   THR A H    1 
ATOM   79   H HG1  . THR A 1 8   ? -3.117  -11.540 7.235   1.00 0.00  ? 8   THR A HG1  1 
ATOM   80   N N    . ALA A 1 9   ? 1.057   -12.490 4.771   1.00 13.26 ? 9   ALA A N    1 
ATOM   81   C CA   . ALA A 1 9   ? 2.473   -12.453 4.426   1.00 13.19 ? 9   ALA A CA   1 
ATOM   82   C C    . ALA A 1 9   ? 2.714   -11.357 3.373   1.00 12.21 ? 9   ALA A C    1 
ATOM   83   O O    . ALA A 1 9   ? 3.659   -10.602 3.488   1.00 13.14 ? 9   ALA A O    1 
ATOM   84   C CB   . ALA A 1 9   ? 2.915   -13.798 3.898   1.00 12.92 ? 9   ALA A CB   1 
ATOM   85   H H    . ALA A 1 9   ? 0.542   -13.316 4.593   1.00 0.00  ? 9   ALA A H    1 
ATOM   86   N N    . VAL A 1 10  ? 1.839   -11.271 2.371   1.00 11.49 ? 10  VAL A N    1 
ATOM   87   C CA   . VAL A 1 10  ? 1.910   -10.262 1.310   1.00 8.38  ? 10  VAL A CA   1 
ATOM   88   C C    . VAL A 1 10  ? 1.794   -8.824  1.826   1.00 9.29  ? 10  VAL A C    1 
ATOM   89   O O    . VAL A 1 10  ? 2.452   -7.921  1.316   1.00 11.60 ? 10  VAL A O    1 
ATOM   90   C CB   . VAL A 1 10  ? 0.834   -10.512 0.203   1.00 7.10  ? 10  VAL A CB   1 
ATOM   91   C CG1  . VAL A 1 10  ? 0.711   -9.319  -0.744  1.00 8.80  ? 10  VAL A CG1  1 
ATOM   92   C CG2  . VAL A 1 10  ? 1.205   -11.743 -0.618  1.00 7.15  ? 10  VAL A CG2  1 
ATOM   93   H H    . VAL A 1 10  ? 1.110   -11.922 2.343   1.00 0.00  ? 10  VAL A H    1 
ATOM   94   N N    . VAL A 1 11  ? 0.964   -8.600  2.832   1.00 11.47 ? 11  VAL A N    1 
ATOM   95   C CA   . VAL A 1 11  ? 0.790   -7.270  3.398   1.00 10.56 ? 11  VAL A CA   1 
ATOM   96   C C    . VAL A 1 11  ? 2.060   -6.867  4.118   1.00 11.80 ? 11  VAL A C    1 
ATOM   97   O O    . VAL A 1 11  ? 2.427   -5.701  4.145   1.00 14.51 ? 11  VAL A O    1 
ATOM   98   C CB   . VAL A 1 11  ? -0.377  -7.238  4.417   1.00 11.50 ? 11  VAL A CB   1 
ATOM   99   C CG1  . VAL A 1 11  ? -0.324  -5.954  5.243   1.00 8.68  ? 11  VAL A CG1  1 
ATOM   100  C CG2  . VAL A 1 11  ? -1.719  -7.352  3.693   1.00 6.00  ? 11  VAL A CG2  1 
ATOM   101  H H    . VAL A 1 11  ? 0.451   -9.344  3.204   1.00 0.00  ? 11  VAL A H    1 
ATOM   102  N N    . GLN A 1 12  ? 2.730   -7.847  4.709   1.00 15.80 ? 12  GLN A N    1 
ATOM   103  C CA   . GLN A 1 12  ? 3.963   -7.612  5.460   1.00 14.43 ? 12  GLN A CA   1 
ATOM   104  C C    . GLN A 1 12  ? 5.117   -7.366  4.534   1.00 11.92 ? 12  GLN A C    1 
ATOM   105  O O    . GLN A 1 12  ? 5.986   -6.578  4.835   1.00 15.52 ? 12  GLN A O    1 
ATOM   106  C CB   . GLN A 1 12  ? 4.268   -8.795  6.368   1.00 19.56 ? 12  GLN A CB   1 
ATOM   107  C CG   . GLN A 1 12  ? 3.133   -9.047  7.340   1.00 27.23 ? 12  GLN A CG   1 
ATOM   108  C CD   . GLN A 1 12  ? 3.374   -10.209 8.284   1.00 34.21 ? 12  GLN A CD   1 
ATOM   109  O OE1  . GLN A 1 12  ? 3.401   -10.021 9.497   1.00 39.35 ? 12  GLN A OE1  1 
ATOM   110  N NE2  . GLN A 1 12  ? 3.507   -11.426 7.735   1.00 35.25 ? 12  GLN A NE2  1 
ATOM   111  H H    . GLN A 1 12  ? 2.389   -8.760  4.632   1.00 0.00  ? 12  GLN A H    1 
ATOM   112  H HE21 . GLN A 1 12  ? 3.663   -12.177 8.348   1.00 0.00  ? 12  GLN A HE21 1 
ATOM   113  H HE22 . GLN A 1 12  ? 3.445   -11.535 6.768   1.00 0.00  ? 12  GLN A HE22 1 
ATOM   114  N N    . ARG A 1 13  ? 5.132   -8.054  3.402   1.00 12.10 ? 13  ARG A N    1 
ATOM   115  C CA   . ARG A 1 13  ? 6.170   -7.868  2.399   1.00 11.08 ? 13  ARG A CA   1 
ATOM   116  C C    . ARG A 1 13  ? 6.009   -6.501  1.734   1.00 11.96 ? 13  ARG A C    1 
ATOM   117  O O    . ARG A 1 13  ? 6.981   -5.884  1.354   1.00 15.22 ? 13  ARG A O    1 
ATOM   118  C CB   . ARG A 1 13  ? 6.073   -8.954  1.332   1.00 10.85 ? 13  ARG A CB   1 
ATOM   119  C CG   . ARG A 1 13  ? 6.358   -10.353 1.823   1.00 10.40 ? 13  ARG A CG   1 
ATOM   120  C CD   . ARG A 1 13  ? 6.091   -11.313 0.719   1.00 10.30 ? 13  ARG A CD   1 
ATOM   121  N NE   . ARG A 1 13  ? 5.990   -12.685 1.201   1.00 13.49 ? 13  ARG A NE   1 
ATOM   122  C CZ   . ARG A 1 13  ? 5.434   -13.671 0.501   1.00 14.27 ? 13  ARG A CZ   1 
ATOM   123  N NH1  . ARG A 1 13  ? 4.921   -13.434 -0.704  1.00 14.86 ? 13  ARG A NH1  1 
ATOM   124  N NH2  . ARG A 1 13  ? 5.427   -14.897 0.987   1.00 15.93 ? 13  ARG A NH2  1 
ATOM   125  H H    . ARG A 1 13  ? 4.415   -8.702  3.230   1.00 0.00  ? 13  ARG A H    1 
ATOM   126  H HE   . ARG A 1 13  ? 6.359   -12.891 2.061   1.00 0.00  ? 13  ARG A HE   1 
ATOM   127  H HH11 . ARG A 1 13  ? 4.952   -12.516 -1.092  1.00 0.00  ? 13  ARG A HH11 1 
ATOM   128  H HH12 . ARG A 1 13  ? 4.496   -14.182 -1.220  1.00 0.00  ? 13  ARG A HH12 1 
ATOM   129  H HH21 . ARG A 1 13  ? 5.845   -15.081 1.878   1.00 0.00  ? 13  ARG A HH21 1 
ATOM   130  H HH22 . ARG A 1 13  ? 5.007   -15.638 0.469   1.00 0.00  ? 13  ARG A HH22 1 
ATOM   131  N N    . TYR A 1 14  ? 4.767   -6.066  1.557   1.00 13.20 ? 14  TYR A N    1 
ATOM   132  C CA   . TYR A 1 14  ? 4.442   -4.773  0.962   1.00 10.82 ? 14  TYR A CA   1 
ATOM   133  C C    . TYR A 1 14  ? 4.898   -3.637  1.877   1.00 12.35 ? 14  TYR A C    1 
ATOM   134  O O    . TYR A 1 14  ? 5.583   -2.712  1.460   1.00 15.78 ? 14  TYR A O    1 
ATOM   135  C CB   . TYR A 1 14  ? 2.943   -4.710  0.754   1.00 10.69 ? 14  TYR A CB   1 
ATOM   136  C CG   . TYR A 1 14  ? 2.419   -3.382  0.294   1.00 9.81  ? 14  TYR A CG   1 
ATOM   137  C CD1  . TYR A 1 14  ? 2.576   -2.963  -1.022  1.00 7.19  ? 14  TYR A CD1  1 
ATOM   138  C CD2  . TYR A 1 14  ? 1.752   -2.547  1.183   1.00 7.19  ? 14  TYR A CD2  1 
ATOM   139  C CE1  . TYR A 1 14  ? 2.058   -1.729  -1.434  1.00 9.21  ? 14  TYR A CE1  1 
ATOM   140  C CE2  . TYR A 1 14  ? 1.249   -1.341  0.794   1.00 6.00  ? 14  TYR A CE2  1 
ATOM   141  C CZ   . TYR A 1 14  ? 1.399   -0.923  -0.512  1.00 11.01 ? 14  TYR A CZ   1 
ATOM   142  O OH   . TYR A 1 14  ? 0.862   0.311   -0.863  1.00 13.31 ? 14  TYR A OH   1 
ATOM   143  H H    . TYR A 1 14  ? 4.027   -6.645  1.850   1.00 0.00  ? 14  TYR A H    1 
ATOM   144  H HH   . TYR A 1 14  ? 0.447   0.699   -0.091  1.00 0.00  ? 14  TYR A HH   1 
ATOM   145  N N    . VAL A 1 15  ? 4.538   -3.731  3.143   1.00 12.03 ? 15  VAL A N    1 
ATOM   146  C CA   . VAL A 1 15  ? 4.931   -2.735  4.116   1.00 8.93  ? 15  VAL A CA   1 
ATOM   147  C C    . VAL A 1 15  ? 6.457   -2.662  4.228   1.00 11.75 ? 15  VAL A C    1 
ATOM   148  O O    . VAL A 1 15  ? 7.019   -1.593  4.303   1.00 13.73 ? 15  VAL A O    1 
ATOM   149  C CB   . VAL A 1 15  ? 4.312   -3.034  5.500   1.00 8.14  ? 15  VAL A CB   1 
ATOM   150  C CG1  . VAL A 1 15  ? 5.025   -2.249  6.592   1.00 6.00  ? 15  VAL A CG1  1 
ATOM   151  C CG2  . VAL A 1 15  ? 2.809   -2.707  5.497   1.00 6.00  ? 15  VAL A CG2  1 
ATOM   152  H H    . VAL A 1 15  ? 4.003   -4.504  3.432   1.00 0.00  ? 15  VAL A H    1 
ATOM   153  N N    . ALA A 1 16  ? 7.133   -3.794  4.214   1.00 11.66 ? 16  ALA A N    1 
ATOM   154  C CA   . ALA A 1 16  ? 8.588   -3.807  4.341   1.00 11.40 ? 16  ALA A CA   1 
ATOM   155  C C    . ALA A 1 16  ? 9.313   -3.240  3.128   1.00 11.47 ? 16  ALA A C    1 
ATOM   156  O O    . ALA A 1 16  ? 10.360  -2.602  3.262   1.00 14.06 ? 16  ALA A O    1 
ATOM   157  C CB   . ALA A 1 16  ? 9.080   -5.221  4.625   1.00 6.24  ? 16  ALA A CB   1 
ATOM   158  H H    . ALA A 1 16  ? 6.650   -4.648  4.103   1.00 0.00  ? 16  ALA A H    1 
ATOM   159  N N    . ALA A 1 17  ? 8.757   -3.489  1.951   1.00 12.85 ? 17  ALA A N    1 
ATOM   160  C CA   . ALA A 1 17  ? 9.323   -3.011  0.695   1.00 12.65 ? 17  ALA A CA   1 
ATOM   161  C C    . ALA A 1 17  ? 9.231   -1.489  0.622   1.00 13.95 ? 17  ALA A C    1 
ATOM   162  O O    . ALA A 1 17  ? 10.127  -0.833  0.111   1.00 15.81 ? 17  ALA A O    1 
ATOM   163  C CB   . ALA A 1 17  ? 8.586   -3.645  -0.472  1.00 9.21  ? 17  ALA A CB   1 
ATOM   164  H H    . ALA A 1 17  ? 7.930   -4.019  1.925   1.00 0.00  ? 17  ALA A H    1 
ATOM   165  N N    . LEU A 1 18  ? 8.163   -0.932  1.180   1.00 14.67 ? 18  LEU A N    1 
ATOM   166  C CA   . LEU A 1 18  ? 7.957   0.508   1.201   1.00 12.83 ? 18  LEU A CA   1 
ATOM   167  C C    . LEU A 1 18  ? 9.017   1.123   2.088   1.00 14.42 ? 18  LEU A C    1 
ATOM   168  O O    . LEU A 1 18  ? 9.629   2.131   1.736   1.00 16.47 ? 18  LEU A O    1 
ATOM   169  C CB   . LEU A 1 18  ? 6.594   0.795   1.779   1.00 13.10 ? 18  LEU A CB   1 
ATOM   170  C CG   . LEU A 1 18  ? 5.562   1.582   0.994   1.00 18.23 ? 18  LEU A CG   1 
ATOM   171  C CD1  . LEU A 1 18  ? 5.733   1.431   -0.499  1.00 19.21 ? 18  LEU A CD1  1 
ATOM   172  C CD2  . LEU A 1 18  ? 4.185   1.129   1.460   1.00 13.54 ? 18  LEU A CD2  1 
ATOM   173  H H    . LEU A 1 18  ? 7.489   -1.509  1.590   1.00 0.00  ? 18  LEU A H    1 
ATOM   174  N N    . ASN A 1 19  ? 9.267   0.487   3.223   1.00 15.90 ? 19  ASN A N    1 
ATOM   175  C CA   . ASN A 1 19  ? 10.264  0.978   4.161   1.00 18.53 ? 19  ASN A CA   1 
ATOM   176  C C    . ASN A 1 19  ? 11.640  0.943   3.586   1.00 18.84 ? 19  ASN A C    1 
ATOM   177  O O    . ASN A 1 19  ? 12.498  1.714   3.974   1.00 22.24 ? 19  ASN A O    1 
ATOM   178  C CB   . ASN A 1 19  ? 10.314  0.118   5.402   1.00 18.51 ? 19  ASN A CB   1 
ATOM   179  C CG   . ASN A 1 19  ? 9.351   0.551   6.418   1.00 17.34 ? 19  ASN A CG   1 
ATOM   180  O OD1  . ASN A 1 19  ? 9.273   1.724   6.741   1.00 22.13 ? 19  ASN A OD1  1 
ATOM   181  N ND2  . ASN A 1 19  ? 8.573   -0.383  6.921   1.00 19.76 ? 19  ASN A ND2  1 
ATOM   182  H H    . ASN A 1 19  ? 8.770   -0.325  3.434   1.00 0.00  ? 19  ASN A H    1 
ATOM   183  H HD21 . ASN A 1 19  ? 7.919   -0.108  7.605   1.00 0.00  ? 19  ASN A HD21 1 
ATOM   184  H HD22 . ASN A 1 19  ? 8.648   -1.307  6.614   1.00 0.00  ? 19  ASN A HD22 1 
ATOM   185  N N    . ALA A 1 20  ? 11.885  -0.041  2.745   1.00 18.15 ? 20  ALA A N    1 
ATOM   186  C CA   . ALA A 1 20  ? 13.198  -0.182  2.148   1.00 18.67 ? 20  ALA A CA   1 
ATOM   187  C C    . ALA A 1 20  ? 13.364  0.576   0.820   1.00 18.23 ? 20  ALA A C    1 
ATOM   188  O O    . ALA A 1 20  ? 14.472  0.776   0.365   1.00 23.93 ? 20  ALA A O    1 
ATOM   189  C CB   . ALA A 1 20  ? 13.525  -1.677  1.972   1.00 14.69 ? 20  ALA A CB   1 
ATOM   190  H H    . ALA A 1 20  ? 11.177  -0.689  2.529   1.00 0.00  ? 20  ALA A H    1 
ATOM   191  N N    . GLY A 1 21  ? 12.274  1.020   0.210   1.00 19.03 ? 21  GLY A N    1 
ATOM   192  C CA   . GLY A 1 21  ? 12.378  1.713   -1.062  1.00 17.10 ? 21  GLY A CA   1 
ATOM   193  C C    . GLY A 1 21  ? 12.673  0.708   -2.155  1.00 17.08 ? 21  GLY A C    1 
ATOM   194  O O    . GLY A 1 21  ? 13.265  1.035   -3.180  1.00 19.83 ? 21  GLY A O    1 
ATOM   195  H H    . GLY A 1 21  ? 11.391  0.875   0.616   1.00 0.00  ? 21  GLY A H    1 
ATOM   196  N N    . ASP A 1 22  ? 12.206  -0.517  -1.934  1.00 18.35 ? 22  ASP A N    1 
ATOM   197  C CA   . ASP A 1 22  ? 12.392  -1.658  -2.832  1.00 17.01 ? 22  ASP A CA   1 
ATOM   198  C C    . ASP A 1 22  ? 11.219  -1.688  -3.812  1.00 17.76 ? 22  ASP A C    1 
ATOM   199  O O    . ASP A 1 22  ? 10.212  -2.370  -3.589  1.00 20.66 ? 22  ASP A O    1 
ATOM   200  C CB   . ASP A 1 22  ? 12.460  -2.927  -1.953  1.00 16.29 ? 22  ASP A CB   1 
ATOM   201  C CG   . ASP A 1 22  ? 12.726  -4.206  -2.716  1.00 14.12 ? 22  ASP A CG   1 
ATOM   202  O OD1  . ASP A 1 22  ? 12.949  -4.204  -3.932  1.00 16.98 ? 22  ASP A OD1  1 
ATOM   203  O OD2  . ASP A 1 22  ? 12.705  -5.251  -2.042  1.00 18.97 ? 22  ASP A OD2  1 
ATOM   204  H H    . ASP A 1 22  ? 11.692  -0.662  -1.112  1.00 0.00  ? 22  ASP A H    1 
ATOM   205  N N    . LEU A 1 23  ? 11.392  -0.973  -4.924  1.00 17.20 ? 23  LEU A N    1 
ATOM   206  C CA   . LEU A 1 23  ? 10.381  -0.848  -5.966  1.00 17.18 ? 23  LEU A CA   1 
ATOM   207  C C    . LEU A 1 23  ? 10.053  -2.155  -6.674  1.00 17.45 ? 23  LEU A C    1 
ATOM   208  O O    . LEU A 1 23  ? 8.886   -2.442  -6.931  1.00 23.92 ? 23  LEU A O    1 
ATOM   209  C CB   . LEU A 1 23  ? 10.796  0.254   -6.946  1.00 15.54 ? 23  LEU A CB   1 
ATOM   210  C CG   . LEU A 1 23  ? 9.744   1.123   -7.628  1.00 14.76 ? 23  LEU A CG   1 
ATOM   211  C CD1  . LEU A 1 23  ? 8.601   1.485   -6.737  1.00 14.76 ? 23  LEU A CD1  1 
ATOM   212  C CD2  . LEU A 1 23  ? 10.447  2.357   -8.080  1.00 18.39 ? 23  LEU A CD2  1 
ATOM   213  H H    . LEU A 1 23  ? 12.240  -0.501  -5.041  1.00 0.00  ? 23  LEU A H    1 
ATOM   214  N N    . ASP A 1 24  ? 11.066  -2.971  -6.945  1.00 16.07 ? 24  ASP A N    1 
ATOM   215  C CA   . ASP A 1 24  ? 10.867  -4.261  -7.589  1.00 15.20 ? 24  ASP A CA   1 
ATOM   216  C C    . ASP A 1 24  ? 10.071  -5.191  -6.665  1.00 13.03 ? 24  ASP A C    1 
ATOM   217  O O    . ASP A 1 24  ? 9.271   -5.982  -7.129  1.00 13.20 ? 24  ASP A O    1 
ATOM   218  C CB   . ASP A 1 24  ? 12.224  -4.916  -7.905  1.00 21.73 ? 24  ASP A CB   1 
ATOM   219  C CG   . ASP A 1 24  ? 12.873  -4.409  -9.213  1.00 24.86 ? 24  ASP A CG   1 
ATOM   220  O OD1  . ASP A 1 24  ? 14.086  -4.653  -9.392  1.00 30.97 ? 24  ASP A OD1  1 
ATOM   221  O OD2  . ASP A 1 24  ? 12.193  -3.815  -10.078 1.00 28.41 ? 24  ASP A OD2  1 
ATOM   222  H H    . ASP A 1 24  ? 11.974  -2.696  -6.695  1.00 0.00  ? 24  ASP A H    1 
ATOM   223  H HD2  . ASP A 1 24  ? 11.487  -4.398  -10.385 1.00 0.00  ? 24  ASP A HD2  1 
ATOM   224  N N    . GLY A 1 25  ? 10.351  -5.113  -5.362  1.00 12.20 ? 25  GLY A N    1 
ATOM   225  C CA   . GLY A 1 25  ? 9.679   -5.923  -4.347  1.00 10.13 ? 25  GLY A CA   1 
ATOM   226  C C    . GLY A 1 25  ? 8.199   -5.601  -4.168  1.00 15.46 ? 25  GLY A C    1 
ATOM   227  O O    . GLY A 1 25  ? 7.421   -6.467  -3.784  1.00 19.30 ? 25  GLY A O    1 
ATOM   228  H H    . GLY A 1 25  ? 11.039  -4.490  -5.071  1.00 0.00  ? 25  GLY A H    1 
ATOM   229  N N    . ILE A 1 26  ? 7.820   -4.359  -4.448  1.00 13.03 ? 26  ILE A N    1 
ATOM   230  C CA   . ILE A 1 26  ? 6.443   -3.920  -4.364  1.00 10.39 ? 26  ILE A CA   1 
ATOM   231  C C    . ILE A 1 26  ? 5.678   -4.347  -5.631  1.00 14.85 ? 26  ILE A C    1 
ATOM   232  O O    . ILE A 1 26  ? 4.601   -4.947  -5.563  1.00 15.39 ? 26  ILE A O    1 
ATOM   233  C CB   . ILE A 1 26  ? 6.402   -2.378  -4.257  1.00 9.45  ? 26  ILE A CB   1 
ATOM   234  C CG1  . ILE A 1 26  ? 7.018   -1.917  -2.931  1.00 7.07  ? 26  ILE A CG1  1 
ATOM   235  C CG2  . ILE A 1 26  ? 4.989   -1.881  -4.362  1.00 13.55 ? 26  ILE A CG2  1 
ATOM   236  C CD1  . ILE A 1 26  ? 7.203   -0.422  -2.818  1.00 7.51  ? 26  ILE A CD1  1 
ATOM   237  H H    . ILE A 1 26  ? 8.502   -3.712  -4.721  1.00 0.00  ? 26  ILE A H    1 
ATOM   238  N N    . VAL A 1 27  ? 6.268   -4.077  -6.794  1.00 14.40 ? 27  VAL A N    1 
ATOM   239  C CA   . VAL A 1 27  ? 5.651   -4.376  -8.088  1.00 12.57 ? 27  VAL A CA   1 
ATOM   240  C C    . VAL A 1 27  ? 5.462   -5.863  -8.324  1.00 15.67 ? 27  VAL A C    1 
ATOM   241  O O    . VAL A 1 27  ? 4.504   -6.293  -8.970  1.00 14.69 ? 27  VAL A O    1 
ATOM   242  C CB   . VAL A 1 27  ? 6.476   -3.754  -9.242  1.00 10.94 ? 27  VAL A CB   1 
ATOM   243  C CG1  . VAL A 1 27  ? 5.886   -4.133  -10.567 1.00 10.23 ? 27  VAL A CG1  1 
ATOM   244  C CG2  . VAL A 1 27  ? 6.511   -2.243  -9.096  1.00 9.86  ? 27  VAL A CG2  1 
ATOM   245  H H    . VAL A 1 27  ? 7.157   -3.663  -6.787  1.00 0.00  ? 27  VAL A H    1 
ATOM   246  N N    . ALA A 1 28  ? 6.374   -6.640  -7.759  1.00 15.58 ? 28  ALA A N    1 
ATOM   247  C CA   . ALA A 1 28  ? 6.332   -8.085  -7.874  1.00 15.74 ? 28  ALA A CA   1 
ATOM   248  C C    . ALA A 1 28  ? 5.126   -8.696  -7.143  1.00 17.31 ? 28  ALA A C    1 
ATOM   249  O O    . ALA A 1 28  ? 4.792   -9.856  -7.362  1.00 20.82 ? 28  ALA A O    1 
ATOM   250  C CB   . ALA A 1 28  ? 7.612   -8.669  -7.320  1.00 15.46 ? 28  ALA A CB   1 
ATOM   251  H H    . ALA A 1 28  ? 7.101   -6.224  -7.248  1.00 0.00  ? 28  ALA A H    1 
ATOM   252  N N    . LEU A 1 29  ? 4.513   -7.925  -6.250  1.00 19.28 ? 29  LEU A N    1 
ATOM   253  C CA   . LEU A 1 29  ? 3.362   -8.375  -5.466  1.00 16.68 ? 29  LEU A CA   1 
ATOM   254  C C    . LEU A 1 29  ? 2.040   -8.303  -6.242  1.00 18.24 ? 29  LEU A C    1 
ATOM   255  O O    . LEU A 1 29  ? 1.066   -8.967  -5.886  1.00 21.48 ? 29  LEU A O    1 
ATOM   256  C CB   . LEU A 1 29  ? 3.259   -7.509  -4.214  1.00 12.02 ? 29  LEU A CB   1 
ATOM   257  C CG   . LEU A 1 29  ? 3.815   -7.951  -2.863  1.00 12.03 ? 29  LEU A CG   1 
ATOM   258  C CD1  . LEU A 1 29  ? 4.938   -8.924  -3.006  1.00 11.04 ? 29  LEU A CD1  1 
ATOM   259  C CD2  . LEU A 1 29  ? 4.212   -6.747  -2.053  1.00 9.37  ? 29  LEU A CD2  1 
ATOM   260  H H    . LEU A 1 29  ? 4.837   -7.015  -6.114  1.00 0.00  ? 29  LEU A H    1 
ATOM   261  N N    . PHE A 1 30  ? 2.029   -7.522  -7.320  1.00 18.18 ? 30  PHE A N    1 
ATOM   262  C CA   . PHE A 1 30  ? 0.845   -7.290  -8.145  1.00 15.17 ? 30  PHE A CA   1 
ATOM   263  C C    . PHE A 1 30  ? 0.713   -8.123  -9.406  1.00 16.95 ? 30  PHE A C    1 
ATOM   264  O O    . PHE A 1 30  ? 1.707   -8.547  -9.969  1.00 18.19 ? 30  PHE A O    1 
ATOM   265  C CB   . PHE A 1 30  ? 0.833   -5.817  -8.583  1.00 11.77 ? 30  PHE A CB   1 
ATOM   266  C CG   . PHE A 1 30  ? 0.526   -4.851  -7.480  1.00 12.43 ? 30  PHE A CG   1 
ATOM   267  C CD1  . PHE A 1 30  ? 1.545   -4.343  -6.684  1.00 8.19  ? 30  PHE A CD1  1 
ATOM   268  C CD2  . PHE A 1 30  ? -0.787  -4.469  -7.227  1.00 8.56  ? 30  PHE A CD2  1 
ATOM   269  C CE1  . PHE A 1 30  ? 1.270   -3.478  -5.645  1.00 10.89 ? 30  PHE A CE1  1 
ATOM   270  C CE2  . PHE A 1 30  ? -1.078  -3.607  -6.204  1.00 11.34 ? 30  PHE A CE2  1 
ATOM   271  C CZ   . PHE A 1 30  ? -0.045  -3.103  -5.394  1.00 12.25 ? 30  PHE A CZ   1 
ATOM   272  H H    . PHE A 1 30  ? 2.866   -7.078  -7.572  1.00 0.00  ? 30  PHE A H    1 
ATOM   273  N N    . ALA A 1 31  ? -0.532  -8.308  -9.854  1.00 17.84 ? 31  ALA A N    1 
ATOM   274  C CA   . ALA A 1 31  ? -0.861  -9.009  -11.104 1.00 18.09 ? 31  ALA A CA   1 
ATOM   275  C C    . ALA A 1 31  ? -0.549  -7.992  -12.224 1.00 20.81 ? 31  ALA A C    1 
ATOM   276  O O    . ALA A 1 31  ? -0.708  -6.782  -12.035 1.00 20.47 ? 31  ALA A O    1 
ATOM   277  C CB   . ALA A 1 31  ? -2.356  -9.355  -11.132 1.00 16.07 ? 31  ALA A CB   1 
ATOM   278  H H    . ALA A 1 31  ? -1.271  -7.964  -9.316  1.00 0.00  ? 31  ALA A H    1 
ATOM   279  N N    . ASP A 1 32  ? -0.207  -8.465  -13.412 1.00 24.05 ? 32  ASP A N    1 
ATOM   280  C CA   . ASP A 1 32  ? 0.151   -7.547  -14.495 1.00 31.71 ? 32  ASP A CA   1 
ATOM   281  C C    . ASP A 1 32  ? -0.966  -6.628  -14.971 1.00 28.77 ? 32  ASP A C    1 
ATOM   282  O O    . ASP A 1 32  ? -0.722  -5.612  -15.628 1.00 29.69 ? 32  ASP A O    1 
ATOM   283  C CB   . ASP A 1 32  ? 0.800   -8.301  -15.669 1.00 45.52 ? 32  ASP A CB   1 
ATOM   284  C CG   . ASP A 1 32  ? -0.080  -9.421  -16.229 1.00 60.40 ? 32  ASP A CG   1 
ATOM   285  O OD1  . ASP A 1 32  ? -0.716  -10.156 -15.423 1.00 70.00 ? 32  ASP A OD1  1 
ATOM   286  O OD2  . ASP A 1 32  ? -0.122  -9.571  -17.485 1.00 66.54 ? 32  ASP A OD2  1 
ATOM   287  H H    . ASP A 1 32  ? -0.186  -9.428  -13.564 1.00 0.00  ? 32  ASP A H    1 
ATOM   288  N N    . ASP A 1 33  ? -2.188  -6.970  -14.595 1.00 25.53 ? 33  ASP A N    1 
ATOM   289  C CA   . ASP A 1 33  ? -3.342  -6.184  -14.969 1.00 23.84 ? 33  ASP A CA   1 
ATOM   290  C C    . ASP A 1 33  ? -3.982  -5.565  -13.737 1.00 21.11 ? 33  ASP A C    1 
ATOM   291  O O    . ASP A 1 33  ? -5.112  -5.111  -13.794 1.00 24.45 ? 33  ASP A O    1 
ATOM   292  C CB   . ASP A 1 33  ? -4.356  -7.067  -15.700 1.00 29.65 ? 33  ASP A CB   1 
ATOM   293  C CG   . ASP A 1 33  ? -4.819  -8.258  -14.865 1.00 37.14 ? 33  ASP A CG   1 
ATOM   294  O OD1  . ASP A 1 33  ? -3.987  -8.910  -14.190 1.00 41.95 ? 33  ASP A OD1  1 
ATOM   295  O OD2  . ASP A 1 33  ? -6.034  -8.561  -14.899 1.00 44.28 ? 33  ASP A OD2  1 
ATOM   296  H H    . ASP A 1 33  ? -2.313  -7.769  -14.051 1.00 0.00  ? 33  ASP A H    1 
ATOM   297  N N    . ALA A 1 34  ? -3.255  -5.563  -12.624 1.00 20.03 ? 34  ALA A N    1 
ATOM   298  C CA   . ALA A 1 34  ? -3.739  -5.003  -11.354 1.00 17.37 ? 34  ALA A CA   1 
ATOM   299  C C    . ALA A 1 34  ? -4.013  -3.511  -11.432 1.00 16.96 ? 34  ALA A C    1 
ATOM   300  O O    . ALA A 1 34  ? -3.497  -2.846  -12.319 1.00 16.16 ? 34  ALA A O    1 
ATOM   301  C CB   . ALA A 1 34  ? -2.726  -5.276  -10.251 1.00 18.44 ? 34  ALA A CB   1 
ATOM   302  H H    . ALA A 1 34  ? -2.351  -5.947  -12.648 1.00 0.00  ? 34  ALA A H    1 
ATOM   303  N N    . THR A 1 35  ? -4.824  -2.992  -10.513 1.00 16.03 ? 35  THR A N    1 
ATOM   304  C CA   . THR A 1 35  ? -5.134  -1.558  -10.464 1.00 15.88 ? 35  THR A CA   1 
ATOM   305  C C    . THR A 1 35  ? -4.860  -1.031  -9.055  1.00 14.88 ? 35  THR A C    1 
ATOM   306  O O    . THR A 1 35  ? -4.996  -1.768  -8.067  1.00 14.11 ? 35  THR A O    1 
ATOM   307  C CB   . THR A 1 35  ? -6.623  -1.229  -10.813 1.00 18.20 ? 35  THR A CB   1 
ATOM   308  O OG1  . THR A 1 35  ? -7.499  -1.972  -9.960  1.00 27.79 ? 35  THR A OG1  1 
ATOM   309  C CG2  . THR A 1 35  ? -6.950  -1.554  -12.247 1.00 16.66 ? 35  THR A CG2  1 
ATOM   310  H H    . THR A 1 35  ? -5.230  -3.584  -9.845  1.00 0.00  ? 35  THR A H    1 
ATOM   311  H HG1  . THR A 1 35  ? -7.312  -1.757  -9.051  1.00 0.00  ? 35  THR A HG1  1 
ATOM   312  N N    . VAL A 1 36  ? -4.500  0.249   -8.972  1.00 16.52 ? 36  VAL A N    1 
ATOM   313  C CA   . VAL A 1 36  ? -4.204  0.911   -7.708  1.00 15.97 ? 36  VAL A CA   1 
ATOM   314  C C    . VAL A 1 36  ? -5.003  2.196   -7.685  1.00 17.74 ? 36  VAL A C    1 
ATOM   315  O O    . VAL A 1 36  ? -4.949  2.974   -8.625  1.00 20.66 ? 36  VAL A O    1 
ATOM   316  C CB   . VAL A 1 36  ? -2.696  1.238   -7.588  1.00 14.92 ? 36  VAL A CB   1 
ATOM   317  C CG1  . VAL A 1 36  ? -2.437  2.209   -6.481  1.00 10.62 ? 36  VAL A CG1  1 
ATOM   318  C CG2  . VAL A 1 36  ? -1.901  -0.034  -7.332  1.00 12.22 ? 36  VAL A CG2  1 
ATOM   319  H H    . VAL A 1 36  ? -4.435  0.769   -9.803  1.00 0.00  ? 36  VAL A H    1 
ATOM   320  N N    . GLU A 1 37  ? -5.763  2.405   -6.622  1.00 16.54 ? 37  GLU A N    1 
ATOM   321  C CA   . GLU A 1 37  ? -6.567  3.603   -6.471  1.00 14.81 ? 37  GLU A CA   1 
ATOM   322  C C    . GLU A 1 37  ? -6.123  4.196   -5.146  1.00 15.98 ? 37  GLU A C    1 
ATOM   323  O O    . GLU A 1 37  ? -6.518  3.758   -4.072  1.00 13.11 ? 37  GLU A O    1 
ATOM   324  C CB   . GLU A 1 37  ? -8.034  3.219   -6.439  1.00 14.04 ? 37  GLU A CB   1 
ATOM   325  C CG   . GLU A 1 37  ? -8.973  4.383   -6.391  1.00 16.48 ? 37  GLU A CG   1 
ATOM   326  C CD   . GLU A 1 37  ? -10.405 3.930   -6.403  1.00 18.35 ? 37  GLU A CD   1 
ATOM   327  O OE1  . GLU A 1 37  ? -10.665 2.798   -6.857  1.00 27.85 ? 37  GLU A OE1  1 
ATOM   328  O OE2  . GLU A 1 37  ? -11.282 4.695   -5.968  1.00 22.68 ? 37  GLU A OE2  1 
ATOM   329  H H    . GLU A 1 37  ? -5.785  1.724   -5.911  1.00 0.00  ? 37  GLU A H    1 
ATOM   330  N N    . ASP A 1 38  ? -5.234  5.167   -5.239  1.00 21.10 ? 38  ASP A N    1 
ATOM   331  C CA   . ASP A 1 38  ? -4.654  5.812   -4.075  1.00 21.60 ? 38  ASP A CA   1 
ATOM   332  C C    . ASP A 1 38  ? -4.721  7.316   -4.338  1.00 26.04 ? 38  ASP A C    1 
ATOM   333  O O    . ASP A 1 38  ? -4.021  7.829   -5.211  1.00 29.83 ? 38  ASP A O    1 
ATOM   334  C CB   . ASP A 1 38  ? -3.200  5.354   -3.973  1.00 23.03 ? 38  ASP A CB   1 
ATOM   335  C CG   . ASP A 1 38  ? -2.590  5.576   -2.606  1.00 22.28 ? 38  ASP A CG   1 
ATOM   336  O OD1  . ASP A 1 38  ? -2.978  6.529   -1.904  1.00 21.58 ? 38  ASP A OD1  1 
ATOM   337  O OD2  . ASP A 1 38  ? -1.696  4.783   -2.237  1.00 29.12 ? 38  ASP A OD2  1 
ATOM   338  H H    . ASP A 1 38  ? -4.952  5.457   -6.116  1.00 0.00  ? 38  ASP A H    1 
ATOM   339  N N    . PRO A 1 39  ? -5.621  8.027   -3.636  1.00 27.00 ? 39  PRO A N    1 
ATOM   340  C CA   . PRO A 1 39  ? -6.559  7.528   -2.628  1.00 24.28 ? 39  PRO A CA   1 
ATOM   341  C C    . PRO A 1 39  ? -7.865  7.131   -3.287  1.00 21.60 ? 39  PRO A C    1 
ATOM   342  O O    . PRO A 1 39  ? -8.040  7.316   -4.495  1.00 21.40 ? 39  PRO A O    1 
ATOM   343  C CB   . PRO A 1 39  ? -6.776  8.753   -1.766  1.00 26.63 ? 39  PRO A CB   1 
ATOM   344  C CG   . PRO A 1 39  ? -6.899  9.808   -2.805  1.00 26.92 ? 39  PRO A CG   1 
ATOM   345  C CD   . PRO A 1 39  ? -5.747  9.486   -3.764  1.00 25.94 ? 39  PRO A CD   1 
ATOM   346  N N    . VAL A 1 40  ? -8.783  6.610   -2.487  1.00 19.97 ? 40  VAL A N    1 
ATOM   347  C CA   . VAL A 1 40  ? -10.079 6.215   -2.993  1.00 20.88 ? 40  VAL A CA   1 
ATOM   348  C C    . VAL A 1 40  ? -10.736 7.438   -3.610  1.00 23.48 ? 40  VAL A C    1 
ATOM   349  O O    . VAL A 1 40  ? -10.535 8.549   -3.138  1.00 25.62 ? 40  VAL A O    1 
ATOM   350  C CB   . VAL A 1 40  ? -10.938 5.620   -1.868  1.00 18.51 ? 40  VAL A CB   1 
ATOM   351  C CG1  . VAL A 1 40  ? -12.407 5.645   -2.239  1.00 20.04 ? 40  VAL A CG1  1 
ATOM   352  C CG2  . VAL A 1 40  ? -10.498 4.204   -1.629  1.00 14.10 ? 40  VAL A CG2  1 
ATOM   353  H H    . VAL A 1 40  ? -8.578  6.489   -1.539  1.00 0.00  ? 40  VAL A H    1 
ATOM   354  N N    . GLY A 1 41  ? -11.458 7.239   -4.702  1.00 28.20 ? 41  GLY A N    1 
ATOM   355  C CA   . GLY A 1 41  ? -12.121 8.340   -5.378  1.00 33.72 ? 41  GLY A CA   1 
ATOM   356  C C    . GLY A 1 41  ? -11.422 8.833   -6.639  1.00 36.29 ? 41  GLY A C    1 
ATOM   357  O O    . GLY A 1 41  ? -12.087 9.188   -7.615  1.00 35.89 ? 41  GLY A O    1 
ATOM   358  H H    . GLY A 1 41  ? -11.541 6.335   -5.075  1.00 0.00  ? 41  GLY A H    1 
ATOM   359  N N    . SER A 1 42  ? -10.092 8.914   -6.591  1.00 37.53 ? 42  SER A N    1 
ATOM   360  C CA   . SER A 1 42  ? -9.321  9.356   -7.741  1.00 37.58 ? 42  SER A CA   1 
ATOM   361  C C    . SER A 1 42  ? -9.408  8.332   -8.877  1.00 41.62 ? 42  SER A C    1 
ATOM   362  O O    . SER A 1 42  ? -10.171 7.369   -8.826  1.00 40.38 ? 42  SER A O    1 
ATOM   363  C CB   . SER A 1 42  ? -7.863  9.580   -7.350  1.00 33.50 ? 42  SER A CB   1 
ATOM   364  O OG   . SER A 1 42  ? -7.174  8.364   -7.154  1.00 33.47 ? 42  SER A OG   1 
ATOM   365  H H    . SER A 1 42  ? -9.629  8.674   -5.769  1.00 0.00  ? 42  SER A H    1 
ATOM   366  H HG   . SER A 1 42  ? -7.596  7.851   -6.456  1.00 0.00  ? 42  SER A HG   1 
ATOM   367  N N    . GLU A 1 43  ? -8.577  8.523   -9.887  1.00 46.98 ? 43  GLU A N    1 
ATOM   368  C CA   . GLU A 1 43  ? -8.556  7.621   -11.028 1.00 50.51 ? 43  GLU A CA   1 
ATOM   369  C C    . GLU A 1 43  ? -7.440  6.583   -10.791 1.00 45.86 ? 43  GLU A C    1 
ATOM   370  O O    . GLU A 1 43  ? -6.313  6.921   -10.398 1.00 45.68 ? 43  GLU A O    1 
ATOM   371  C CB   . GLU A 1 43  ? -8.372  8.409   -12.342 1.00 60.24 ? 43  GLU A CB   1 
ATOM   372  C CG   . GLU A 1 43  ? -9.650  9.122   -12.885 1.00 75.00 ? 43  GLU A CG   1 
ATOM   373  C CD   . GLU A 1 43  ? -10.260 10.197  -11.945 1.00 83.52 ? 43  GLU A CD   1 
ATOM   374  O OE1  . GLU A 1 43  ? -9.562  11.193  -11.610 1.00 87.18 ? 43  GLU A OE1  1 
ATOM   375  O OE2  . GLU A 1 43  ? -11.448 10.055  -11.573 1.00 86.24 ? 43  GLU A OE2  1 
ATOM   376  H H    . GLU A 1 43  ? -7.956  9.278   -9.863  1.00 0.00  ? 43  GLU A H    1 
ATOM   377  N N    . PRO A 1 44  ? -7.771  5.295   -10.982 1.00 39.42 ? 44  PRO A N    1 
ATOM   378  C CA   . PRO A 1 44  ? -6.858  4.170   -10.797 1.00 36.94 ? 44  PRO A CA   1 
ATOM   379  C C    . PRO A 1 44  ? -5.749  4.005   -11.820 1.00 33.69 ? 44  PRO A C    1 
ATOM   380  O O    . PRO A 1 44  ? -5.988  4.090   -13.018 1.00 35.92 ? 44  PRO A O    1 
ATOM   381  C CB   . PRO A 1 44  ? -7.806  2.974   -10.801 1.00 37.59 ? 44  PRO A CB   1 
ATOM   382  C CG   . PRO A 1 44  ? -8.868  3.400   -11.743 1.00 39.00 ? 44  PRO A CG   1 
ATOM   383  C CD   . PRO A 1 44  ? -9.128  4.814   -11.312 1.00 37.14 ? 44  PRO A CD   1 
ATOM   384  N N    . ARG A 1 45  ? -4.529  3.789   -11.341 1.00 31.08 ? 45  ARG A N    1 
ATOM   385  C CA   . ARG A 1 45  ? -3.393  3.552   -12.219 1.00 27.52 ? 45  ARG A CA   1 
ATOM   386  C C    . ARG A 1 45  ? -3.591  2.087   -12.602 1.00 25.69 ? 45  ARG A C    1 
ATOM   387  O O    . ARG A 1 45  ? -3.892  1.268   -11.728 1.00 24.25 ? 45  ARG A O    1 
ATOM   388  C CB   . ARG A 1 45  ? -2.057  3.652   -11.460 1.00 31.57 ? 45  ARG A CB   1 
ATOM   389  C CG   . ARG A 1 45  ? -2.019  4.576   -10.275 1.00 38.19 ? 45  ARG A CG   1 
ATOM   390  C CD   . ARG A 1 45  ? -1.796  6.018   -10.654 1.00 44.43 ? 45  ARG A CD   1 
ATOM   391  N NE   . ARG A 1 45  ? -2.344  6.895   -9.615  1.00 53.63 ? 45  ARG A NE   1 
ATOM   392  C CZ   . ARG A 1 45  ? -2.060  8.189   -9.477  1.00 54.27 ? 45  ARG A CZ   1 
ATOM   393  N NH1  . ARG A 1 45  ? -1.207  8.787   -10.306 1.00 52.30 ? 45  ARG A NH1  1 
ATOM   394  N NH2  . ARG A 1 45  ? -2.682  8.900   -8.537  1.00 56.41 ? 45  ARG A NH2  1 
ATOM   395  H H    . ARG A 1 45  ? -4.394  3.804   -10.373 1.00 0.00  ? 45  ARG A H    1 
ATOM   396  H HE   . ARG A 1 45  ? -2.963  6.499   -8.972  1.00 0.00  ? 45  ARG A HE   1 
ATOM   397  H HH11 . ARG A 1 45  ? -0.776  8.264   -11.040 1.00 0.00  ? 45  ARG A HH11 1 
ATOM   398  H HH12 . ARG A 1 45  ? -1.002  9.759   -10.196 1.00 0.00  ? 45  ARG A HH12 1 
ATOM   399  H HH21 . ARG A 1 45  ? -3.352  8.459   -7.940  1.00 0.00  ? 45  ARG A HH21 1 
ATOM   400  H HH22 . ARG A 1 45  ? -2.475  9.872   -8.424  1.00 0.00  ? 45  ARG A HH22 1 
ATOM   401  N N    . SER A 1 46  ? -3.365  1.746   -13.866 1.00 22.53 ? 46  SER A N    1 
ATOM   402  C CA   . SER A 1 46  ? -3.532  0.369   -14.315 1.00 22.96 ? 46  SER A CA   1 
ATOM   403  C C    . SER A 1 46  ? -2.281  -0.252  -14.975 1.00 22.84 ? 46  SER A C    1 
ATOM   404  O O    . SER A 1 46  ? -1.574  0.414   -15.727 1.00 25.77 ? 46  SER A O    1 
ATOM   405  C CB   . SER A 1 46  ? -4.712  0.303   -15.284 1.00 24.65 ? 46  SER A CB   1 
ATOM   406  O OG   . SER A 1 46  ? -5.122  -1.035  -15.497 1.00 34.35 ? 46  SER A OG   1 
ATOM   407  H H    . SER A 1 46  ? -3.086  2.429   -14.509 1.00 0.00  ? 46  SER A H    1 
ATOM   408  H HG   . SER A 1 46  ? -5.394  -1.424  -14.656 1.00 0.00  ? 46  SER A HG   1 
ATOM   409  N N    . GLY A 1 47  ? -2.007  -1.524  -14.686 1.00 21.06 ? 47  GLY A N    1 
ATOM   410  C CA   . GLY A 1 47  ? -0.864  -2.195  -15.286 1.00 21.07 ? 47  GLY A CA   1 
ATOM   411  C C    . GLY A 1 47  ? 0.457   -1.998  -14.565 1.00 22.96 ? 47  GLY A C    1 
ATOM   412  O O    . GLY A 1 47  ? 0.639   -1.043  -13.806 1.00 26.42 ? 47  GLY A O    1 
ATOM   413  H H    . GLY A 1 47  ? -2.578  -2.015  -14.064 1.00 0.00  ? 47  GLY A H    1 
ATOM   414  N N    . THR A 1 48  ? 1.414   -2.861  -14.868 1.00 21.93 ? 48  THR A N    1 
ATOM   415  C CA   . THR A 1 48  ? 2.726   -2.826  -14.245 1.00 21.15 ? 48  THR A CA   1 
ATOM   416  C C    . THR A 1 48  ? 3.533   -1.504  -14.314 1.00 19.94 ? 48  THR A C    1 
ATOM   417  O O    . THR A 1 48  ? 4.012   -1.007  -13.297 1.00 21.21 ? 48  THR A O    1 
ATOM   418  C CB   . THR A 1 48  ? 3.545   -3.991  -14.767 1.00 21.17 ? 48  THR A CB   1 
ATOM   419  O OG1  . THR A 1 48  ? 2.754   -5.187  -14.670 1.00 28.97 ? 48  THR A OG1  1 
ATOM   420  C CG2  . THR A 1 48  ? 4.803   -4.174  -13.942 1.00 22.60 ? 48  THR A CG2  1 
ATOM   421  H H    . THR A 1 48  ? 1.223   -3.562  -15.529 1.00 0.00  ? 48  THR A H    1 
ATOM   422  H HG1  . THR A 1 48  ? 3.262   -5.933  -14.996 1.00 0.00  ? 48  THR A HG1  1 
ATOM   423  N N    . ALA A 1 49  ? 3.669   -0.921  -15.496 1.00 21.07 ? 49  ALA A N    1 
ATOM   424  C CA   . ALA A 1 49  ? 4.418   0.327   -15.664 1.00 17.75 ? 49  ALA A CA   1 
ATOM   425  C C    . ALA A 1 49  ? 3.843   1.531   -14.930 1.00 17.64 ? 49  ALA A C    1 
ATOM   426  O O    . ALA A 1 49  ? 4.580   2.308   -14.371 1.00 18.63 ? 49  ALA A O    1 
ATOM   427  C CB   . ALA A 1 49  ? 4.562   0.634   -17.143 1.00 19.41 ? 49  ALA A CB   1 
ATOM   428  H H    . ALA A 1 49  ? 3.248   -1.340  -16.278 1.00 0.00  ? 49  ALA A H    1 
ATOM   429  N N    . ALA A 1 50  ? 2.523   1.686   -14.949 1.00 19.72 ? 50  ALA A N    1 
ATOM   430  C CA   . ALA A 1 50  ? 1.845   2.793   -14.259 1.00 18.12 ? 50  ALA A CA   1 
ATOM   431  C C    . ALA A 1 50  ? 2.021   2.671   -12.746 1.00 19.80 ? 50  ALA A C    1 
ATOM   432  O O    . ALA A 1 50  ? 2.306   3.653   -12.056 1.00 21.39 ? 50  ALA A O    1 
ATOM   433  C CB   . ALA A 1 50  ? 0.362   2.790   -14.605 1.00 12.55 ? 50  ALA A CB   1 
ATOM   434  H H    . ALA A 1 50  ? 1.977   1.036   -15.447 1.00 0.00  ? 50  ALA A H    1 
ATOM   435  N N    . ILE A 1 51  ? 1.843   1.447   -12.242 1.00 21.07 ? 51  ILE A N    1 
ATOM   436  C CA   . ILE A 1 51  ? 1.977   1.135   -10.815 1.00 17.49 ? 51  ILE A CA   1 
ATOM   437  C C    . ILE A 1 51  ? 3.422   1.397   -10.353 1.00 17.79 ? 51  ILE A C    1 
ATOM   438  O O    . ILE A 1 51  ? 3.650   2.022   -9.321  1.00 19.62 ? 51  ILE A O    1 
ATOM   439  C CB   . ILE A 1 51  ? 1.514   -0.326  -10.553 1.00 13.55 ? 51  ILE A CB   1 
ATOM   440  C CG1  . ILE A 1 51  ? 0.021   -0.416  -10.751 1.00 15.94 ? 51  ILE A CG1  1 
ATOM   441  C CG2  . ILE A 1 51  ? 1.841   -0.788  -9.169  1.00 13.17 ? 51  ILE A CG2  1 
ATOM   442  C CD1  . ILE A 1 51  ? -0.478  -1.805  -10.735 1.00 14.36 ? 51  ILE A CD1  1 
ATOM   443  H H    . ILE A 1 51  ? 1.601   0.716   -12.849 1.00 0.00  ? 51  ILE A H    1 
ATOM   444  N N    . ARG A 1 52  ? 4.402   0.992   -11.147 1.00 18.51 ? 52  ARG A N    1 
ATOM   445  C CA   . ARG A 1 52  ? 5.797   1.236   -10.774 1.00 17.82 ? 52  ARG A CA   1 
ATOM   446  C C    . ARG A 1 52  ? 6.132   2.729   -10.643 1.00 16.83 ? 52  ARG A C    1 
ATOM   447  O O    . ARG A 1 52  ? 6.839   3.148   -9.728  1.00 16.54 ? 52  ARG A O    1 
ATOM   448  C CB   . ARG A 1 52  ? 6.753   0.613   -11.777 1.00 14.68 ? 52  ARG A CB   1 
ATOM   449  C CG   . ARG A 1 52  ? 8.177   0.772   -11.330 1.00 14.41 ? 52  ARG A CG   1 
ATOM   450  C CD   . ARG A 1 52  ? 9.150   0.191   -12.290 1.00 16.70 ? 52  ARG A CD   1 
ATOM   451  N NE   . ARG A 1 52  ? 10.442  0.077   -11.636 1.00 13.07 ? 52  ARG A NE   1 
ATOM   452  C CZ   . ARG A 1 52  ? 10.905  -1.041  -11.104 1.00 11.88 ? 52  ARG A CZ   1 
ATOM   453  N NH1  . ARG A 1 52  ? 10.188  -2.150  -11.183 1.00 14.25 ? 52  ARG A NH1  1 
ATOM   454  N NH2  . ARG A 1 52  ? 12.036  -1.017  -10.406 1.00 13.18 ? 52  ARG A NH2  1 
ATOM   455  H H    . ARG A 1 52  ? 4.194   0.516   -11.977 1.00 0.00  ? 52  ARG A H    1 
ATOM   456  H HE   . ARG A 1 52  ? 11.002  0.864   -11.585 1.00 0.00  ? 52  ARG A HE   1 
ATOM   457  H HH11 . ARG A 1 52  ? 9.298   -2.133  -11.628 1.00 0.00  ? 52  ARG A HH11 1 
ATOM   458  H HH12 . ARG A 1 52  ? 10.533  -2.995  -10.779 1.00 0.00  ? 52  ARG A HH12 1 
ATOM   459  H HH21 . ARG A 1 52  ? 12.539  -0.165  -10.290 1.00 0.00  ? 52  ARG A HH21 1 
ATOM   460  H HH22 . ARG A 1 52  ? 12.394  -1.866  -10.011 1.00 0.00  ? 52  ARG A HH22 1 
ATOM   461  N N    . GLU A 1 53  ? 5.626   3.526   -11.569 1.00 20.13 ? 53  GLU A N    1 
ATOM   462  C CA   . GLU A 1 53  ? 5.864   4.953   -11.546 1.00 27.15 ? 53  GLU A CA   1 
ATOM   463  C C    . GLU A 1 53  ? 5.202   5.618   -10.352 1.00 24.98 ? 53  GLU A C    1 
ATOM   464  O O    . GLU A 1 53  ? 5.764   6.531   -9.725  1.00 26.38 ? 53  GLU A O    1 
ATOM   465  C CB   . GLU A 1 53  ? 5.365   5.616   -12.830 1.00 36.51 ? 53  GLU A CB   1 
ATOM   466  C CG   . GLU A 1 53  ? 6.024   5.032   -14.111 1.00 58.62 ? 53  GLU A CG   1 
ATOM   467  C CD   . GLU A 1 53  ? 5.480   5.692   -15.437 1.00 69.41 ? 53  GLU A CD   1 
ATOM   468  O OE1  . GLU A 1 53  ? 4.581   6.622   -15.307 1.00 76.07 ? 53  GLU A OE1  1 
ATOM   469  O OE2  . GLU A 1 53  ? 5.975   5.250   -16.532 1.00 74.61 ? 53  GLU A OE2  1 
ATOM   470  H H    . GLU A 1 53  ? 5.077   3.149   -12.288 1.00 0.00  ? 53  GLU A H    1 
ATOM   471  N N    . PHE A 1 54  ? 4.003   5.164   -10.031 1.00 22.33 ? 54  PHE A N    1 
ATOM   472  C CA   . PHE A 1 54  ? 3.279   5.710   -8.903  1.00 17.11 ? 54  PHE A CA   1 
ATOM   473  C C    . PHE A 1 54  ? 4.138   5.553   -7.659  1.00 14.46 ? 54  PHE A C    1 
ATOM   474  O O    . PHE A 1 54  ? 4.460   6.528   -6.986  1.00 17.01 ? 54  PHE A O    1 
ATOM   475  C CB   . PHE A 1 54  ? 1.935   4.975   -8.750  1.00 17.84 ? 54  PHE A CB   1 
ATOM   476  C CG   . PHE A 1 54  ? 1.162   5.364   -7.517  1.00 17.17 ? 54  PHE A CG   1 
ATOM   477  C CD1  . PHE A 1 54  ? 0.575   6.618   -7.413  1.00 19.17 ? 54  PHE A CD1  1 
ATOM   478  C CD2  . PHE A 1 54  ? 1.063   4.495   -6.445  1.00 16.58 ? 54  PHE A CD2  1 
ATOM   479  C CE1  . PHE A 1 54  ? -0.098  6.998   -6.243  1.00 17.52 ? 54  PHE A CE1  1 
ATOM   480  C CE2  . PHE A 1 54  ? 0.398   4.863   -5.274  1.00 17.95 ? 54  PHE A CE2  1 
ATOM   481  C CZ   . PHE A 1 54  ? -0.183  6.113   -5.177  1.00 20.58 ? 54  PHE A CZ   1 
ATOM   482  H H    . PHE A 1 54  ? 3.610   4.446   -10.560 1.00 0.00  ? 54  PHE A H    1 
ATOM   483  N N    . TYR A 1 55  ? 4.583   4.333   -7.406  1.00 11.21 ? 55  TYR A N    1 
ATOM   484  C CA   . TYR A 1 55  ? 5.406   4.073   -6.249  1.00 10.68 ? 55  TYR A CA   1 
ATOM   485  C C    . TYR A 1 55  ? 6.756   4.741   -6.343  1.00 11.53 ? 55  TYR A C    1 
ATOM   486  O O    . TYR A 1 55  ? 7.346   5.069   -5.332  1.00 15.45 ? 55  TYR A O    1 
ATOM   487  C CB   . TYR A 1 55  ? 5.557   2.566   -6.025  1.00 13.78 ? 55  TYR A CB   1 
ATOM   488  C CG   . TYR A 1 55  ? 4.331   1.929   -5.420  1.00 14.59 ? 55  TYR A CG   1 
ATOM   489  C CD1  . TYR A 1 55  ? 3.946   2.234   -4.120  1.00 17.08 ? 55  TYR A CD1  1 
ATOM   490  C CD2  . TYR A 1 55  ? 3.508   1.098   -6.171  1.00 15.38 ? 55  TYR A CD2  1 
ATOM   491  C CE1  . TYR A 1 55  ? 2.762   1.733   -3.589  1.00 16.68 ? 55  TYR A CE1  1 
ATOM   492  C CE2  . TYR A 1 55  ? 2.333   0.596   -5.656  1.00 14.12 ? 55  TYR A CE2  1 
ATOM   493  C CZ   . TYR A 1 55  ? 1.965   0.917   -4.363  1.00 16.04 ? 55  TYR A CZ   1 
ATOM   494  O OH   . TYR A 1 55  ? 0.801   0.412   -3.840  1.00 18.37 ? 55  TYR A OH   1 
ATOM   495  H H    . TYR A 1 55  ? 4.351   3.597   -8.014  1.00 0.00  ? 55  TYR A H    1 
ATOM   496  H HH   . TYR A 1 55  ? 0.707   0.724   -2.931  1.00 0.00  ? 55  TYR A HH   1 
ATOM   497  N N    . ALA A 1 56  ? 7.255   4.943   -7.556  1.00 14.15 ? 56  ALA A N    1 
ATOM   498  C CA   . ALA A 1 56  ? 8.546   5.594   -7.729  1.00 11.85 ? 56  ALA A CA   1 
ATOM   499  C C    . ALA A 1 56  ? 8.392   7.025   -7.233  1.00 13.00 ? 56  ALA A C    1 
ATOM   500  O O    . ALA A 1 56  ? 9.298   7.583   -6.635  1.00 16.97 ? 56  ALA A O    1 
ATOM   501  C CB   . ALA A 1 56  ? 8.964   5.572   -9.188  1.00 11.42 ? 56  ALA A CB   1 
ATOM   502  H H    . ALA A 1 56  ? 6.755   4.649   -8.346  1.00 0.00  ? 56  ALA A H    1 
ATOM   503  N N    . ASN A 1 57  ? 7.225   7.613   -7.453  1.00 15.89 ? 57  ASN A N    1 
ATOM   504  C CA   . ASN A 1 57  ? 6.960   8.963   -6.982  1.00 18.98 ? 57  ASN A CA   1 
ATOM   505  C C    . ASN A 1 57  ? 6.731   9.024   -5.481  1.00 20.71 ? 57  ASN A C    1 
ATOM   506  O O    . ASN A 1 57  ? 7.183   9.961   -4.809  1.00 20.88 ? 57  ASN A O    1 
ATOM   507  C CB   . ASN A 1 57  ? 5.746   9.530   -7.671  1.00 27.27 ? 57  ASN A CB   1 
ATOM   508  C CG   . ASN A 1 57  ? 6.108   10.403  -8.828  1.00 37.66 ? 57  ASN A CG   1 
ATOM   509  O OD1  . ASN A 1 57  ? 6.071   11.629  -8.723  1.00 45.69 ? 57  ASN A OD1  1 
ATOM   510  N ND2  . ASN A 1 57  ? 6.489   9.786   -9.947  1.00 42.88 ? 57  ASN A ND2  1 
ATOM   511  H H    . ASN A 1 57  ? 6.529   7.122   -7.941  1.00 0.00  ? 57  ASN A H    1 
ATOM   512  H HD21 . ASN A 1 57  ? 6.730   10.348  -10.712 1.00 0.00  ? 57  ASN A HD21 1 
ATOM   513  H HD22 . ASN A 1 57  ? 6.518   8.807   -9.979  1.00 0.00  ? 57  ASN A HD22 1 
ATOM   514  N N    . SER A 1 58  ? 6.008   8.044   -4.945  1.00 20.97 ? 58  SER A N    1 
ATOM   515  C CA   . SER A 1 58  ? 5.733   8.016   -3.517  1.00 19.73 ? 58  SER A CA   1 
ATOM   516  C C    . SER A 1 58  ? 7.040   7.915   -2.754  1.00 19.58 ? 58  SER A C    1 
ATOM   517  O O    . SER A 1 58  ? 7.221   8.541   -1.713  1.00 22.21 ? 58  SER A O    1 
ATOM   518  C CB   . SER A 1 58  ? 4.837   6.829   -3.169  1.00 19.38 ? 58  SER A CB   1 
ATOM   519  O OG   . SER A 1 58  ? 3.626   6.892   -3.885  1.00 24.20 ? 58  SER A OG   1 
ATOM   520  H H    . SER A 1 58  ? 5.655   7.333   -5.521  1.00 0.00  ? 58  SER A H    1 
ATOM   521  H HG   . SER A 1 58  ? 3.164   7.711   -3.668  1.00 0.00  ? 58  SER A HG   1 
ATOM   522  N N    . LEU A 1 59  ? 7.973   7.168   -3.325  1.00 20.53 ? 59  LEU A N    1 
ATOM   523  C CA   . LEU A 1 59  ? 9.270   6.954   -2.716  1.00 23.18 ? 59  LEU A CA   1 
ATOM   524  C C    . LEU A 1 59  ? 10.326  8.047   -3.011  1.00 25.89 ? 59  LEU A C    1 
ATOM   525  O O    . LEU A 1 59  ? 11.524  7.802   -2.937  1.00 27.09 ? 59  LEU A O    1 
ATOM   526  C CB   . LEU A 1 59  ? 9.763   5.551   -3.094  1.00 22.72 ? 59  LEU A CB   1 
ATOM   527  C CG   . LEU A 1 59  ? 8.926   4.383   -2.549  1.00 20.69 ? 59  LEU A CG   1 
ATOM   528  C CD1  . LEU A 1 59  ? 9.367   3.071   -3.158  1.00 19.68 ? 59  LEU A CD1  1 
ATOM   529  C CD2  . LEU A 1 59  ? 9.090   4.320   -1.065  1.00 15.27 ? 59  LEU A CD2  1 
ATOM   530  H H    . LEU A 1 59  ? 7.773   6.734   -4.184  1.00 0.00  ? 59  LEU A H    1 
ATOM   531  N N    . LYS A 1 60  ? 9.875   9.255   -3.334  1.00 30.99 ? 60  LYS A N    1 
ATOM   532  C CA   . LYS A 1 60  ? 10.776  10.372  -3.602  1.00 32.58 ? 60  LYS A CA   1 
ATOM   533  C C    . LYS A 1 60  ? 11.392  10.715  -2.241  1.00 33.22 ? 60  LYS A C    1 
ATOM   534  O O    . LYS A 1 60  ? 12.591  11.003  -2.116  1.00 36.10 ? 60  LYS A O    1 
ATOM   535  C CB   . LYS A 1 60  ? 9.966   11.564  -4.107  1.00 38.43 ? 60  LYS A CB   1 
ATOM   536  C CG   . LYS A 1 60  ? 10.769  12.605  -4.867  1.00 48.45 ? 60  LYS A CG   1 
ATOM   537  C CD   . LYS A 1 60  ? 11.116  12.106  -6.270  1.00 56.92 ? 60  LYS A CD   1 
ATOM   538  C CE   . LYS A 1 60  ? 9.866   11.974  -7.153  1.00 58.70 ? 60  LYS A CE   1 
ATOM   539  N NZ   . LYS A 1 60  ? 10.171  11.479  -8.524  1.00 57.70 ? 60  LYS A NZ   1 
ATOM   540  H H    . LYS A 1 60  ? 8.914   9.395   -3.394  1.00 0.00  ? 60  LYS A H    1 
ATOM   541  H HZ1  . LYS A 1 60  ? 10.817  12.137  -8.998  1.00 0.00  ? 60  LYS A HZ1  1 
ATOM   542  H HZ2  . LYS A 1 60  ? 10.611  10.537  -8.466  1.00 0.00  ? 60  LYS A HZ2  1 
ATOM   543  H HZ3  . LYS A 1 60  ? 9.285   11.409  -9.071  1.00 0.00  ? 60  LYS A HZ3  1 
ATOM   544  N N    . LEU A 1 61  ? 10.543  10.722  -1.221  1.00 31.93 ? 61  LEU A N    1 
ATOM   545  C CA   . LEU A 1 61  ? 10.975  10.986  0.139   1.00 28.77 ? 61  LEU A CA   1 
ATOM   546  C C    . LEU A 1 61  ? 10.931  9.666   0.885   1.00 26.73 ? 61  LEU A C    1 
ATOM   547  O O    . LEU A 1 61  ? 10.097  8.824   0.616   1.00 30.16 ? 61  LEU A O    1 
ATOM   548  C CB   . LEU A 1 61  ? 10.040  11.991  0.829   1.00 27.94 ? 61  LEU A CB   1 
ATOM   549  C CG   . LEU A 1 61  ? 9.946   13.411  0.273   1.00 28.46 ? 61  LEU A CG   1 
ATOM   550  C CD1  . LEU A 1 61  ? 8.861   14.188  0.977   1.00 30.19 ? 61  LEU A CD1  1 
ATOM   551  C CD2  . LEU A 1 61  ? 11.277  14.090  0.463   1.00 32.27 ? 61  LEU A CD2  1 
ATOM   552  H H    . LEU A 1 61  ? 9.597   10.546  -1.398  1.00 0.00  ? 61  LEU A H    1 
ATOM   553  N N    . PRO A 1 62  ? 11.864  9.460   1.809   1.00 26.32 ? 62  PRO A N    1 
ATOM   554  C CA   . PRO A 1 62  ? 11.991  8.263   2.644   1.00 24.01 ? 62  PRO A CA   1 
ATOM   555  C C    . PRO A 1 62  ? 10.735  8.096   3.498   1.00 20.93 ? 62  PRO A C    1 
ATOM   556  O O    . PRO A 1 62  ? 10.343  9.023   4.202   1.00 18.57 ? 62  PRO A O    1 
ATOM   557  C CB   . PRO A 1 62  ? 13.184  8.605   3.533   1.00 25.41 ? 62  PRO A CB   1 
ATOM   558  C CG   . PRO A 1 62  ? 14.015  9.503   2.667   1.00 25.91 ? 62  PRO A CG   1 
ATOM   559  C CD   . PRO A 1 62  ? 12.979  10.393  2.045   1.00 26.45 ? 62  PRO A CD   1 
ATOM   560  N N    . LEU A 1 63  ? 10.126  6.916   3.439   1.00 20.64 ? 63  LEU A N    1 
ATOM   561  C CA   . LEU A 1 63  ? 8.910   6.642   4.189   1.00 17.60 ? 63  LEU A CA   1 
ATOM   562  C C    . LEU A 1 63  ? 9.187   5.680   5.324   1.00 17.35 ? 63  LEU A C    1 
ATOM   563  O O    . LEU A 1 63  ? 10.003  4.776   5.185   1.00 22.56 ? 63  LEU A O    1 
ATOM   564  C CB   . LEU A 1 63  ? 7.882   5.993   3.259   1.00 17.25 ? 63  LEU A CB   1 
ATOM   565  C CG   . LEU A 1 63  ? 7.638   6.730   1.959   1.00 14.43 ? 63  LEU A CG   1 
ATOM   566  C CD1  . LEU A 1 63  ? 6.606   6.004   1.161   1.00 14.54 ? 63  LEU A CD1  1 
ATOM   567  C CD2  . LEU A 1 63  ? 7.170   8.129   2.265   1.00 12.09 ? 63  LEU A CD2  1 
ATOM   568  H H    . LEU A 1 63  ? 10.511  6.210   2.888   1.00 0.00  ? 63  LEU A H    1 
ATOM   569  N N    . ALA A 1 64  ? 8.557   5.904   6.467   1.00 15.38 ? 64  ALA A N    1 
ATOM   570  C CA   . ALA A 1 64  ? 8.676   4.978   7.592   1.00 15.31 ? 64  ALA A CA   1 
ATOM   571  C C    . ALA A 1 64  ? 7.254   4.478   7.730   1.00 14.77 ? 64  ALA A C    1 
ATOM   572  O O    . ALA A 1 64  ? 6.364   5.239   8.123   1.00 17.27 ? 64  ALA A O    1 
ATOM   573  C CB   . ALA A 1 64  ? 9.086   5.676   8.843   1.00 8.89  ? 64  ALA A CB   1 
ATOM   574  H H    . ALA A 1 64  ? 8.000   6.704   6.558   1.00 0.00  ? 64  ALA A H    1 
ATOM   575  N N    . VAL A 1 65  ? 7.005   3.242   7.327   1.00 14.24 ? 65  VAL A N    1 
ATOM   576  C CA   . VAL A 1 65  ? 5.645   2.718   7.426   1.00 17.45 ? 65  VAL A CA   1 
ATOM   577  C C    . VAL A 1 65  ? 5.535   1.539   8.380   1.00 19.22 ? 65  VAL A C    1 
ATOM   578  O O    . VAL A 1 65  ? 6.422   0.701   8.454   1.00 19.11 ? 65  VAL A O    1 
ATOM   579  C CB   . VAL A 1 65  ? 5.015   2.422   6.009   1.00 15.55 ? 65  VAL A CB   1 
ATOM   580  C CG1  . VAL A 1 65  ? 6.028   2.595   4.914   1.00 13.53 ? 65  VAL A CG1  1 
ATOM   581  C CG2  . VAL A 1 65  ? 4.392   1.064   5.943   1.00 14.44 ? 65  VAL A CG2  1 
ATOM   582  H H    . VAL A 1 65  ? 7.721   2.687   6.968   1.00 0.00  ? 65  VAL A H    1 
ATOM   583  N N    . GLU A 1 66  ? 4.468   1.507   9.154   1.00 19.51 ? 66  GLU A N    1 
ATOM   584  C CA   . GLU A 1 66  ? 4.288   0.408   10.079  1.00 22.84 ? 66  GLU A CA   1 
ATOM   585  C C    . GLU A 1 66  ? 2.817   0.030   10.259  1.00 20.33 ? 66  GLU A C    1 
ATOM   586  O O    . GLU A 1 66  ? 1.924   0.880   10.185  1.00 16.60 ? 66  GLU A O    1 
ATOM   587  C CB   . GLU A 1 66  ? 4.918   0.733   11.428  1.00 24.60 ? 66  GLU A CB   1 
ATOM   588  C CG   . GLU A 1 66  ? 4.245   1.869   12.137  1.00 35.59 ? 66  GLU A CG   1 
ATOM   589  C CD   . GLU A 1 66  ? 4.675   2.033   13.575  1.00 41.26 ? 66  GLU A CD   1 
ATOM   590  O OE1  . GLU A 1 66  ? 5.190   1.061   14.168  1.00 46.03 ? 66  GLU A OE1  1 
ATOM   591  O OE2  . GLU A 1 66  ? 4.472   3.138   14.120  1.00 45.66 ? 66  GLU A OE2  1 
ATOM   592  H H    . GLU A 1 66  ? 3.799   2.221   9.104   1.00 0.00  ? 66  GLU A H    1 
ATOM   593  N N    . LEU A 1 67  ? 2.572   -1.272  10.380  1.00 18.66 ? 67  LEU A N    1 
ATOM   594  C CA   . LEU A 1 67  ? 1.232   -1.793  10.600  1.00 16.47 ? 67  LEU A CA   1 
ATOM   595  C C    . LEU A 1 67  ? 0.868   -1.448  12.031  1.00 14.13 ? 67  LEU A C    1 
ATOM   596  O O    . LEU A 1 67  ? 1.678   -1.651  12.929  1.00 17.20 ? 67  LEU A O    1 
ATOM   597  C CB   . LEU A 1 67  ? 1.227   -3.306  10.408  1.00 14.17 ? 67  LEU A CB   1 
ATOM   598  C CG   . LEU A 1 67  ? 1.278   -3.792  8.972   1.00 13.05 ? 67  LEU A CG   1 
ATOM   599  C CD1  . LEU A 1 67  ? 1.533   -5.264  8.992   1.00 12.84 ? 67  LEU A CD1  1 
ATOM   600  C CD2  . LEU A 1 67  ? -0.020  -3.499  8.270   1.00 11.35 ? 67  LEU A CD2  1 
ATOM   601  H H    . LEU A 1 67  ? 3.320   -1.900  10.312  1.00 0.00  ? 67  LEU A H    1 
ATOM   602  N N    . THR A 1 68  ? -0.332  -0.912  12.244  1.00 14.39 ? 68  THR A N    1 
ATOM   603  C CA   . THR A 1 68  ? -0.764  -0.551  13.593  1.00 12.92 ? 68  THR A CA   1 
ATOM   604  C C    . THR A 1 68  ? -1.744  -1.505  14.281  1.00 15.34 ? 68  THR A C    1 
ATOM   605  O O    . THR A 1 68  ? -2.135  -1.285  15.424  1.00 21.43 ? 68  THR A O    1 
ATOM   606  C CB   . THR A 1 68  ? -1.327  0.874   13.637  1.00 8.55  ? 68  THR A CB   1 
ATOM   607  O OG1  . THR A 1 68  ? -2.308  1.045   12.611  1.00 11.57 ? 68  THR A OG1  1 
ATOM   608  C CG2  . THR A 1 68  ? -0.242  1.873   13.439  1.00 11.33 ? 68  THR A CG2  1 
ATOM   609  H H    . THR A 1 68  ? -0.935  -0.757  11.487  1.00 0.00  ? 68  THR A H    1 
ATOM   610  H HG1  . THR A 1 68  ? -3.020  0.410   12.736  1.00 0.00  ? 68  THR A HG1  1 
ATOM   611  N N    . GLN A 1 69  ? -2.221  -2.503  13.550  1.00 16.65 ? 69  GLN A N    1 
ATOM   612  C CA   . GLN A 1 69  ? -3.135  -3.499  14.100  1.00 15.25 ? 69  GLN A CA   1 
ATOM   613  C C    . GLN A 1 69  ? -3.012  -4.742  13.245  1.00 14.63 ? 69  GLN A C    1 
ATOM   614  O O    . GLN A 1 69  ? -2.341  -4.742  12.206  1.00 14.92 ? 69  GLN A O    1 
ATOM   615  C CB   . GLN A 1 69  ? -4.579  -3.024  14.056  1.00 13.86 ? 69  GLN A CB   1 
ATOM   616  C CG   . GLN A 1 69  ? -4.969  -2.008  15.096  1.00 14.81 ? 69  GLN A CG   1 
ATOM   617  C CD   . GLN A 1 69  ? -6.456  -1.745  15.068  1.00 12.13 ? 69  GLN A CD   1 
ATOM   618  O OE1  . GLN A 1 69  ? -7.158  -2.182  14.167  1.00 15.42 ? 69  GLN A OE1  1 
ATOM   619  N NE2  . GLN A 1 69  ? -6.941  -1.032  16.061  1.00 11.72 ? 69  GLN A NE2  1 
ATOM   620  H H    . GLN A 1 69  ? -1.937  -2.590  12.615  1.00 0.00  ? 69  GLN A H    1 
ATOM   621  H HE21 . GLN A 1 69  ? -7.899  -0.852  16.046  1.00 0.00  ? 69  GLN A HE21 1 
ATOM   622  H HE22 . GLN A 1 69  ? -6.350  -0.710  16.769  1.00 0.00  ? 69  GLN A HE22 1 
ATOM   623  N N    . GLU A 1 70  ? -3.668  -5.799  13.690  1.00 10.45 ? 70  GLU A N    1 
ATOM   624  C CA   . GLU A 1 70  ? -3.661  -7.048  12.971  1.00 6.78  ? 70  GLU A CA   1 
ATOM   625  C C    . GLU A 1 70  ? -4.286  -6.858  11.625  1.00 6.59  ? 70  GLU A C    1 
ATOM   626  O O    . GLU A 1 70  ? -5.100  -5.967  11.418  1.00 8.76  ? 70  GLU A O    1 
ATOM   627  C CB   . GLU A 1 70  ? -4.419  -8.112  13.751  1.00 9.13  ? 70  GLU A CB   1 
ATOM   628  C CG   . GLU A 1 70  ? -5.901  -7.863  13.891  1.00 12.88 ? 70  GLU A CG   1 
ATOM   629  C CD   . GLU A 1 70  ? -6.527  -8.678  15.004  1.00 18.02 ? 70  GLU A CD   1 
ATOM   630  O OE1  . GLU A 1 70  ? -6.489  -8.214  16.164  1.00 21.05 ? 70  GLU A OE1  1 
ATOM   631  O OE2  . GLU A 1 70  ? -7.041  -9.774  14.731  1.00 15.93 ? 70  GLU A OE2  1 
ATOM   632  H H    . GLU A 1 70  ? -4.171  -5.737  14.528  1.00 0.00  ? 70  GLU A H    1 
ATOM   633  N N    . VAL A 1 71  ? -3.838  -7.677  10.692  1.00 9.26  ? 71  VAL A N    1 
ATOM   634  C CA   . VAL A 1 71  ? -4.313  -7.657  9.326   1.00 9.01  ? 71  VAL A CA   1 
ATOM   635  C C    . VAL A 1 71  ? -5.569  -8.495  9.310   1.00 10.84 ? 71  VAL A C    1 
ATOM   636  O O    . VAL A 1 71  ? -5.640  -9.530  9.982   1.00 12.66 ? 71  VAL A O    1 
ATOM   637  C CB   . VAL A 1 71  ? -3.248  -8.285  8.391   1.00 8.09  ? 71  VAL A CB   1 
ATOM   638  C CG1  . VAL A 1 71  ? -3.796  -8.490  7.021   1.00 6.00  ? 71  VAL A CG1  1 
ATOM   639  C CG2  . VAL A 1 71  ? -2.016  -7.399  8.332   1.00 9.60  ? 71  VAL A CG2  1 
ATOM   640  H H    . VAL A 1 71  ? -3.165  -8.318  10.926  1.00 0.00  ? 71  VAL A H    1 
ATOM   641  N N    . ARG A 1 72  ? -6.571  -8.015  8.588   1.00 11.59 ? 72  ARG A N    1 
ATOM   642  C CA   . ARG A 1 72  ? -7.838  -8.713  8.441   1.00 10.44 ? 72  ARG A CA   1 
ATOM   643  C C    . ARG A 1 72  ? -7.799  -9.410  7.095   1.00 11.11 ? 72  ARG A C    1 
ATOM   644  O O    . ARG A 1 72  ? -7.733  -8.756  6.057   1.00 14.29 ? 72  ARG A O    1 
ATOM   645  C CB   . ARG A 1 72  ? -9.002  -7.715  8.496   1.00 7.74  ? 72  ARG A CB   1 
ATOM   646  C CG   . ARG A 1 72  ? -9.409  -7.285  9.911   1.00 8.79  ? 72  ARG A CG   1 
ATOM   647  C CD   . ARG A 1 72  ? -8.304  -6.625  10.738  1.00 6.68  ? 72  ARG A CD   1 
ATOM   648  N NE   . ARG A 1 72  ? -8.913  -6.029  11.919  1.00 9.55  ? 72  ARG A NE   1 
ATOM   649  C CZ   . ARG A 1 72  ? -8.454  -4.972  12.580  1.00 13.80 ? 72  ARG A CZ   1 
ATOM   650  N NH1  . ARG A 1 72  ? -7.336  -4.373  12.204  1.00 13.76 ? 72  ARG A NH1  1 
ATOM   651  N NH2  . ARG A 1 72  ? -9.191  -4.447  13.561  1.00 10.06 ? 72  ARG A NH2  1 
ATOM   652  H H    . ARG A 1 72  ? -6.455  -7.154  8.135   1.00 0.00  ? 72  ARG A H    1 
ATOM   653  H HE   . ARG A 1 72  ? -9.731  -6.445  12.254  1.00 0.00  ? 72  ARG A HE   1 
ATOM   654  H HH11 . ARG A 1 72  ? -6.827  -4.715  11.407  1.00 0.00  ? 72  ARG A HH11 1 
ATOM   655  H HH12 . ARG A 1 72  ? -6.996  -3.578  12.702  1.00 0.00  ? 72  ARG A HH12 1 
ATOM   656  H HH21 . ARG A 1 72  ? -10.078 -4.850  13.789  1.00 0.00  ? 72  ARG A HH21 1 
ATOM   657  H HH22 . ARG A 1 72  ? -8.857  -3.653  14.064  1.00 0.00  ? 72  ARG A HH22 1 
ATOM   658  N N    . ALA A 1 73  ? -7.805  -10.735 7.108   1.00 12.19 ? 73  ALA A N    1 
ATOM   659  C CA   . ALA A 1 73  ? -7.745  -11.501 5.882   1.00 12.00 ? 73  ALA A CA   1 
ATOM   660  C C    . ALA A 1 73  ? -8.867  -12.532 5.799   1.00 15.84 ? 73  ALA A C    1 
ATOM   661  O O    . ALA A 1 73  ? -9.021  -13.394 6.677   1.00 19.19 ? 73  ALA A O    1 
ATOM   662  C CB   . ALA A 1 73  ? -6.385  -12.160 5.776   1.00 12.26 ? 73  ALA A CB   1 
ATOM   663  H H    . ALA A 1 73  ? -7.843  -11.205 7.964   1.00 0.00  ? 73  ALA A H    1 
ATOM   664  N N    . VAL A 1 74  ? -9.628  -12.466 4.717   1.00 16.23 ? 74  VAL A N    1 
ATOM   665  C CA   . VAL A 1 74  ? -10.747 -13.368 4.507   1.00 15.70 ? 74  VAL A CA   1 
ATOM   666  C C    . VAL A 1 74  ? -11.158 -13.367 3.031   1.00 16.96 ? 74  VAL A C    1 
ATOM   667  O O    . VAL A 1 74  ? -11.127 -12.334 2.379   1.00 20.12 ? 74  VAL A O    1 
ATOM   668  C CB   . VAL A 1 74  ? -11.987 -12.935 5.375   1.00 15.28 ? 74  VAL A CB   1 
ATOM   669  C CG1  . VAL A 1 74  ? -12.580 -11.621 4.891   1.00 9.37  ? 74  VAL A CG1  1 
ATOM   670  C CG2  . VAL A 1 74  ? -13.063 -13.993 5.354   1.00 10.83 ? 74  VAL A CG2  1 
ATOM   671  H H    . VAL A 1 74  ? -9.433  -11.784 4.035   1.00 0.00  ? 74  VAL A H    1 
ATOM   672  N N    . ALA A 1 75  ? -11.462 -14.540 2.492   1.00 17.05 ? 75  ALA A N    1 
ATOM   673  C CA   . ALA A 1 75  ? -11.930 -14.668 1.110   1.00 18.50 ? 75  ALA A CA   1 
ATOM   674  C C    . ALA A 1 75  ? -11.291 -13.802 0.007   1.00 21.14 ? 75  ALA A C    1 
ATOM   675  O O    . ALA A 1 75  ? -11.991 -13.009 -0.638  1.00 25.42 ? 75  ALA A O    1 
ATOM   676  C CB   . ALA A 1 75  ? -13.426 -14.469 1.079   1.00 12.99 ? 75  ALA A CB   1 
ATOM   677  H H    . ALA A 1 75  ? -11.371 -15.344 3.032   1.00 0.00  ? 75  ALA A H    1 
ATOM   678  N N    . ASN A 1 76  ? -10.007 -14.034 -0.282  1.00 20.20 ? 76  ASN A N    1 
ATOM   679  C CA   . ASN A 1 76  ? -9.306  -13.278 -1.332  1.00 17.33 ? 76  ASN A CA   1 
ATOM   680  C C    . ASN A 1 76  ? -9.194  -11.797 -1.052  1.00 15.40 ? 76  ASN A C    1 
ATOM   681  O O    . ASN A 1 76  ? -8.954  -11.029 -1.972  1.00 19.19 ? 76  ASN A O    1 
ATOM   682  C CB   . ASN A 1 76  ? -10.013 -13.400 -2.693  1.00 23.31 ? 76  ASN A CB   1 
ATOM   683  C CG   . ASN A 1 76  ? -10.260 -14.813 -3.101  1.00 28.93 ? 76  ASN A CG   1 
ATOM   684  O OD1  . ASN A 1 76  ? -9.348  -15.642 -3.142  1.00 31.81 ? 76  ASN A OD1  1 
ATOM   685  N ND2  . ASN A 1 76  ? -11.519 -15.116 -3.392  1.00 38.16 ? 76  ASN A ND2  1 
ATOM   686  H H    . ASN A 1 76  ? -9.526  -14.717 0.208   1.00 0.00  ? 76  ASN A H    1 
ATOM   687  H HD21 . ASN A 1 76  ? -11.709 -16.031 -3.662  1.00 0.00  ? 76  ASN A HD21 1 
ATOM   688  H HD22 . ASN A 1 76  ? -12.212 -14.419 -3.330  1.00 0.00  ? 76  ASN A HD22 1 
ATOM   689  N N    . GLU A 1 77  ? -9.346  -11.385 0.196   1.00 12.71 ? 77  GLU A N    1 
ATOM   690  C CA   . GLU A 1 77  ? -9.275  -9.965  0.521   1.00 10.57 ? 77  GLU A CA   1 
ATOM   691  C C    . GLU A 1 77  ? -8.547  -9.713  1.810   1.00 8.30  ? 77  GLU A C    1 
ATOM   692  O O    . GLU A 1 77  ? -8.553  -10.544 2.712   1.00 11.25 ? 77  GLU A O    1 
ATOM   693  C CB   . GLU A 1 77  ? -10.676 -9.348  0.571   1.00 11.89 ? 77  GLU A CB   1 
ATOM   694  C CG   . GLU A 1 77  ? -11.436 -9.533  -0.730  1.00 13.13 ? 77  GLU A CG   1 
ATOM   695  C CD   . GLU A 1 77  ? -12.665 -8.699  -0.800  1.00 17.70 ? 77  GLU A CD   1 
ATOM   696  O OE1  . GLU A 1 77  ? -12.709 -7.651  -0.131  1.00 19.32 ? 77  GLU A OE1  1 
ATOM   697  O OE2  . GLU A 1 77  ? -13.599 -9.074  -1.534  1.00 21.04 ? 77  GLU A OE2  1 
ATOM   698  H H    . GLU A 1 77  ? -9.513  -12.032 0.906   1.00 0.00  ? 77  GLU A H    1 
ATOM   699  N N    . ALA A 1 78  ? -7.850  -8.592  1.880   1.00 8.91  ? 78  ALA A N    1 
ATOM   700  C CA   . ALA A 1 78  ? -7.127  -8.257  3.087   1.00 6.50  ? 78  ALA A CA   1 
ATOM   701  C C    . ALA A 1 78  ? -7.283  -6.782  3.259   1.00 6.00  ? 78  ALA A C    1 
ATOM   702  O O    . ALA A 1 78  ? -7.384  -6.080  2.274   1.00 8.12  ? 78  ALA A O    1 
ATOM   703  C CB   . ALA A 1 78  ? -5.658  -8.615  2.932   1.00 6.00  ? 78  ALA A CB   1 
ATOM   704  H H    . ALA A 1 78  ? -7.837  -7.981  1.115   1.00 0.00  ? 78  ALA A H    1 
ATOM   705  N N    . ALA A 1 79  ? -7.427  -6.329  4.501   1.00 8.22  ? 79  ALA A N    1 
ATOM   706  C CA   . ALA A 1 79  ? -7.529  -4.907  4.823   1.00 6.98  ? 79  ALA A CA   1 
ATOM   707  C C    . ALA A 1 79  ? -6.588  -4.653  6.004   1.00 9.32  ? 79  ALA A C    1 
ATOM   708  O O    . ALA A 1 79  ? -6.456  -5.508  6.873   1.00 9.79  ? 79  ALA A O    1 
ATOM   709  C CB   . ALA A 1 79  ? -8.976  -4.518  5.179   1.00 6.54  ? 79  ALA A CB   1 
ATOM   710  H H    . ALA A 1 79  ? -7.475  -6.980  5.235   1.00 0.00  ? 79  ALA A H    1 
ATOM   711  N N    . PHE A 1 80  ? -5.893  -3.513  6.035   1.00 9.05  ? 80  PHE A N    1 
ATOM   712  C CA   . PHE A 1 80  ? -4.976  -3.238  7.143   1.00 6.60  ? 80  PHE A CA   1 
ATOM   713  C C    . PHE A 1 80  ? -4.795  -1.768  7.407   1.00 7.59  ? 80  PHE A C    1 
ATOM   714  O O    . PHE A 1 80  ? -4.859  -0.938  6.503   1.00 6.35  ? 80  PHE A O    1 
ATOM   715  C CB   . PHE A 1 80  ? -3.602  -3.861  6.883   1.00 8.68  ? 80  PHE A CB   1 
ATOM   716  C CG   . PHE A 1 80  ? -2.981  -3.452  5.557   1.00 7.94  ? 80  PHE A CG   1 
ATOM   717  C CD1  . PHE A 1 80  ? -3.371  -4.055  4.379   1.00 6.00  ? 80  PHE A CD1  1 
ATOM   718  C CD2  . PHE A 1 80  ? -2.006  -2.477  5.502   1.00 9.78  ? 80  PHE A CD2  1 
ATOM   719  C CE1  . PHE A 1 80  ? -2.804  -3.692  3.192   1.00 6.00  ? 80  PHE A CE1  1 
ATOM   720  C CE2  . PHE A 1 80  ? -1.440  -2.117  4.310   1.00 6.70  ? 80  PHE A CE2  1 
ATOM   721  C CZ   . PHE A 1 80  ? -1.836  -2.722  3.156   1.00 6.00  ? 80  PHE A CZ   1 
ATOM   722  H H    . PHE A 1 80  ? -5.992  -2.857  5.309   1.00 0.00  ? 80  PHE A H    1 
ATOM   723  N N    . ALA A 1 81  ? -4.595  -1.466  8.678   1.00 7.36  ? 81  ALA A N    1 
ATOM   724  C CA   . ALA A 1 81  ? -4.384  -0.106  9.141   1.00 9.49  ? 81  ALA A CA   1 
ATOM   725  C C    . ALA A 1 81  ? -2.883  0.033   9.335   1.00 12.61 ? 81  ALA A C    1 
ATOM   726  O O    . ALA A 1 81  ? -2.238  -0.883  9.855   1.00 13.29 ? 81  ALA A O    1 
ATOM   727  C CB   . ALA A 1 81  ? -5.115  0.095   10.472  1.00 6.56  ? 81  ALA A CB   1 
ATOM   728  H H    . ALA A 1 81  ? -4.599  -2.164  9.329   1.00 0.00  ? 81  ALA A H    1 
ATOM   729  N N    . PHE A 1 82  ? -2.339  1.174   8.926   1.00 12.79 ? 82  PHE A N    1 
ATOM   730  C CA   . PHE A 1 82  ? -0.918  1.462   9.051   1.00 11.25 ? 82  PHE A CA   1 
ATOM   731  C C    . PHE A 1 82  ? -0.719  2.990   9.019   1.00 14.15 ? 82  PHE A C    1 
ATOM   732  O O    . PHE A 1 82  ? -1.686  3.748   8.906   1.00 11.57 ? 82  PHE A O    1 
ATOM   733  C CB   . PHE A 1 82  ? -0.141  0.790   7.903   1.00 10.03 ? 82  PHE A CB   1 
ATOM   734  C CG   . PHE A 1 82  ? -0.513  1.294   6.531   1.00 13.10 ? 82  PHE A CG   1 
ATOM   735  C CD1  . PHE A 1 82  ? -1.762  0.989   5.970   1.00 8.42  ? 82  PHE A CD1  1 
ATOM   736  C CD2  . PHE A 1 82  ? 0.383   2.071   5.790   1.00 9.15  ? 82  PHE A CD2  1 
ATOM   737  C CE1  . PHE A 1 82  ? -2.106  1.453   4.698   1.00 11.43 ? 82  PHE A CE1  1 
ATOM   738  C CE2  . PHE A 1 82  ? 0.049   2.546   4.510   1.00 8.83  ? 82  PHE A CE2  1 
ATOM   739  C CZ   . PHE A 1 82  ? -1.194  2.236   3.957   1.00 10.01 ? 82  PHE A CZ   1 
ATOM   740  H H    . PHE A 1 82  ? -2.925  1.861   8.534   1.00 0.00  ? 82  PHE A H    1 
ATOM   741  N N    . ILE A 1 83  ? 0.516   3.442   9.198   1.00 15.04 ? 83  ILE A N    1 
ATOM   742  C CA   . ILE A 1 83  ? 0.822   4.866   9.134   1.00 13.73 ? 83  ILE A CA   1 
ATOM   743  C C    . ILE A 1 83  ? 2.051   4.980   8.257   1.00 15.07 ? 83  ILE A C    1 
ATOM   744  O O    . ILE A 1 83  ? 2.866   4.050   8.199   1.00 14.78 ? 83  ILE A O    1 
ATOM   745  C CB   . ILE A 1 83  ? 1.186   5.453   10.498  1.00 13.31 ? 83  ILE A CB   1 
ATOM   746  C CG1  . ILE A 1 83  ? 2.281   4.623   11.136  1.00 8.91  ? 83  ILE A CG1  1 
ATOM   747  C CG2  . ILE A 1 83  ? -0.006  5.519   11.386  1.00 8.63  ? 83  ILE A CG2  1 
ATOM   748  C CD1  . ILE A 1 83  ? 2.604   5.052   12.547  1.00 26.13 ? 83  ILE A CD1  1 
ATOM   749  H H    . ILE A 1 83  ? 1.239   2.811   9.375   1.00 0.00  ? 83  ILE A H    1 
ATOM   750  N N    . VAL A 1 84  ? 2.141   6.075   7.508   1.00 13.76 ? 84  VAL A N    1 
ATOM   751  C CA   . VAL A 1 84  ? 3.293   6.351   6.656   1.00 10.50 ? 84  VAL A CA   1 
ATOM   752  C C    . VAL A 1 84  ? 3.770   7.673   7.223   1.00 10.89 ? 84  VAL A C    1 
ATOM   753  O O    . VAL A 1 84  ? 2.986   8.605   7.390   1.00 11.73 ? 84  VAL A O    1 
ATOM   754  C CB   . VAL A 1 84  ? 2.879   6.565   5.205   1.00 13.15 ? 84  VAL A CB   1 
ATOM   755  C CG1  . VAL A 1 84  ? 4.082   6.824   4.369   1.00 14.38 ? 84  VAL A CG1  1 
ATOM   756  C CG2  . VAL A 1 84  ? 2.135   5.356   4.671   1.00 16.29 ? 84  VAL A CG2  1 
ATOM   757  H H    . VAL A 1 84  ? 1.403   6.728   7.531   1.00 0.00  ? 84  VAL A H    1 
ATOM   758  N N    . SER A 1 85  ? 5.028   7.746   7.609   1.00 14.20 ? 85  SER A N    1 
ATOM   759  C CA   . SER A 1 85  ? 5.559   8.994   8.159   1.00 18.62 ? 85  SER A CA   1 
ATOM   760  C C    . SER A 1 85  ? 6.713   9.482   7.310   1.00 19.25 ? 85  SER A C    1 
ATOM   761  O O    . SER A 1 85  ? 7.479   8.693   6.768   1.00 19.83 ? 85  SER A O    1 
ATOM   762  C CB   . SER A 1 85  ? 6.048   8.792   9.589   1.00 20.79 ? 85  SER A CB   1 
ATOM   763  O OG   . SER A 1 85  ? 5.079   8.120   10.383  1.00 32.22 ? 85  SER A OG   1 
ATOM   764  H H    . SER A 1 85  ? 5.608   6.963   7.534   1.00 0.00  ? 85  SER A H    1 
ATOM   765  H HG   . SER A 1 85  ? 4.271   8.635   10.400  1.00 0.00  ? 85  SER A HG   1 
ATOM   766  N N    . PHE A 1 86  ? 6.828   10.792  7.175   1.00 19.98 ? 86  PHE A N    1 
ATOM   767  C CA   . PHE A 1 86  ? 7.911   11.379  6.404   1.00 21.45 ? 86  PHE A CA   1 
ATOM   768  C C    . PHE A 1 86  ? 8.092   12.811  6.882   1.00 21.87 ? 86  PHE A C    1 
ATOM   769  O O    . PHE A 1 86  ? 7.195   13.377  7.519   1.00 19.38 ? 86  PHE A O    1 
ATOM   770  C CB   . PHE A 1 86  ? 7.603   11.343  4.903   1.00 18.67 ? 86  PHE A CB   1 
ATOM   771  C CG   . PHE A 1 86  ? 6.361   12.086  4.522   1.00 20.06 ? 86  PHE A CG   1 
ATOM   772  C CD1  . PHE A 1 86  ? 5.123   11.446  4.532   1.00 20.28 ? 86  PHE A CD1  1 
ATOM   773  C CD2  . PHE A 1 86  ? 6.418   13.432  4.166   1.00 18.51 ? 86  PHE A CD2  1 
ATOM   774  C CE1  . PHE A 1 86  ? 3.962   12.136  4.195   1.00 16.74 ? 86  PHE A CE1  1 
ATOM   775  C CE2  . PHE A 1 86  ? 5.270   14.119  3.832   1.00 16.75 ? 86  PHE A CE2  1 
ATOM   776  C CZ   . PHE A 1 86  ? 4.040   13.474  3.846   1.00 16.43 ? 86  PHE A CZ   1 
ATOM   777  H H    . PHE A 1 86  ? 6.174   11.386  7.606   1.00 0.00  ? 86  PHE A H    1 
ATOM   778  N N    . GLU A 1 87  ? 9.283   13.351  6.646   1.00 24.35 ? 87  GLU A N    1 
ATOM   779  C CA   . GLU A 1 87  ? 9.607   14.717  7.031   1.00 25.56 ? 87  GLU A CA   1 
ATOM   780  C C    . GLU A 1 87  ? 9.815   15.507  5.747   1.00 21.27 ? 87  GLU A C    1 
ATOM   781  O O    . GLU A 1 87  ? 10.215  14.948  4.730   1.00 20.30 ? 87  GLU A O    1 
ATOM   782  C CB   . GLU A 1 87  ? 10.878  14.769  7.890   1.00 32.81 ? 87  GLU A CB   1 
ATOM   783  C CG   . GLU A 1 87  ? 11.076  16.122  8.626   1.00 48.52 ? 87  GLU A CG   1 
ATOM   784  C CD   . GLU A 1 87  ? 12.523  16.667  8.597   1.00 54.62 ? 87  GLU A CD   1 
ATOM   785  O OE1  . GLU A 1 87  ? 13.362  16.152  9.368   1.00 57.76 ? 87  GLU A OE1  1 
ATOM   786  O OE2  . GLU A 1 87  ? 12.809  17.630  7.821   1.00 57.15 ? 87  GLU A OE2  1 
ATOM   787  H H    . GLU A 1 87  ? 9.967   12.816  6.197   1.00 0.00  ? 87  GLU A H    1 
ATOM   788  N N    . TYR A 1 88  ? 9.508   16.793  5.789   1.00 20.64 ? 88  TYR A N    1 
ATOM   789  C CA   . TYR A 1 88  ? 9.662   17.652  4.639   1.00 20.53 ? 88  TYR A CA   1 
ATOM   790  C C    . TYR A 1 88  ? 9.738   19.126  5.093   1.00 21.87 ? 88  TYR A C    1 
ATOM   791  O O    . TYR A 1 88  ? 8.809   19.629  5.727   1.00 21.35 ? 88  TYR A O    1 
ATOM   792  C CB   . TYR A 1 88  ? 8.505   17.418  3.684   1.00 21.76 ? 88  TYR A CB   1 
ATOM   793  C CG   . TYR A 1 88  ? 8.593   18.290  2.485   1.00 25.21 ? 88  TYR A CG   1 
ATOM   794  C CD1  . TYR A 1 88  ? 9.523   18.030  1.496   1.00 24.15 ? 88  TYR A CD1  1 
ATOM   795  C CD2  . TYR A 1 88  ? 7.816   19.436  2.388   1.00 28.58 ? 88  TYR A CD2  1 
ATOM   796  C CE1  . TYR A 1 88  ? 9.695   18.896  0.445   1.00 31.60 ? 88  TYR A CE1  1 
ATOM   797  C CE2  . TYR A 1 88  ? 7.976   20.315  1.344   1.00 34.23 ? 88  TYR A CE2  1 
ATOM   798  C CZ   . TYR A 1 88  ? 8.920   20.042  0.369   1.00 34.05 ? 88  TYR A CZ   1 
ATOM   799  O OH   . TYR A 1 88  ? 9.111   20.936  -0.669  1.00 44.90 ? 88  TYR A OH   1 
ATOM   800  H H    . TYR A 1 88  ? 9.166   17.174  6.627   1.00 0.00  ? 88  TYR A H    1 
ATOM   801  H HH   . TYR A 1 88  ? 9.797   20.603  -1.257  1.00 0.00  ? 88  TYR A HH   1 
ATOM   802  N N    . GLN A 1 89  ? 10.860  19.796  4.794   1.00 21.80 ? 89  GLN A N    1 
ATOM   803  C CA   . GLN A 1 89  ? 11.089  21.196  5.185   1.00 19.16 ? 89  GLN A CA   1 
ATOM   804  C C    . GLN A 1 89  ? 10.947  21.362  6.702   1.00 18.43 ? 89  GLN A C    1 
ATOM   805  O O    . GLN A 1 89  ? 10.362  22.331  7.183   1.00 17.18 ? 89  GLN A O    1 
ATOM   806  C CB   . GLN A 1 89  ? 10.097  22.144  4.498   1.00 20.52 ? 89  GLN A CB   1 
ATOM   807  C CG   . GLN A 1 89  ? 10.157  22.192  2.985   1.00 25.77 ? 89  GLN A CG   1 
ATOM   808  C CD   . GLN A 1 89  ? 11.412  22.827  2.444   1.00 29.33 ? 89  GLN A CD   1 
ATOM   809  O OE1  . GLN A 1 89  ? 12.281  23.266  3.190   1.00 37.80 ? 89  GLN A OE1  1 
ATOM   810  N NE2  . GLN A 1 89  ? 11.512  22.889  1.131   1.00 34.38 ? 89  GLN A NE2  1 
ATOM   811  H H    . GLN A 1 89  ? 11.562  19.327  4.297   1.00 0.00  ? 89  GLN A H    1 
ATOM   812  H HE21 . GLN A 1 89  ? 12.320  23.298  0.761   1.00 0.00  ? 89  GLN A HE21 1 
ATOM   813  H HE22 . GLN A 1 89  ? 10.792  22.531  0.569   1.00 0.00  ? 89  GLN A HE22 1 
ATOM   814  N N    . GLY A 1 90  ? 11.430  20.376  7.441   1.00 18.45 ? 90  GLY A N    1 
ATOM   815  C CA   . GLY A 1 90  ? 11.349  20.411  8.890   1.00 17.95 ? 90  GLY A CA   1 
ATOM   816  C C    . GLY A 1 90  ? 10.010  20.023  9.500   1.00 16.68 ? 90  GLY A C    1 
ATOM   817  O O    . GLY A 1 90  ? 9.822   20.133  10.721  1.00 20.89 ? 90  GLY A O    1 
ATOM   818  H H    . GLY A 1 90  ? 11.842  19.597  7.004   1.00 0.00  ? 90  GLY A H    1 
ATOM   819  N N    . ARG A 1 91  ? 9.080   19.553  8.682   1.00 15.14 ? 91  ARG A N    1 
ATOM   820  C CA   . ARG A 1 91  ? 7.772   19.201  9.196   1.00 15.81 ? 91  ARG A CA   1 
ATOM   821  C C    . ARG A 1 91  ? 7.565   17.691  9.095   1.00 17.71 ? 91  ARG A C    1 
ATOM   822  O O    . ARG A 1 91  ? 7.838   17.107  8.054   1.00 18.84 ? 91  ARG A O    1 
ATOM   823  C CB   . ARG A 1 91  ? 6.735   19.948  8.390   1.00 16.81 ? 91  ARG A CB   1 
ATOM   824  C CG   . ARG A 1 91  ? 5.349   19.864  8.931   1.00 20.67 ? 91  ARG A CG   1 
ATOM   825  C CD   . ARG A 1 91  ? 4.433   19.421  7.838   1.00 24.77 ? 91  ARG A CD   1 
ATOM   826  N NE   . ARG A 1 91  ? 4.110   20.490  6.913   1.00 26.83 ? 91  ARG A NE   1 
ATOM   827  C CZ   . ARG A 1 91  ? 3.036   21.265  7.023   1.00 30.35 ? 91  ARG A CZ   1 
ATOM   828  N NH1  . ARG A 1 91  ? 2.193   21.096  8.021   1.00 34.65 ? 91  ARG A NH1  1 
ATOM   829  N NH2  . ARG A 1 91  ? 2.780   22.189  6.111   1.00 40.65 ? 91  ARG A NH2  1 
ATOM   830  H H    . ARG A 1 91  ? 9.277   19.452  7.728   1.00 0.00  ? 91  ARG A H    1 
ATOM   831  H HE   . ARG A 1 91  ? 4.722   20.653  6.161   1.00 0.00  ? 91  ARG A HE   1 
ATOM   832  H HH11 . ARG A 1 91  ? 2.362   20.383  8.701   1.00 0.00  ? 91  ARG A HH11 1 
ATOM   833  H HH12 . ARG A 1 91  ? 1.388   21.682  8.098   1.00 0.00  ? 91  ARG A HH12 1 
ATOM   834  H HH21 . ARG A 1 91  ? 3.402   22.310  5.335   1.00 0.00  ? 91  ARG A HH21 1 
ATOM   835  H HH22 . ARG A 1 91  ? 1.974   22.769  6.201   1.00 0.00  ? 91  ARG A HH22 1 
ATOM   836  N N    . LYS A 1 92  ? 7.151   17.051  10.188  1.00 22.06 ? 92  LYS A N    1 
ATOM   837  C CA   . LYS A 1 92  ? 6.897   15.604  10.186  1.00 23.92 ? 92  LYS A CA   1 
ATOM   838  C C    . LYS A 1 92  ? 5.414   15.399  9.930   1.00 22.33 ? 92  LYS A C    1 
ATOM   839  O O    . LYS A 1 92  ? 4.573   16.008  10.607  1.00 23.49 ? 92  LYS A O    1 
ATOM   840  C CB   . LYS A 1 92  ? 7.217   14.960  11.542  1.00 30.41 ? 92  LYS A CB   1 
ATOM   841  C CG   . LYS A 1 92  ? 8.476   15.459  12.298  1.00 47.21 ? 92  LYS A CG   1 
ATOM   842  C CD   . LYS A 1 92  ? 8.432   16.978  12.690  1.00 56.79 ? 92  LYS A CD   1 
ATOM   843  C CE   . LYS A 1 92  ? 7.083   17.441  13.307  1.00 58.75 ? 92  LYS A CE   1 
ATOM   844  N NZ   . LYS A 1 92  ? 6.739   18.849  12.902  1.00 56.82 ? 92  LYS A NZ   1 
ATOM   845  H H    . LYS A 1 92  ? 7.018   17.559  11.000  1.00 0.00  ? 92  LYS A H    1 
ATOM   846  H HZ1  . LYS A 1 92  ? 7.487   19.495  13.224  1.00 0.00  ? 92  LYS A HZ1  1 
ATOM   847  H HZ2  . LYS A 1 92  ? 6.660   18.903  11.865  1.00 0.00  ? 92  LYS A HZ2  1 
ATOM   848  H HZ3  . LYS A 1 92  ? 5.834   19.122  13.332  1.00 0.00  ? 92  LYS A HZ3  1 
ATOM   849  N N    . THR A 1 93  ? 5.104   14.566  8.946   1.00 19.41 ? 93  THR A N    1 
ATOM   850  C CA   . THR A 1 93  ? 3.726   14.253  8.593   1.00 16.63 ? 93  THR A CA   1 
ATOM   851  C C    . THR A 1 93  ? 3.490   12.742  8.742   1.00 15.63 ? 93  THR A C    1 
ATOM   852  O O    . THR A 1 93  ? 4.408   11.940  8.548   1.00 16.10 ? 93  THR A O    1 
ATOM   853  C CB   . THR A 1 93  ? 3.408   14.735  7.180   1.00 12.78 ? 93  THR A CB   1 
ATOM   854  O OG1  . THR A 1 93  ? 3.406   16.161  7.196   1.00 16.31 ? 93  THR A OG1  1 
ATOM   855  C CG2  . THR A 1 93  ? 2.032   14.260  6.710   1.00 12.46 ? 93  THR A CG2  1 
ATOM   856  H H    . THR A 1 93  ? 5.821   14.147  8.438   1.00 0.00  ? 93  THR A H    1 
ATOM   857  H HG1  . THR A 1 93  ? 2.770   16.477  7.807   1.00 0.00  ? 93  THR A HG1  1 
ATOM   858  N N    . VAL A 1 94  ? 2.288   12.382  9.198   1.00 17.33 ? 94  VAL A N    1 
ATOM   859  C CA   . VAL A 1 94  ? 1.882   10.990  9.406   1.00 14.21 ? 94  VAL A CA   1 
ATOM   860  C C    . VAL A 1 94  ? 0.560   10.780  8.695   1.00 10.41 ? 94  VAL A C    1 
ATOM   861  O O    . VAL A 1 94  ? -0.393  11.466  9.016   1.00 13.05 ? 94  VAL A O    1 
ATOM   862  C CB   . VAL A 1 94  ? 1.638   10.671  10.925  1.00 14.97 ? 94  VAL A CB   1 
ATOM   863  C CG1  . VAL A 1 94  ? 1.240   9.198   11.137  1.00 12.26 ? 94  VAL A CG1  1 
ATOM   864  C CG2  . VAL A 1 94  ? 2.876   10.964  11.734  1.00 9.71  ? 94  VAL A CG2  1 
ATOM   865  H H    . VAL A 1 94  ? 1.642   13.087  9.406   1.00 0.00  ? 94  VAL A H    1 
ATOM   866  N N    . VAL A 1 95  ? 0.510   9.915   7.685   1.00 12.10 ? 95  VAL A N    1 
ATOM   867  C CA   . VAL A 1 95  ? -0.760  9.625   7.014   1.00 11.94 ? 95  VAL A CA   1 
ATOM   868  C C    . VAL A 1 95  ? -1.224  8.286   7.607   1.00 12.38 ? 95  VAL A C    1 
ATOM   869  O O    . VAL A 1 95  ? -0.439  7.349   7.752   1.00 13.15 ? 95  VAL A O    1 
ATOM   870  C CB   . VAL A 1 95  ? -0.611  9.569   5.477   1.00 12.06 ? 95  VAL A CB   1 
ATOM   871  C CG1  . VAL A 1 95  ? -1.946  9.361   4.830   1.00 13.27 ? 95  VAL A CG1  1 
ATOM   872  C CG2  . VAL A 1 95  ? -0.048  10.879  4.978   1.00 12.47 ? 95  VAL A CG2  1 
ATOM   873  H H    . VAL A 1 95  ? 1.332   9.474   7.390   1.00 0.00  ? 95  VAL A H    1 
ATOM   874  N N    . ALA A 1 96  ? -2.481  8.234   8.035   1.00 12.73 ? 96  ALA A N    1 
ATOM   875  C CA   . ALA A 1 96  ? -3.034  7.049   8.667   1.00 8.16  ? 96  ALA A CA   1 
ATOM   876  C C    . ALA A 1 96  ? -4.170  6.464   7.852   1.00 10.89 ? 96  ALA A C    1 
ATOM   877  O O    . ALA A 1 96  ? -5.325  6.756   8.125   1.00 11.32 ? 96  ALA A O    1 
ATOM   878  C CB   . ALA A 1 96  ? -3.529  7.409   10.053  1.00 6.00  ? 96  ALA A CB   1 
ATOM   879  H H    . ALA A 1 96  ? -3.059  9.020   7.919   1.00 0.00  ? 96  ALA A H    1 
ATOM   880  N N    . PRO A 1 97  ? -3.865  5.664   6.805   1.00 10.65 ? 97  PRO A N    1 
ATOM   881  C CA   . PRO A 1 97  ? -4.902  5.053   5.960   1.00 9.76  ? 97  PRO A CA   1 
ATOM   882  C C    . PRO A 1 97  ? -5.273  3.618   6.353   1.00 9.64  ? 97  PRO A C    1 
ATOM   883  O O    . PRO A 1 97  ? -4.726  3.028   7.291   1.00 11.22 ? 97  PRO A O    1 
ATOM   884  C CB   . PRO A 1 97  ? -4.230  5.002   4.568   1.00 9.32  ? 97  PRO A CB   1 
ATOM   885  C CG   . PRO A 1 97  ? -2.812  5.525   4.773   1.00 6.00  ? 97  PRO A CG   1 
ATOM   886  C CD   . PRO A 1 97  ? -2.536  5.382   6.238   1.00 9.04  ? 97  PRO A CD   1 
ATOM   887  N N    . ILE A 1 98  ? -6.244  3.089   5.626   1.00 8.61  ? 98  ILE A N    1 
ATOM   888  C CA   . ILE A 1 98  ? -6.661  1.710   5.743   1.00 9.18  ? 98  ILE A CA   1 
ATOM   889  C C    . ILE A 1 98  ? -6.609  1.244   4.286   1.00 8.11  ? 98  ILE A C    1 
ATOM   890  O O    . ILE A 1 98  ? -7.211  1.860   3.419   1.00 10.28 ? 98  ILE A O    1 
ATOM   891  C CB   . ILE A 1 98  ? -8.093  1.537   6.342   1.00 9.87  ? 98  ILE A CB   1 
ATOM   892  C CG1  . ILE A 1 98  ? -8.012  1.634   7.869   1.00 6.34  ? 98  ILE A CG1  1 
ATOM   893  C CG2  . ILE A 1 98  ? -8.648  0.137   5.991   1.00 6.00  ? 98  ILE A CG2  1 
ATOM   894  C CD1  . ILE A 1 98  ? -9.307  1.654   8.551   1.00 13.06 ? 98  ILE A CD1  1 
ATOM   895  H H    . ILE A 1 98  ? -6.709  3.664   4.975   1.00 0.00  ? 98  ILE A H    1 
ATOM   896  N N    . ASP A 1 99  ? -5.774  0.259   3.983   1.00 10.52 ? 99  ASP A N    1 
ATOM   897  C CA   . ASP A 1 99  ? -5.680  -0.234  2.611   1.00 9.84  ? 99  ASP A CA   1 
ATOM   898  C C    . ASP A 1 99  ? -6.519  -1.478  2.470   1.00 9.45  ? 99  ASP A C    1 
ATOM   899  O O    . ASP A 1 99  ? -6.783  -2.166  3.441   1.00 11.07 ? 99  ASP A O    1 
ATOM   900  C CB   . ASP A 1 99  ? -4.227  -0.554  2.228   1.00 13.15 ? 99  ASP A CB   1 
ATOM   901  C CG   . ASP A 1 99  ? -3.428  0.665   1.776   1.00 11.57 ? 99  ASP A CG   1 
ATOM   902  O OD1  . ASP A 1 99  ? -3.852  1.841   1.967   1.00 15.84 ? 99  ASP A OD1  1 
ATOM   903  O OD2  . ASP A 1 99  ? -2.337  0.418   1.236   1.00 18.08 ? 99  ASP A OD2  1 
ATOM   904  H H    . ASP A 1 99  ? -5.229  -0.143  4.688   1.00 0.00  ? 99  ASP A H    1 
ATOM   905  H HD2  . ASP A 1 99  ? -1.905  1.253   0.988   1.00 0.00  ? 99  ASP A HD2  1 
ATOM   906  N N    . HIS A 1 100 ? -6.872  -1.795  1.234   1.00 13.55 ? 100 HIS A N    1 
ATOM   907  C CA   . HIS A 1 100 ? -7.694  -2.932  0.929   1.00 11.43 ? 100 HIS A CA   1 
ATOM   908  C C    . HIS A 1 100 ? -7.170  -3.640  -0.308  1.00 12.69 ? 100 HIS A C    1 
ATOM   909  O O    . HIS A 1 100 ? -7.168  -3.063  -1.388  1.00 10.91 ? 100 HIS A O    1 
ATOM   910  C CB   . HIS A 1 100 ? -9.107  -2.443  0.670   1.00 14.19 ? 100 HIS A CB   1 
ATOM   911  C CG   . HIS A 1 100 ? -10.035 -3.522  0.219   1.00 19.70 ? 100 HIS A CG   1 
ATOM   912  N ND1  . HIS A 1 100 ? -10.789 -3.423  -0.931  1.00 26.05 ? 100 HIS A ND1  1 
ATOM   913  C CD2  . HIS A 1 100 ? -10.317 -4.733  0.747   1.00 18.31 ? 100 HIS A CD2  1 
ATOM   914  C CE1  . HIS A 1 100 ? -11.495 -4.531  -1.088  1.00 26.25 ? 100 HIS A CE1  1 
ATOM   915  N NE2  . HIS A 1 100 ? -11.224 -5.338  -0.084  1.00 18.65 ? 100 HIS A NE2  1 
ATOM   916  H H    . HIS A 1 100 ? -6.560  -1.232  0.490   1.00 0.00  ? 100 HIS A H    1 
ATOM   917  H HD1  . HIS A 1 100 ? -10.806 -2.643  -1.527  1.00 0.00  ? 100 HIS A HD1  1 
ATOM   918  H HE2  . HIS A 1 100 ? -11.601 -6.230  0.044   1.00 0.00  ? 100 HIS A HE2  1 
ATOM   919  N N    . PHE A 1 101 ? -6.739  -4.888  -0.147  1.00 11.23 ? 101 PHE A N    1 
ATOM   920  C CA   . PHE A 1 101 ? -6.228  -5.691  -1.259  1.00 10.60 ? 101 PHE A CA   1 
ATOM   921  C C    . PHE A 1 101 ? -7.242  -6.742  -1.630  1.00 10.73 ? 101 PHE A C    1 
ATOM   922  O O    . PHE A 1 101 ? -7.959  -7.228  -0.781  1.00 11.58 ? 101 PHE A O    1 
ATOM   923  C CB   . PHE A 1 101 ? -4.977  -6.484  -0.843  1.00 8.89  ? 101 PHE A CB   1 
ATOM   924  C CG   . PHE A 1 101 ? -3.724  -5.670  -0.697  1.00 8.66  ? 101 PHE A CG   1 
ATOM   925  C CD1  . PHE A 1 101 ? -3.710  -4.319  -0.947  1.00 9.36  ? 101 PHE A CD1  1 
ATOM   926  C CD2  . PHE A 1 101 ? -2.542  -6.291  -0.329  1.00 12.36 ? 101 PHE A CD2  1 
ATOM   927  C CE1  . PHE A 1 101 ? -2.539  -3.593  -0.844  1.00 13.52 ? 101 PHE A CE1  1 
ATOM   928  C CE2  . PHE A 1 101 ? -1.357  -5.581  -0.220  1.00 10.49 ? 101 PHE A CE2  1 
ATOM   929  C CZ   . PHE A 1 101 ? -1.356  -4.222  -0.480  1.00 13.58 ? 101 PHE A CZ   1 
ATOM   930  H H    . PHE A 1 101 ? -6.764  -5.284  0.750   1.00 0.00  ? 101 PHE A H    1 
ATOM   931  N N    . ARG A 1 102 ? -7.246  -7.128  -2.898  1.00 14.13 ? 102 ARG A N    1 
ATOM   932  C CA   . ARG A 1 102 ? -8.097  -8.202  -3.391  1.00 14.63 ? 102 ARG A CA   1 
ATOM   933  C C    . ARG A 1 102 ? -7.103  -9.030  -4.196  1.00 12.65 ? 102 ARG A C    1 
ATOM   934  O O    . ARG A 1 102 ? -6.365  -8.476  -5.027  1.00 11.19 ? 102 ARG A O    1 
ATOM   935  C CB   . ARG A 1 102 ? -9.185  -7.694  -4.307  1.00 20.21 ? 102 ARG A CB   1 
ATOM   936  C CG   . ARG A 1 102 ? -10.276 -8.734  -4.592  1.00 30.67 ? 102 ARG A CG   1 
ATOM   937  C CD   . ARG A 1 102 ? -11.093 -8.339  -5.813  1.00 43.49 ? 102 ARG A CD   1 
ATOM   938  N NE   . ARG A 1 102 ? -11.236 -6.883  -5.912  1.00 55.45 ? 102 ARG A NE   1 
ATOM   939  C CZ   . ARG A 1 102 ? -11.923 -6.123  -5.055  1.00 61.58 ? 102 ARG A CZ   1 
ATOM   940  N NH1  . ARG A 1 102 ? -12.564 -6.674  -4.022  1.00 64.04 ? 102 ARG A NH1  1 
ATOM   941  N NH2  . ARG A 1 102 ? -11.910 -4.798  -5.182  1.00 62.87 ? 102 ARG A NH2  1 
ATOM   942  H H    . ARG A 1 102 ? -6.657  -6.669  -3.533  1.00 0.00  ? 102 ARG A H    1 
ATOM   943  H HE   . ARG A 1 102 ? -10.785 -6.431  -6.654  1.00 0.00  ? 102 ARG A HE   1 
ATOM   944  H HH11 . ARG A 1 102 ? -12.535 -7.670  -3.891  1.00 0.00  ? 102 ARG A HH11 1 
ATOM   945  H HH12 . ARG A 1 102 ? -13.085 -6.106  -3.390  1.00 0.00  ? 102 ARG A HH12 1 
ATOM   946  H HH21 . ARG A 1 102 ? -11.379 -4.372  -5.914  1.00 0.00  ? 102 ARG A HH21 1 
ATOM   947  H HH22 . ARG A 1 102 ? -12.427 -4.229  -4.541  1.00 0.00  ? 102 ARG A HH22 1 
ATOM   948  N N    . PHE A 1 103 ? -7.033  -10.330 -3.907  1.00 12.56 ? 103 PHE A N    1 
ATOM   949  C CA   . PHE A 1 103 ? -6.090  -11.235 -4.549  1.00 10.80 ? 103 PHE A CA   1 
ATOM   950  C C    . PHE A 1 103 ? -6.727  -12.056 -5.614  1.00 12.83 ? 103 PHE A C    1 
ATOM   951  O O    . PHE A 1 103 ? -7.916  -12.260 -5.608  1.00 15.66 ? 103 PHE A O    1 
ATOM   952  C CB   . PHE A 1 103 ? -5.491  -12.195 -3.521  1.00 7.79  ? 103 PHE A CB   1 
ATOM   953  C CG   . PHE A 1 103 ? -4.698  -11.511 -2.457  1.00 9.01  ? 103 PHE A CG   1 
ATOM   954  C CD1  . PHE A 1 103 ? -5.332  -10.719 -1.501  1.00 6.02  ? 103 PHE A CD1  1 
ATOM   955  C CD2  . PHE A 1 103 ? -3.306  -11.625 -2.428  1.00 6.92  ? 103 PHE A CD2  1 
ATOM   956  C CE1  . PHE A 1 103 ? -4.581  -10.051 -0.543  1.00 6.00  ? 103 PHE A CE1  1 
ATOM   957  C CE2  . PHE A 1 103 ? -2.557  -10.968 -1.486  1.00 6.09  ? 103 PHE A CE2  1 
ATOM   958  C CZ   . PHE A 1 103 ? -3.189  -10.178 -0.538  1.00 9.55  ? 103 PHE A CZ   1 
ATOM   959  H H    . PHE A 1 103 ? -7.629  -10.691 -3.226  1.00 0.00  ? 103 PHE A H    1 
ATOM   960  N N    . ASN A 1 104 ? -5.909  -12.560 -6.520  1.00 16.27 ? 104 ASN A N    1 
ATOM   961  C CA   . ASN A 1 104 ? -6.414  -13.404 -7.579  1.00 15.88 ? 104 ASN A CA   1 
ATOM   962  C C    . ASN A 1 104 ? -6.155  -14.845 -7.205  1.00 17.59 ? 104 ASN A C    1 
ATOM   963  O O    . ASN A 1 104 ? -5.616  -15.110 -6.133  1.00 19.54 ? 104 ASN A O    1 
ATOM   964  C CB   . ASN A 1 104 ? -5.787  -13.028 -8.935  1.00 18.89 ? 104 ASN A CB   1 
ATOM   965  C CG   . ASN A 1 104 ? -4.321  -13.412 -9.076  1.00 18.53 ? 104 ASN A CG   1 
ATOM   966  O OD1  . ASN A 1 104 ? -3.727  -13.151 -10.114 1.00 24.80 ? 104 ASN A OD1  1 
ATOM   967  N ND2  . ASN A 1 104 ? -3.736  -14.024 -8.058  1.00 20.57 ? 104 ASN A ND2  1 
ATOM   968  H H    . ASN A 1 104 ? -4.948  -12.354 -6.477  1.00 0.00  ? 104 ASN A H    1 
ATOM   969  H HD21 . ASN A 1 104 ? -2.795  -14.262 -8.166  1.00 0.00  ? 104 ASN A HD21 1 
ATOM   970  H HD22 . ASN A 1 104 ? -4.224  -14.198 -7.239  1.00 0.00  ? 104 ASN A HD22 1 
ATOM   971  N N    . GLY A 1 105 ? -6.431  -15.775 -8.110  1.00 20.79 ? 105 GLY A N    1 
ATOM   972  C CA   . GLY A 1 105 ? -6.206  -17.181 -7.806  1.00 21.87 ? 105 GLY A CA   1 
ATOM   973  C C    . GLY A 1 105 ? -4.746  -17.488 -7.551  1.00 25.46 ? 105 GLY A C    1 
ATOM   974  O O    . GLY A 1 105 ? -4.394  -18.243 -6.631  1.00 28.38 ? 105 GLY A O    1 
ATOM   975  H H    . GLY A 1 105 ? -6.786  -15.512 -8.982  1.00 0.00  ? 105 GLY A H    1 
ATOM   976  N N    . ALA A 1 106 ? -3.889  -16.847 -8.338  1.00 25.60 ? 106 ALA A N    1 
ATOM   977  C CA   . ALA A 1 106 ? -2.459  -17.049 -8.229  1.00 22.37 ? 106 ALA A CA   1 
ATOM   978  C C    . ALA A 1 106 ? -1.904  -16.430 -6.960  1.00 19.71 ? 106 ALA A C    1 
ATOM   979  O O    . ALA A 1 106 ? -0.723  -16.547 -6.692  1.00 23.49 ? 106 ALA A O    1 
ATOM   980  C CB   . ALA A 1 106 ? -1.761  -16.487 -9.451  1.00 22.27 ? 106 ALA A CB   1 
ATOM   981  H H    . ALA A 1 106 ? -4.232  -16.227 -9.013  1.00 0.00  ? 106 ALA A H    1 
ATOM   982  N N    . GLY A 1 107 ? -2.747  -15.757 -6.188  1.00 18.09 ? 107 GLY A N    1 
ATOM   983  C CA   . GLY A 1 107 ? -2.277  -15.170 -4.946  1.00 15.07 ? 107 GLY A CA   1 
ATOM   984  C C    . GLY A 1 107 ? -1.611  -13.823 -5.116  1.00 15.22 ? 107 GLY A C    1 
ATOM   985  O O    . GLY A 1 107 ? -0.891  -13.378 -4.226  1.00 16.52 ? 107 GLY A O    1 
ATOM   986  H H    . GLY A 1 107 ? -3.678  -15.653 -6.454  1.00 0.00  ? 107 GLY A H    1 
ATOM   987  N N    . LYS A 1 108 ? -1.793  -13.208 -6.279  1.00 13.26 ? 108 LYS A N    1 
ATOM   988  C CA   . LYS A 1 108 ? -1.224  -11.890 -6.536  1.00 12.66 ? 108 LYS A CA   1 
ATOM   989  C C    . LYS A 1 108 ? -2.318  -10.868 -6.343  1.00 13.21 ? 108 LYS A C    1 
ATOM   990  O O    . LYS A 1 108 ? -3.513  -11.181 -6.488  1.00 12.68 ? 108 LYS A O    1 
ATOM   991  C CB   . LYS A 1 108 ? -0.737  -11.776 -7.973  1.00 13.63 ? 108 LYS A CB   1 
ATOM   992  C CG   . LYS A 1 108 ? 0.349   -12.720 -8.375  1.00 18.10 ? 108 LYS A CG   1 
ATOM   993  C CD   . LYS A 1 108 ? 1.700   -12.251 -7.934  1.00 26.07 ? 108 LYS A CD   1 
ATOM   994  C CE   . LYS A 1 108 ? 2.749   -13.169 -8.539  1.00 35.70 ? 108 LYS A CE   1 
ATOM   995  N NZ   . LYS A 1 108 ? 4.153   -12.733 -8.245  1.00 45.86 ? 108 LYS A NZ   1 
ATOM   996  H H    . LYS A 1 108 ? -2.309  -13.638 -6.962  1.00 0.00  ? 108 LYS A H    1 
ATOM   997  H HZ1  . LYS A 1 108 ? 4.307   -11.785 -8.633  1.00 0.00  ? 108 LYS A HZ1  1 
ATOM   998  H HZ2  . LYS A 1 108 ? 4.300   -12.725 -7.218  1.00 0.00  ? 108 LYS A HZ2  1 
ATOM   999  H HZ3  . LYS A 1 108 ? 4.818   -13.403 -8.687  1.00 0.00  ? 108 LYS A HZ3  1 
ATOM   1000 N N    . VAL A 1 109 ? -1.906  -9.634  -6.088  1.00 14.56 ? 109 VAL A N    1 
ATOM   1001 C CA   . VAL A 1 109 ? -2.837  -8.530  -5.866  1.00 12.56 ? 109 VAL A CA   1 
ATOM   1002 C C    . VAL A 1 109 ? -3.380  -8.006  -7.173  1.00 13.41 ? 109 VAL A C    1 
ATOM   1003 O O    . VAL A 1 109 ? -2.603  -7.549  -8.010  1.00 14.38 ? 109 VAL A O    1 
ATOM   1004 C CB   . VAL A 1 109 ? -2.141  -7.364  -5.103  1.00 11.07 ? 109 VAL A CB   1 
ATOM   1005 C CG1  . VAL A 1 109 ? -3.102  -6.175  -4.870  1.00 7.38  ? 109 VAL A CG1  1 
ATOM   1006 C CG2  . VAL A 1 109 ? -1.608  -7.866  -3.791  1.00 9.84  ? 109 VAL A CG2  1 
ATOM   1007 H H    . VAL A 1 109 ? -0.941  -9.454  -6.043  1.00 0.00  ? 109 VAL A H    1 
ATOM   1008 N N    . VAL A 1 110 ? -4.700  -8.097  -7.361  1.00 14.87 ? 110 VAL A N    1 
ATOM   1009 C CA   . VAL A 1 110 ? -5.337  -7.579  -8.572  1.00 14.29 ? 110 VAL A CA   1 
ATOM   1010 C C    . VAL A 1 110 ? -5.803  -6.147  -8.407  1.00 17.06 ? 110 VAL A C    1 
ATOM   1011 O O    . VAL A 1 110 ? -5.986  -5.442  -9.399  1.00 19.87 ? 110 VAL A O    1 
ATOM   1012 C CB   . VAL A 1 110 ? -6.559  -8.416  -9.046  1.00 16.02 ? 110 VAL A CB   1 
ATOM   1013 C CG1  . VAL A 1 110 ? -6.105  -9.581  -9.859  1.00 18.39 ? 110 VAL A CG1  1 
ATOM   1014 C CG2  . VAL A 1 110 ? -7.418  -8.864  -7.880  1.00 11.77 ? 110 VAL A CG2  1 
ATOM   1015 H H    . VAL A 1 110 ? -5.250  -8.526  -6.674  1.00 0.00  ? 110 VAL A H    1 
ATOM   1016 N N    . SER A 1 111 ? -6.070  -5.731  -7.171  1.00 15.38 ? 111 SER A N    1 
ATOM   1017 C CA   . SER A 1 111 ? -6.498  -4.360  -6.931  1.00 16.64 ? 111 SER A CA   1 
ATOM   1018 C C    . SER A 1 111 ? -6.156  -3.905  -5.535  1.00 14.93 ? 111 SER A C    1 
ATOM   1019 O O    . SER A 1 111 ? -6.251  -4.673  -4.590  1.00 15.37 ? 111 SER A O    1 
ATOM   1020 C CB   . SER A 1 111 ? -7.986  -4.205  -7.151  1.00 17.98 ? 111 SER A CB   1 
ATOM   1021 O OG   . SER A 1 111 ? -8.671  -4.700  -6.041  1.00 27.55 ? 111 SER A OG   1 
ATOM   1022 H H    . SER A 1 111 ? -5.969  -6.339  -6.416  1.00 0.00  ? 111 SER A H    1 
ATOM   1023 H HG   . SER A 1 111 ? -8.405  -4.216  -5.250  1.00 0.00  ? 111 SER A HG   1 
ATOM   1024 N N    . MET A 1 112 ? -5.817  -2.624  -5.423  1.00 15.67 ? 112 MET A N    1 
ATOM   1025 C CA   . MET A 1 112 ? -5.413  -1.996  -4.166  1.00 13.41 ? 112 MET A CA   1 
ATOM   1026 C C    . MET A 1 112 ? -6.157  -0.684  -4.085  1.00 13.31 ? 112 MET A C    1 
ATOM   1027 O O    . MET A 1 112 ? -6.252  0.033   -5.076  1.00 13.57 ? 112 MET A O    1 
ATOM   1028 C CB   . MET A 1 112 ? -3.904  -1.710  -4.213  1.00 11.85 ? 112 MET A CB   1 
ATOM   1029 C CG   . MET A 1 112 ? -3.302  -1.190  -2.947  1.00 23.47 ? 112 MET A CG   1 
ATOM   1030 S SD   . MET A 1 112 ? -3.620  0.548   -2.684  1.00 30.80 ? 112 MET A SD   1 
ATOM   1031 C CE   . MET A 1 112 ? -1.971  1.167   -2.548  1.00 34.78 ? 112 MET A CE   1 
ATOM   1032 H H    . MET A 1 112 ? -5.848  -2.063  -6.229  1.00 0.00  ? 112 MET A H    1 
ATOM   1033 N N    . ARG A 1 113 ? -6.725  -0.390  -2.922  1.00 12.94 ? 113 ARG A N    1 
ATOM   1034 C CA   . ARG A 1 113 ? -7.441  0.872   -2.706  1.00 11.21 ? 113 ARG A CA   1 
ATOM   1035 C C    . ARG A 1 113 ? -7.008  1.427   -1.356  1.00 11.13 ? 113 ARG A C    1 
ATOM   1036 O O    . ARG A 1 113 ? -7.022  0.711   -0.365  1.00 12.36 ? 113 ARG A O    1 
ATOM   1037 C CB   . ARG A 1 113 ? -8.947  0.652   -2.724  1.00 11.20 ? 113 ARG A CB   1 
ATOM   1038 C CG   . ARG A 1 113 ? -9.467  0.016   -4.003  1.00 13.61 ? 113 ARG A CG   1 
ATOM   1039 C CD   . ARG A 1 113 ? -10.999 -0.082  -4.000  1.00 14.34 ? 113 ARG A CD   1 
ATOM   1040 N NE   . ARG A 1 113 ? -11.635 1.179   -4.392  1.00 18.56 ? 113 ARG A NE   1 
ATOM   1041 C CZ   . ARG A 1 113 ? -12.573 1.817   -3.703  1.00 13.30 ? 113 ARG A CZ   1 
ATOM   1042 N NH1  . ARG A 1 113 ? -13.024 1.324   -2.558  1.00 16.20 ? 113 ARG A NH1  1 
ATOM   1043 N NH2  . ARG A 1 113 ? -13.003 2.988   -4.132  1.00 16.88 ? 113 ARG A NH2  1 
ATOM   1044 H H    . ARG A 1 113 ? -6.666  -1.038  -2.184  1.00 0.00  ? 113 ARG A H    1 
ATOM   1045 H HE   . ARG A 1 113 ? -11.348 1.584   -5.236  1.00 0.00  ? 113 ARG A HE   1 
ATOM   1046 H HH11 . ARG A 1 113 ? -12.659 0.463   -2.208  1.00 0.00  ? 113 ARG A HH11 1 
ATOM   1047 H HH12 . ARG A 1 113 ? -13.731 1.812   -2.048  1.00 0.00  ? 113 ARG A HH12 1 
ATOM   1048 H HH21 . ARG A 1 113 ? -12.624 3.383   -4.966  1.00 0.00  ? 113 ARG A HH21 1 
ATOM   1049 H HH22 . ARG A 1 113 ? -13.709 3.475   -3.619  1.00 0.00  ? 113 ARG A HH22 1 
ATOM   1050 N N    . ALA A 1 114 ? -6.498  2.649   -1.338  1.00 10.89 ? 114 ALA A N    1 
ATOM   1051 C CA   . ALA A 1 114 ? -6.062  3.286   -0.094  1.00 12.68 ? 114 ALA A CA   1 
ATOM   1052 C C    . ALA A 1 114 ? -7.110  4.304   0.312   1.00 14.67 ? 114 ALA A C    1 
ATOM   1053 O O    . ALA A 1 114 ? -7.373  5.285   -0.396  1.00 15.76 ? 114 ALA A O    1 
ATOM   1054 C CB   . ALA A 1 114 ? -4.734  3.964   -0.277  1.00 13.26 ? 114 ALA A CB   1 
ATOM   1055 H H    . ALA A 1 114 ? -6.415  3.148   -2.174  1.00 0.00  ? 114 ALA A H    1 
ATOM   1056 N N    . LEU A 1 115 ? -7.660  4.095   1.488   1.00 14.75 ? 115 LEU A N    1 
ATOM   1057 C CA   . LEU A 1 115 ? -8.706  4.932   1.990   1.00 12.77 ? 115 LEU A CA   1 
ATOM   1058 C C    . LEU A 1 115 ? -8.211  5.803   3.115   1.00 11.25 ? 115 LEU A C    1 
ATOM   1059 O O    . LEU A 1 115 ? -7.731  5.316   4.129   1.00 15.54 ? 115 LEU A O    1 
ATOM   1060 C CB   . LEU A 1 115 ? -9.839  4.022   2.462   1.00 18.02 ? 115 LEU A CB   1 
ATOM   1061 C CG   . LEU A 1 115 ? -11.274 4.434   2.195   1.00 18.27 ? 115 LEU A CG   1 
ATOM   1062 C CD1  . LEU A 1 115 ? -12.078 3.198   2.029   1.00 17.12 ? 115 LEU A CD1  1 
ATOM   1063 C CD2  . LEU A 1 115 ? -11.786 5.293   3.316   1.00 18.75 ? 115 LEU A CD2  1 
ATOM   1064 H H    . LEU A 1 115 ? -7.341  3.348   2.036   1.00 0.00  ? 115 LEU A H    1 
ATOM   1065 N N    . PHE A 1 116 ? -8.227  7.099   2.884   1.00 13.00 ? 116 PHE A N    1 
ATOM   1066 C CA   . PHE A 1 116 ? -7.839  8.068   3.894   1.00 11.32 ? 116 PHE A CA   1 
ATOM   1067 C C    . PHE A 1 116 ? -8.232  9.413   3.342   1.00 12.01 ? 116 PHE A C    1 
ATOM   1068 O O    . PHE A 1 116 ? -8.265  9.588   2.124   1.00 14.48 ? 116 PHE A O    1 
ATOM   1069 C CB   . PHE A 1 116 ? -6.343  8.006   4.206   1.00 12.89 ? 116 PHE A CB   1 
ATOM   1070 C CG   . PHE A 1 116 ? -5.473  8.511   3.105   1.00 14.93 ? 116 PHE A CG   1 
ATOM   1071 C CD1  . PHE A 1 116 ? -5.178  7.713   2.025   1.00 15.02 ? 116 PHE A CD1  1 
ATOM   1072 C CD2  . PHE A 1 116 ? -4.983  9.809   3.132   1.00 19.20 ? 116 PHE A CD2  1 
ATOM   1073 C CE1  . PHE A 1 116 ? -4.406  8.202   0.972   1.00 20.06 ? 116 PHE A CE1  1 
ATOM   1074 C CE2  . PHE A 1 116 ? -4.215  10.304  2.087   1.00 18.55 ? 116 PHE A CE2  1 
ATOM   1075 C CZ   . PHE A 1 116 ? -3.926  9.503   1.008   1.00 17.20 ? 116 PHE A CZ   1 
ATOM   1076 H H    . PHE A 1 116 ? -8.513  7.424   2.008   1.00 0.00  ? 116 PHE A H    1 
ATOM   1077 N N    . GLY A 1 117 ? -8.605  10.325  4.232   1.00 11.78 ? 117 GLY A N    1 
ATOM   1078 C CA   . GLY A 1 117 ? -8.984  11.662  3.823   1.00 12.34 ? 117 GLY A CA   1 
ATOM   1079 C C    . GLY A 1 117 ? -8.141  12.688  4.567   1.00 15.21 ? 117 GLY A C    1 
ATOM   1080 O O    . GLY A 1 117 ? -7.190  12.316  5.276   1.00 15.99 ? 117 GLY A O    1 
ATOM   1081 H H    . GLY A 1 117 ? -8.611  10.095  5.184   1.00 0.00  ? 117 GLY A H    1 
ATOM   1082 N N    . GLU A 1 118 ? -8.527  13.964  4.490   1.00 18.03 ? 118 GLU A N    1 
ATOM   1083 C CA   . GLU A 1 118 ? -7.772  15.033  5.154   1.00 21.67 ? 118 GLU A CA   1 
ATOM   1084 C C    . GLU A 1 118 ? -7.688  14.898  6.660   1.00 20.59 ? 118 GLU A C    1 
ATOM   1085 O O    . GLU A 1 118 ? -6.718  15.344  7.290   1.00 19.61 ? 118 GLU A O    1 
ATOM   1086 C CB   . GLU A 1 118 ? -8.284  16.428  4.755   1.00 31.00 ? 118 GLU A CB   1 
ATOM   1087 C CG   . GLU A 1 118 ? -7.641  16.961  3.457   1.00 46.43 ? 118 GLU A CG   1 
ATOM   1088 C CD   . GLU A 1 118 ? -8.154  18.342  3.021   1.00 54.03 ? 118 GLU A CD   1 
ATOM   1089 O OE1  . GLU A 1 118 ? -8.021  19.325  3.799   1.00 57.68 ? 118 GLU A OE1  1 
ATOM   1090 O OE2  . GLU A 1 118 ? -8.667  18.444  1.874   1.00 60.69 ? 118 GLU A OE2  1 
ATOM   1091 H H    . GLU A 1 118 ? -9.332  14.191  3.981   1.00 0.00  ? 118 GLU A H    1 
ATOM   1092 N N    . LYS A 1 119 ? -8.682  14.249  7.242   1.00 21.35 ? 119 LYS A N    1 
ATOM   1093 C CA   . LYS A 1 119 ? -8.682  14.051  8.677   1.00 23.01 ? 119 LYS A CA   1 
ATOM   1094 C C    . LYS A 1 119 ? -7.661  12.969  9.063   1.00 19.56 ? 119 LYS A C    1 
ATOM   1095 O O    . LYS A 1 119 ? -7.338  12.816  10.237  1.00 20.70 ? 119 LYS A O    1 
ATOM   1096 C CB   . LYS A 1 119 ? -10.086 13.679  9.143   1.00 32.54 ? 119 LYS A CB   1 
ATOM   1097 C CG   . LYS A 1 119 ? -11.165 14.750  8.876   1.00 44.05 ? 119 LYS A CG   1 
ATOM   1098 C CD   . LYS A 1 119 ? -10.896 16.060  9.644   1.00 52.40 ? 119 LYS A CD   1 
ATOM   1099 C CE   . LYS A 1 119 ? -12.196 16.772  10.064  1.00 58.38 ? 119 LYS A CE   1 
ATOM   1100 N NZ   . LYS A 1 119 ? -13.117 17.140  8.934   1.00 63.16 ? 119 LYS A NZ   1 
ATOM   1101 H H    . LYS A 1 119 ? -9.415  13.900  6.702   1.00 0.00  ? 119 LYS A H    1 
ATOM   1102 H HZ1  . LYS A 1 119 ? -12.624 17.782  8.278   1.00 0.00  ? 119 LYS A HZ1  1 
ATOM   1103 H HZ2  . LYS A 1 119 ? -13.400 16.279  8.422   1.00 0.00  ? 119 LYS A HZ2  1 
ATOM   1104 H HZ3  . LYS A 1 119 ? -13.961 17.612  9.312   1.00 0.00  ? 119 LYS A HZ3  1 
ATOM   1105 N N    . ASN A 1 120 ? -7.114  12.263  8.071   1.00 15.85 ? 120 ASN A N    1 
ATOM   1106 C CA   . ASN A 1 120 ? -6.146  11.207  8.349   1.00 13.58 ? 120 ASN A CA   1 
ATOM   1107 C C    . ASN A 1 120 ? -4.725  11.609  8.037   1.00 16.19 ? 120 ASN A C    1 
ATOM   1108 O O    . ASN A 1 120 ? -3.827  10.783  8.020   1.00 18.34 ? 120 ASN A O    1 
ATOM   1109 C CB   . ASN A 1 120 ? -6.507  9.936   7.607   1.00 11.01 ? 120 ASN A CB   1 
ATOM   1110 C CG   . ASN A 1 120 ? -7.921  9.484   7.894   1.00 6.20  ? 120 ASN A CG   1 
ATOM   1111 O OD1  . ASN A 1 120 ? -8.729  9.382   6.973   1.00 6.00  ? 120 ASN A OD1  1 
ATOM   1112 N ND2  . ASN A 1 120 ? -8.255  9.281   9.170   1.00 6.00  ? 120 ASN A ND2  1 
ATOM   1113 H H    . ASN A 1 120 ? -7.364  12.459  7.145   1.00 0.00  ? 120 ASN A H    1 
ATOM   1114 H HD21 . ASN A 1 120 ? -9.170  8.990   9.355   1.00 0.00  ? 120 ASN A HD21 1 
ATOM   1115 H HD22 . ASN A 1 120 ? -7.600  9.419   9.861   1.00 0.00  ? 120 ASN A HD22 1 
ATOM   1116 N N    . ILE A 1 121 ? -4.528  12.887  7.763   1.00 17.12 ? 121 ILE A N    1 
ATOM   1117 C CA   . ILE A 1 121 ? -3.220  13.424  7.484   1.00 15.46 ? 121 ILE A CA   1 
ATOM   1118 C C    . ILE A 1 121 ? -2.969  14.266  8.727   1.00 18.31 ? 121 ILE A C    1 
ATOM   1119 O O    . ILE A 1 121 ? -3.757  15.141  9.068   1.00 25.63 ? 121 ILE A O    1 
ATOM   1120 C CB   . ILE A 1 121 ? -3.242  14.260  6.188   1.00 13.74 ? 121 ILE A CB   1 
ATOM   1121 C CG1  . ILE A 1 121 ? -3.607  13.355  5.012   1.00 10.54 ? 121 ILE A CG1  1 
ATOM   1122 C CG2  . ILE A 1 121 ? -1.873  14.886  5.925   1.00 13.08 ? 121 ILE A CG2  1 
ATOM   1123 C CD1  . ILE A 1 121 ? -4.105  14.097  3.803   1.00 13.54 ? 121 ILE A CD1  1 
ATOM   1124 H H    . ILE A 1 121 ? -5.301  13.493  7.759   1.00 0.00  ? 121 ILE A H    1 
ATOM   1125 N N    . HIS A 1 122 ? -1.929  13.914  9.467   1.00 17.96 ? 122 HIS A N    1 
ATOM   1126 C CA   . HIS A 1 122 ? -1.586  14.583  10.712  1.00 20.30 ? 122 HIS A CA   1 
ATOM   1127 C C    . HIS A 1 122 ? -0.184  15.200  10.676  1.00 22.67 ? 122 HIS A C    1 
ATOM   1128 O O    . HIS A 1 122 ? 0.796   14.559  11.035  1.00 24.54 ? 122 HIS A O    1 
ATOM   1129 C CB   . HIS A 1 122 ? -1.653  13.579  11.877  1.00 18.96 ? 122 HIS A CB   1 
ATOM   1130 C CG   . HIS A 1 122 ? -2.906  12.759  11.906  1.00 22.13 ? 122 HIS A CG   1 
ATOM   1131 N ND1  . HIS A 1 122 ? -2.980  11.511  11.319  1.00 25.31 ? 122 HIS A ND1  1 
ATOM   1132 C CD2  . HIS A 1 122 ? -4.122  13.000  12.428  1.00 23.09 ? 122 HIS A CD2  1 
ATOM   1133 C CE1  . HIS A 1 122 ? -4.206  11.025  11.479  1.00 24.49 ? 122 HIS A CE1  1 
ATOM   1134 N NE2  . HIS A 1 122 ? -4.914  11.917  12.152  1.00 22.18 ? 122 HIS A NE2  1 
ATOM   1135 H H    . HIS A 1 122 ? -1.370  13.165  9.163   1.00 0.00  ? 122 HIS A H    1 
ATOM   1136 H HD1  . HIS A 1 122 ? -2.256  11.053  10.852  1.00 0.00  ? 122 HIS A HD1  1 
ATOM   1137 H HE2  . HIS A 1 122 ? -5.859  11.806  12.407  1.00 0.00  ? 122 HIS A HE2  1 
ATOM   1138 N N    . ALA A 1 123 ? -0.105  16.453  10.259  1.00 28.17 ? 123 ALA A N    1 
ATOM   1139 C CA   . ALA A 1 123 ? 1.159   17.171  10.179  1.00 31.34 ? 123 ALA A CA   1 
ATOM   1140 C C    . ALA A 1 123 ? 1.160   18.315  11.160  1.00 34.49 ? 123 ALA A C    1 
ATOM   1141 O O    . ALA A 1 123 ? 0.101   18.835  11.500  1.00 31.97 ? 123 ALA A O    1 
ATOM   1142 C CB   . ALA A 1 123 ? 1.329   17.731  8.800   1.00 27.89 ? 123 ALA A CB   1 
ATOM   1143 H H    . ALA A 1 123 ? -0.928  16.915  9.990   1.00 0.00  ? 123 ALA A H    1 
ATOM   1144 N N    . GLY A 1 124 ? 2.346   18.710  11.613  1.00 41.31 ? 124 GLY A N    1 
ATOM   1145 C CA   . GLY A 1 124 ? 2.440   19.857  12.503  1.00 43.57 ? 124 GLY A CA   1 
ATOM   1146 C C    . GLY A 1 124 ? 2.301   21.122  11.657  1.00 46.11 ? 124 GLY A C    1 
ATOM   1147 O O    . GLY A 1 124 ? 1.659   21.103  10.597  1.00 46.93 ? 124 GLY A O    1 
ATOM   1148 H H    . GLY A 1 124 ? 3.159   18.229  11.350  1.00 0.00  ? 124 GLY A H    1 
ATOM   1149 N N    . ALA A 1 125 ? 2.840   22.240  12.132  1.00 47.84 ? 125 ALA A N    1 
ATOM   1150 C CA   . ALA A 1 125 ? 2.787   23.479  11.356  1.00 47.20 ? 125 ALA A CA   1 
ATOM   1151 C C    . ALA A 1 125 ? 3.933   23.401  10.351  1.00 47.01 ? 125 ALA A C    1 
ATOM   1152 O O    . ALA A 1 125 ? 3.701   23.714  9.156   1.00 45.50 ? 125 ALA A O    1 
ATOM   1153 C CB   . ALA A 1 125 ? 2.962   24.683  12.265  1.00 49.11 ? 125 ALA A CB   1 
ATOM   1154 O OXT  . ALA A 1 125 ? 5.032   22.973  10.795  1.00 44.50 ? 125 ALA A OXT  1 
ATOM   1155 H H    . ALA A 1 125 ? 3.281   22.232  12.999  1.00 0.00  ? 125 ALA A H    1 
HETATM 1156 O O1   . P4C B 2 .   ? 0.349   7.859   0.928   1.00 56.03 ? 301 P4C A O1   1 
HETATM 1157 C C2   . P4C B 2 .   ? 1.323   8.860   0.632   1.00 54.08 ? 301 P4C A C2   1 
HETATM 1158 C C3   . P4C B 2 .   ? 2.382   8.896   -0.350  1.00 53.01 ? 301 P4C A C3   1 
HETATM 1159 O O4   . P4C B 2 .   ? 3.568   9.843   0.002   1.00 49.92 ? 301 P4C A O4   1 
HETATM 1160 C C5   . P4C B 2 .   ? 3.761   10.900  -0.943  1.00 50.14 ? 301 P4C A C5   1 
HETATM 1161 C C6   . P4C B 2 .   ? 4.683   11.797  -0.342  1.00 48.45 ? 301 P4C A C6   1 
HETATM 1162 O O7   . P4C B 2 .   ? 5.792   12.351  -1.235  1.00 50.51 ? 301 P4C A O7   1 
HETATM 1163 C C8   . P4C B 2 .   ? 5.276   13.049  -2.376  1.00 51.19 ? 301 P4C A C8   1 
HETATM 1164 C C9   . P4C B 2 .   ? 6.361   13.734  -3.083  1.00 53.41 ? 301 P4C A C9   1 
HETATM 1165 O O10  . P4C B 2 .   ? 6.118   15.294  -3.362  1.00 52.04 ? 301 P4C A O10  1 
HETATM 1166 C C11  . P4C B 2 .   ? 6.527   16.211  -2.330  1.00 51.34 ? 301 P4C A C11  1 
HETATM 1167 C C12  . P4C B 2 .   ? 6.235   17.561  -2.732  1.00 51.23 ? 301 P4C A C12  1 
HETATM 1168 O O13  . P4C B 2 .   ? 4.935   18.208  -2.145  1.00 53.96 ? 301 P4C A O13  1 
HETATM 1169 C C14  . P4C B 2 .   ? 5.106   19.469  -1.471  1.00 52.11 ? 301 P4C A C14  1 
HETATM 1170 C C15  . P4C B 2 .   ? 4.632   19.360  -0.133  1.00 52.24 ? 301 P4C A C15  1 
HETATM 1171 O O16  . P4C B 2 .   ? 4.053   17.951  0.187   1.00 58.54 ? 301 P4C A O16  1 
HETATM 1172 C C17  . P4C B 2 .   ? 4.944   17.060  0.867   1.00 57.09 ? 301 P4C A C17  1 
HETATM 1173 C C18  . P4C B 2 .   ? 4.396   16.753  2.152   1.00 60.95 ? 301 P4C A C18  1 
HETATM 1174 O O19  . P4C B 2 .   ? 3.996   18.042  2.969   1.00 61.98 ? 301 P4C A O19  1 
HETATM 1175 C C20  . P4C B 2 .   ? 2.561   18.254  3.132   1.00 62.91 ? 301 P4C A C20  1 
HETATM 1176 C C21  . P4C B 2 .   ? 1.886   17.438  4.149   1.00 62.99 ? 301 P4C A C21  1 
HETATM 1177 O O22  . P4C B 2 .   ? 1.217   17.783  4.635   1.00 61.10 ? 301 P4C A O22  1 
HETATM 1178 O O    . HOH C 3 .   ? -4.086  -3.754  10.178  1.00 12.42 ? 201 HOH A O    1 
HETATM 1179 H H1   . HOH C 3 .   ? -4.919  -4.211  10.019  1.00 0.00  ? 201 HOH A H1   1 
HETATM 1180 H H2   . HOH C 3 .   ? -4.058  -3.046  9.573   1.00 0.00  ? 201 HOH A H2   1 
HETATM 1181 O O    . HOH C 3 .   ? -0.197  2.343   0.162   1.00 30.86 ? 202 HOH A O    1 
HETATM 1182 H H1   . HOH C 3 .   ? 0.261   1.545   0.426   1.00 0.00  ? 202 HOH A H1   1 
HETATM 1183 H H2   . HOH C 3 .   ? -0.389  2.792   0.985   1.00 0.00  ? 202 HOH A H2   1 
HETATM 1184 O O    . HOH C 3 .   ? -2.979  3.626   11.677  1.00 15.61 ? 203 HOH A O    1 
HETATM 1185 H H1   . HOH C 3 .   ? -2.539  3.558   10.824  1.00 0.00  ? 203 HOH A H1   1 
HETATM 1186 H H2   . HOH C 3 .   ? -2.828  2.792   12.103  1.00 0.00  ? 203 HOH A H2   1 
HETATM 1187 O O    . HOH C 3 .   ? 11.263  4.623   2.070   1.00 19.03 ? 204 HOH A O    1 
HETATM 1188 H H1   . HOH C 3 .   ? 10.786  3.804   1.848   1.00 0.00  ? 204 HOH A H1   1 
HETATM 1189 H H2   . HOH C 3 .   ? 11.764  4.824   1.292   1.00 0.00  ? 204 HOH A H2   1 
HETATM 1190 O O    . HOH C 3 .   ? -5.107  6.189   -7.954  1.00 31.92 ? 205 HOH A O    1 
HETATM 1191 H H1   . HOH C 3 .   ? -4.441  5.535   -8.087  1.00 0.00  ? 205 HOH A H1   1 
HETATM 1192 H H2   . HOH C 3 .   ? -5.114  6.398   -7.033  1.00 0.00  ? 205 HOH A H2   1 
HETATM 1193 O O    . HOH C 3 .   ? -9.116  -16.748 0.859   1.00 29.77 ? 206 HOH A O    1 
HETATM 1194 H H1   . HOH C 3 .   ? -9.909  -16.410 1.233   1.00 0.00  ? 206 HOH A H1   1 
HETATM 1195 H H2   . HOH C 3 .   ? -9.137  -16.519 -0.069  1.00 0.00  ? 206 HOH A H2   1 
HETATM 1196 O O    . HOH C 3 .   ? -8.061  -0.663  -7.515  1.00 34.95 ? 207 HOH A O    1 
HETATM 1197 H H1   . HOH C 3 .   ? -7.951  -1.085  -8.348  1.00 0.00  ? 207 HOH A H1   1 
HETATM 1198 H H2   . HOH C 3 .   ? -8.996  -0.413  -7.501  1.00 0.00  ? 207 HOH A H2   1 
HETATM 1199 O O    . HOH C 3 .   ? 9.790   -7.263  1.393   1.00 9.80  ? 208 HOH A O    1 
HETATM 1200 H H1   . HOH C 3 .   ? 9.979   -7.946  2.006   1.00 0.00  ? 208 HOH A H1   1 
HETATM 1201 H H2   . HOH C 3 .   ? 10.612  -7.173  0.904   1.00 0.00  ? 208 HOH A H2   1 
HETATM 1202 O O    . HOH C 3 .   ? -7.922  -4.767  17.711  1.00 31.07 ? 209 HOH A O    1 
HETATM 1203 H H1   . HOH C 3 .   ? -8.028  -5.456  18.363  1.00 0.00  ? 209 HOH A H1   1 
HETATM 1204 H H2   . HOH C 3 .   ? -8.286  -3.986  18.112  1.00 0.00  ? 209 HOH A H2   1 
HETATM 1205 O O    . HOH C 3 .   ? 5.944   16.662  6.076   1.00 23.88 ? 210 HOH A O    1 
HETATM 1206 H H1   . HOH C 3 .   ? 6.791   16.848  6.500   1.00 0.00  ? 210 HOH A H1   1 
HETATM 1207 H H2   . HOH C 3 .   ? 6.129   16.680  5.146   1.00 0.00  ? 210 HOH A H2   1 
HETATM 1208 O O    . HOH C 3 .   ? 6.407   20.402  4.766   1.00 26.53 ? 211 HOH A O    1 
HETATM 1209 H H1   . HOH C 3 .   ? 5.656   20.943  4.574   1.00 0.00  ? 211 HOH A H1   1 
HETATM 1210 H H2   . HOH C 3 .   ? 6.176   19.528  4.434   1.00 0.00  ? 211 HOH A H2   1 
HETATM 1211 O O    . HOH C 3 .   ? 3.326   -16.669 0.523   1.00 27.34 ? 212 HOH A O    1 
HETATM 1212 H H1   . HOH C 3 .   ? 2.695   -16.085 0.913   1.00 0.00  ? 212 HOH A H1   1 
HETATM 1213 H H2   . HOH C 3 .   ? 3.476   -16.347 -0.365  1.00 0.00  ? 212 HOH A H2   1 
HETATM 1214 O O    . HOH C 3 .   ? -12.417 -1.052  -0.877  1.00 34.92 ? 213 HOH A O    1 
HETATM 1215 H H1   . HOH C 3 .   ? -13.369 -1.061  -0.902  1.00 0.00  ? 213 HOH A H1   1 
HETATM 1216 H H2   . HOH C 3 .   ? -12.209 -0.125  -0.639  1.00 0.00  ? 213 HOH A H2   1 
HETATM 1217 O O    . HOH C 3 .   ? -14.909 -16.341 -5.279  1.00 42.89 ? 214 HOH A O    1 
HETATM 1218 H H1   . HOH C 3 .   ? -14.289 -15.953 -4.674  1.00 0.00  ? 214 HOH A H1   1 
HETATM 1219 H H2   . HOH C 3 .   ? -14.392 -16.918 -5.840  1.00 0.00  ? 214 HOH A H2   1 
HETATM 1220 O O    . HOH C 3 .   ? -7.412  11.760  0.429   1.00 26.15 ? 215 HOH A O    1 
HETATM 1221 H H1   . HOH C 3 .   ? -7.632  11.201  -0.323  1.00 0.00  ? 215 HOH A H1   1 
HETATM 1222 H H2   . HOH C 3 .   ? -7.095  12.568  0.043   1.00 0.00  ? 215 HOH A H2   1 
HETATM 1223 O O    . HOH C 3 .   ? -1.734  -9.621  11.369  1.00 28.78 ? 216 HOH A O    1 
HETATM 1224 H H1   . HOH C 3 .   ? -2.422  -8.976  11.341  1.00 0.00  ? 216 HOH A H1   1 
HETATM 1225 H H2   . HOH C 3 .   ? -2.098  -10.398 10.956  1.00 0.00  ? 216 HOH A H2   1 
HETATM 1226 O O    . HOH C 3 .   ? 4.908   5.468   10.338  1.00 15.31 ? 217 HOH A O    1 
HETATM 1227 H H1   . HOH C 3 .   ? 5.429   5.817   9.604   1.00 0.00  ? 217 HOH A H1   1 
HETATM 1228 H H2   . HOH C 3 .   ? 4.651   6.264   10.825  1.00 0.00  ? 217 HOH A H2   1 
HETATM 1229 O O    . HOH C 3 .   ? 2.045   4.699   -1.770  1.00 44.27 ? 218 HOH A O    1 
HETATM 1230 H H1   . HOH C 3 .   ? 1.476   5.204   -2.357  1.00 0.00  ? 218 HOH A H1   1 
HETATM 1231 H H2   . HOH C 3 .   ? 2.929   4.992   -1.992  1.00 0.00  ? 218 HOH A H2   1 
HETATM 1232 O O    . HOH C 3 .   ? -14.013 -11.926 -2.174  1.00 49.97 ? 219 HOH A O    1 
HETATM 1233 H H1   . HOH C 3 .   ? -14.613 -12.417 -2.699  1.00 0.00  ? 219 HOH A H1   1 
HETATM 1234 H H2   . HOH C 3 .   ? -14.277 -10.990 -2.282  1.00 0.00  ? 219 HOH A H2   1 
HETATM 1235 O O    . HOH C 3 .   ? 8.372   -9.183  -3.282  1.00 32.99 ? 220 HOH A O    1 
HETATM 1236 H H1   . HOH C 3 .   ? 8.709   -8.820  -4.099  1.00 0.00  ? 220 HOH A H1   1 
HETATM 1237 H H2   . HOH C 3 .   ? 7.819   -8.469  -2.927  1.00 0.00  ? 220 HOH A H2   1 
HETATM 1238 O O    . HOH C 3 .   ? 12.344  -8.786  -7.574  1.00 51.41 ? 221 HOH A O    1 
HETATM 1239 H H1   . HOH C 3 .   ? 11.977  -9.591  -7.215  1.00 0.00  ? 221 HOH A H1   1 
HETATM 1240 H H2   . HOH C 3 .   ? 13.221  -9.028  -7.865  1.00 0.00  ? 221 HOH A H2   1 
HETATM 1241 O O    . HOH C 3 .   ? -5.300  -5.429  16.543  1.00 26.88 ? 222 HOH A O    1 
HETATM 1242 H H1   . HOH C 3 .   ? -5.726  -4.750  16.028  1.00 0.00  ? 222 HOH A H1   1 
HETATM 1243 H H2   . HOH C 3 .   ? -5.814  -6.242  16.300  1.00 0.00  ? 222 HOH A H2   1 
HETATM 1244 O O    . HOH C 3 .   ? 0.783   0.501   -17.118 1.00 26.09 ? 223 HOH A O    1 
HETATM 1245 H H1   . HOH C 3 .   ? 0.345   0.214   -16.300 1.00 0.00  ? 223 HOH A H1   1 
HETATM 1246 H H2   . HOH C 3 .   ? 0.045   0.913   -17.605 1.00 0.00  ? 223 HOH A H2   1 
HETATM 1247 O O    . HOH C 3 .   ? -9.358  -3.597  -3.164  1.00 31.93 ? 224 HOH A O    1 
HETATM 1248 H H1   . HOH C 3 .   ? -9.937  -3.313  -2.479  1.00 0.00  ? 224 HOH A H1   1 
HETATM 1249 H H2   . HOH C 3 .   ? -9.932  -3.838  -3.895  1.00 0.00  ? 224 HOH A H2   1 
# 
